data_7T68
#
_entry.id   7T68
#
_cell.length_a   135.747
_cell.length_b   178.382
_cell.length_c   179.569
_cell.angle_alpha   90.000
_cell.angle_beta   90.000
_cell.angle_gamma   90.000
#
_symmetry.space_group_name_H-M   'I 2 2 2'
#
loop_
_entity.id
_entity.type
_entity.pdbx_description
1 polymer 'Chaetomium alpha glucosidase'
2 non-polymer (2R,3R,4R,5S)-1-[6-(4-azido-2-nitroanilino)hexyl]-2-(hydroxymethyl)piperidine-3,4,5-triol
3 non-polymer GLYCEROL
4 non-polymer 'SULFATE ION'
5 non-polymer 2-acetamido-2-deoxy-beta-D-glucopyranose
6 non-polymer 2-[BIS-(2-HYDROXY-ETHYL)-AMINO]-2-HYDROXYMETHYL-PROPANE-1,3-DIOL
7 water water
#
_entity_poly.entity_id   1
_entity_poly.type   'polypeptide(L)'
_entity_poly.pdbx_seq_one_letter_code
;MGILPSPGMPALLSLVSLLSVLLMGCVAETGVEGESILHSEIGRLNNQSLLWGPYRPNIYFGTRPRIGKSLMTGLMWGKI
ESYTDFQHTVRYTCEQNEGMKGYGWDEYDPRRGGIQSIHDIQNGLDITTSFVKIPGGAHGGSWAARIKGTLNDDAPKDQK
TIVVFYVSQEGENSELEAVPSENEFGYEGDVILKGRSEALGNYKLVVTKGKGVIPQSDHDLSRLRGPGQTVVQSLTYPDE
VLWQAKPILFQQLKAGIDWLVENKYDVADPPPPWQVYLLANKPGSGNVHIVQKVFEGDFEFDILFSSESAGKEVTSKDLE
REVKQATEVFGERFARVFDLKAPFQGDNYKKFGKSMFSNLIGGIGYFYGHSLVDRSYAPEYDEENEGFWEDAAEARARHQ
EALEGPYELFTSIPSRPFFPRGFLWDEGFHLLPIADWDIDLALEIIKSWYNLMDEDGWIAREQILGAEARSKVPKEFQTQ
YPHYANPPTLFLVLDNFVERLRKNNASQPVVKDNLSLDETLSTASVDNPEVGLEYLRRLYPLLRRQFDWFRKTQAGDIKS
YDREAYSTKEAYRWRGRTVSHCLTSGLDDYPRPQPPHPGELHVDLMSWVGVMVKSLISIGSLLGATEDVEFYTKVLDAIE
HNLDDLHWSEKEGCYCDATIDEFEEHKLVCHKGYISLFPFLTGLLKPDSPKLGKLLALIGDESELWSPYGLRSLSKKDEF
YGTAENYWRSPVWININYLAIVQLYNIATQDGPYKETARDLYTRLRKNIVETVYRNWEETGFAWEQYNPETGKGQRTQHF
TGWTSLVVKIMSGHHHHHH
;
_entity_poly.pdbx_strand_id   A,B
#
# COMPACT_ATOMS: atom_id res chain seq x y z
N LEU A 38 -27.07 19.07 11.68
CA LEU A 38 -27.00 20.24 10.74
C LEU A 38 -25.67 20.24 9.97
N HIS A 39 -24.62 19.66 10.56
CA HIS A 39 -23.35 19.50 9.86
C HIS A 39 -23.51 18.49 8.74
N SER A 40 -24.29 17.43 9.02
CA SER A 40 -24.66 16.42 8.05
C SER A 40 -25.47 17.04 6.91
N GLU A 41 -26.33 18.02 7.23
CA GLU A 41 -27.19 18.67 6.26
C GLU A 41 -26.37 19.53 5.29
N ILE A 42 -25.49 20.37 5.84
CA ILE A 42 -24.65 21.27 5.05
C ILE A 42 -23.79 20.44 4.10
N GLY A 43 -23.25 19.32 4.62
CA GLY A 43 -22.41 18.39 3.89
C GLY A 43 -23.11 17.80 2.66
N ARG A 44 -24.39 17.41 2.83
CA ARG A 44 -25.22 16.87 1.76
C ARG A 44 -25.49 17.96 0.71
N LEU A 45 -25.81 19.18 1.19
CA LEU A 45 -26.08 20.30 0.31
C LEU A 45 -24.82 20.66 -0.49
N ASN A 46 -23.64 20.52 0.13
CA ASN A 46 -22.37 20.78 -0.52
C ASN A 46 -22.12 19.75 -1.64
N ASN A 47 -22.31 18.46 -1.31
CA ASN A 47 -22.17 17.34 -2.23
C ASN A 47 -22.99 17.61 -3.48
N GLN A 48 -24.29 17.92 -3.27
CA GLN A 48 -25.26 18.08 -4.34
C GLN A 48 -24.88 19.30 -5.18
N SER A 49 -24.39 20.34 -4.49
CA SER A 49 -23.98 21.57 -5.16
C SER A 49 -22.79 21.31 -6.10
N LEU A 50 -21.81 20.49 -5.65
CA LEU A 50 -20.51 20.47 -6.30
C LEU A 50 -20.38 19.25 -7.21
N LEU A 51 -21.43 18.44 -7.33
CA LEU A 51 -21.24 17.11 -7.88
C LEU A 51 -20.77 17.17 -9.34
N TRP A 52 -21.42 18.01 -10.15
CA TRP A 52 -21.12 18.15 -11.56
C TRP A 52 -20.17 19.33 -11.79
N GLY A 53 -19.33 19.22 -12.82
CA GLY A 53 -18.57 20.37 -13.29
C GLY A 53 -17.79 20.01 -14.55
N PRO A 54 -17.02 20.95 -15.12
CA PRO A 54 -16.17 20.64 -16.27
C PRO A 54 -14.85 20.18 -15.67
N TYR A 55 -14.89 19.06 -14.94
CA TYR A 55 -13.86 18.69 -13.98
C TYR A 55 -12.79 17.83 -14.66
N ARG A 56 -12.59 18.07 -15.95
CA ARG A 56 -11.51 17.42 -16.67
C ARG A 56 -10.57 18.52 -17.19
N PRO A 57 -9.82 19.20 -16.31
CA PRO A 57 -8.98 20.31 -16.74
C PRO A 57 -7.82 19.84 -17.63
N ASN A 58 -7.58 18.51 -17.75
CA ASN A 58 -6.51 18.00 -18.61
C ASN A 58 -6.92 18.08 -20.09
N ILE A 59 -8.21 18.32 -20.37
CA ILE A 59 -8.65 18.47 -21.75
C ILE A 59 -9.26 19.86 -21.92
N TYR A 60 -9.27 20.37 -23.16
CA TYR A 60 -9.83 21.69 -23.42
C TYR A 60 -11.24 21.79 -22.85
N PHE A 61 -12.11 20.82 -23.17
CA PHE A 61 -13.46 20.90 -22.63
C PHE A 61 -14.08 19.51 -22.52
N GLY A 62 -14.59 19.24 -21.32
CA GLY A 62 -15.27 18.00 -21.00
C GLY A 62 -15.94 18.10 -19.63
N THR A 63 -16.83 17.16 -19.35
CA THR A 63 -17.48 17.12 -18.04
C THR A 63 -17.37 15.71 -17.48
N ARG A 64 -17.41 15.65 -16.14
CA ARG A 64 -17.60 14.45 -15.35
C ARG A 64 -18.11 14.89 -13.98
N PRO A 65 -18.86 14.02 -13.28
CA PRO A 65 -19.27 14.30 -11.90
C PRO A 65 -18.18 13.76 -10.97
N ARG A 66 -18.26 14.14 -9.68
CA ARG A 66 -17.31 13.67 -8.68
C ARG A 66 -17.68 12.24 -8.27
N ILE A 67 -17.61 11.32 -9.25
CA ILE A 67 -17.87 9.89 -9.08
C ILE A 67 -16.84 9.15 -9.92
N GLY A 68 -16.13 8.19 -9.30
CA GLY A 68 -15.09 7.42 -9.95
C GLY A 68 -15.50 6.89 -11.32
N LYS A 69 -16.62 6.13 -11.33
CA LYS A 69 -17.03 5.34 -12.47
C LYS A 69 -18.43 5.81 -12.88
N SER A 70 -18.48 6.68 -13.89
CA SER A 70 -19.70 7.39 -14.25
C SER A 70 -19.62 7.95 -15.68
N LEU A 71 -20.47 8.95 -15.96
CA LEU A 71 -20.65 9.53 -17.28
C LEU A 71 -19.62 10.66 -17.47
N MET A 72 -18.82 10.58 -18.54
CA MET A 72 -17.86 11.63 -18.90
C MET A 72 -18.08 12.08 -20.34
N THR A 73 -17.87 13.37 -20.60
CA THR A 73 -17.93 13.93 -21.94
C THR A 73 -16.64 14.68 -22.26
N GLY A 74 -16.31 14.80 -23.56
CA GLY A 74 -15.20 15.61 -24.00
C GLY A 74 -15.37 16.13 -25.43
N LEU A 75 -14.77 17.30 -25.70
CA LEU A 75 -14.90 17.97 -26.97
C LEU A 75 -13.61 17.77 -27.79
N MET A 76 -13.77 17.51 -29.09
CA MET A 76 -12.68 17.53 -30.06
C MET A 76 -13.10 18.36 -31.27
N TRP A 77 -12.13 19.01 -31.91
CA TRP A 77 -12.36 19.75 -33.15
C TRP A 77 -11.04 19.83 -33.90
N GLY A 78 -11.14 19.95 -35.23
CA GLY A 78 -9.98 20.25 -36.04
C GLY A 78 -10.40 20.58 -37.47
N LYS A 79 -9.67 21.52 -38.11
CA LYS A 79 -9.89 21.80 -39.52
C LYS A 79 -9.47 20.56 -40.32
N ILE A 80 -10.08 20.39 -41.50
CA ILE A 80 -9.65 19.35 -42.43
C ILE A 80 -9.51 19.95 -43.84
N GLU A 81 -8.29 19.89 -44.38
CA GLU A 81 -7.96 20.53 -45.64
C GLU A 81 -7.44 19.49 -46.64
N SER A 82 -7.13 18.29 -46.14
CA SER A 82 -6.51 17.27 -46.98
C SER A 82 -6.93 15.90 -46.48
N TYR A 83 -6.44 14.85 -47.16
CA TYR A 83 -6.74 13.48 -46.78
C TYR A 83 -5.95 13.05 -45.53
N THR A 84 -4.97 13.85 -45.08
CA THR A 84 -4.08 13.34 -44.04
C THR A 84 -3.88 14.32 -42.87
N ASP A 85 -4.58 15.45 -42.87
CA ASP A 85 -4.20 16.53 -41.95
C ASP A 85 -4.92 16.42 -40.60
N PHE A 86 -6.15 15.85 -40.58
CA PHE A 86 -7.04 15.95 -39.42
C PHE A 86 -6.41 15.27 -38.19
N GLN A 87 -5.68 14.17 -38.40
CA GLN A 87 -4.94 13.50 -37.33
C GLN A 87 -3.92 14.44 -36.68
N HIS A 88 -3.42 15.43 -37.44
CA HIS A 88 -2.49 16.41 -36.86
C HIS A 88 -3.22 17.64 -36.32
N THR A 89 -4.41 17.97 -36.83
CA THR A 89 -5.04 19.23 -36.45
C THR A 89 -5.95 19.02 -35.25
N VAL A 90 -6.46 17.79 -35.06
CA VAL A 90 -7.47 17.56 -34.05
C VAL A 90 -6.96 17.97 -32.66
N ARG A 91 -7.84 18.62 -31.90
CA ARG A 91 -7.55 19.05 -30.54
C ARG A 91 -8.37 18.19 -29.60
N TYR A 92 -7.75 17.83 -28.46
CA TYR A 92 -8.42 17.14 -27.39
C TYR A 92 -7.77 17.49 -26.05
N THR A 93 -6.60 16.89 -25.75
CA THR A 93 -5.93 17.14 -24.47
C THR A 93 -5.21 18.49 -24.54
N CYS A 94 -5.11 19.20 -23.40
CA CYS A 94 -4.47 20.51 -23.34
C CYS A 94 -2.98 20.47 -23.71
N GLU A 95 -2.54 21.45 -24.51
CA GLU A 95 -1.13 21.70 -24.85
C GLU A 95 -0.89 23.21 -24.96
N GLN A 96 0.39 23.58 -25.12
CA GLN A 96 0.76 24.96 -25.42
C GLN A 96 2.04 24.97 -26.27
N ASN A 97 1.86 25.31 -27.57
CA ASN A 97 2.92 25.46 -28.57
C ASN A 97 2.55 26.64 -29.46
N GLU A 98 3.25 26.81 -30.59
CA GLU A 98 3.09 27.96 -31.49
C GLU A 98 1.73 27.94 -32.19
N GLY A 99 1.10 26.76 -32.29
CA GLY A 99 -0.18 26.59 -32.97
C GLY A 99 -1.39 27.07 -32.15
N MET A 100 -1.13 27.44 -30.89
CA MET A 100 -2.17 27.82 -29.96
C MET A 100 -1.81 29.16 -29.31
N LYS A 101 -2.58 30.20 -29.61
CA LYS A 101 -2.30 31.52 -29.07
C LYS A 101 -2.50 31.53 -27.55
N GLY A 102 -3.58 30.90 -27.10
CA GLY A 102 -3.93 30.90 -25.70
C GLY A 102 -5.34 30.37 -25.51
N TYR A 103 -5.67 30.15 -24.24
CA TYR A 103 -6.99 29.65 -23.85
C TYR A 103 -7.09 29.81 -22.35
N GLY A 104 -8.31 29.81 -21.84
CA GLY A 104 -8.51 29.84 -20.40
C GLY A 104 -9.92 30.28 -20.06
N TRP A 105 -10.20 30.35 -18.76
CA TRP A 105 -11.52 30.67 -18.26
C TRP A 105 -11.61 32.18 -18.07
N ASP A 106 -12.69 32.78 -18.59
CA ASP A 106 -12.92 34.21 -18.41
C ASP A 106 -13.63 34.43 -17.08
N GLU A 107 -14.46 33.45 -16.71
CA GLU A 107 -15.27 33.46 -15.52
C GLU A 107 -15.49 32.01 -15.14
N TYR A 108 -15.42 31.72 -13.85
CA TYR A 108 -15.73 30.36 -13.42
C TYR A 108 -16.04 30.36 -11.94
N ASP A 109 -17.05 29.56 -11.60
CA ASP A 109 -17.40 29.17 -10.25
C ASP A 109 -17.91 27.75 -10.36
N PRO A 110 -17.31 26.78 -9.64
CA PRO A 110 -17.68 25.37 -9.78
C PRO A 110 -19.13 25.09 -9.39
N ARG A 111 -19.75 25.97 -8.59
CA ARG A 111 -21.16 25.78 -8.23
C ARG A 111 -22.09 26.17 -9.37
N ARG A 112 -21.65 27.11 -10.25
CA ARG A 112 -22.54 27.75 -11.22
C ARG A 112 -22.13 27.45 -12.67
N GLY A 113 -20.82 27.36 -12.91
CA GLY A 113 -20.29 27.18 -14.25
C GLY A 113 -19.48 28.39 -14.68
N GLY A 114 -19.33 28.60 -15.99
CA GLY A 114 -18.54 29.73 -16.46
C GLY A 114 -18.36 29.72 -17.98
N ILE A 115 -17.42 30.55 -18.47
CA ILE A 115 -17.15 30.70 -19.89
C ILE A 115 -15.64 30.60 -20.12
N GLN A 116 -15.26 29.73 -21.05
CA GLN A 116 -13.87 29.55 -21.43
C GLN A 116 -13.68 30.04 -22.86
N SER A 117 -12.54 30.69 -23.11
CA SER A 117 -12.24 31.01 -24.49
C SER A 117 -10.91 30.39 -24.97
N ILE A 118 -10.94 29.95 -26.23
CA ILE A 118 -9.84 29.20 -26.83
C ILE A 118 -9.49 29.87 -28.14
N HIS A 119 -8.21 30.22 -28.27
CA HIS A 119 -7.69 30.94 -29.43
C HIS A 119 -6.68 30.05 -30.13
N ASP A 120 -7.13 29.44 -31.22
CA ASP A 120 -6.43 28.35 -31.88
C ASP A 120 -5.95 28.84 -33.24
N ILE A 121 -4.62 28.97 -33.40
CA ILE A 121 -4.05 29.50 -34.63
C ILE A 121 -4.05 28.41 -35.69
N GLN A 122 -3.65 27.19 -35.29
CA GLN A 122 -3.54 26.09 -36.23
C GLN A 122 -4.87 25.88 -36.95
N ASN A 123 -5.98 25.99 -36.23
CA ASN A 123 -7.27 25.65 -36.80
C ASN A 123 -8.09 26.92 -37.08
N GLY A 124 -7.43 28.10 -37.03
CA GLY A 124 -8.00 29.39 -37.41
C GLY A 124 -9.34 29.69 -36.74
N LEU A 125 -9.45 29.31 -35.45
CA LEU A 125 -10.73 29.27 -34.78
C LEU A 125 -10.62 29.89 -33.40
N ASP A 126 -11.49 30.85 -33.12
CA ASP A 126 -11.74 31.36 -31.79
C ASP A 126 -12.97 30.68 -31.23
N ILE A 127 -12.77 29.95 -30.14
CA ILE A 127 -13.83 29.10 -29.60
C ILE A 127 -14.20 29.58 -28.20
N THR A 128 -15.49 29.44 -27.92
CA THR A 128 -16.11 29.74 -26.64
C THR A 128 -16.89 28.48 -26.19
N THR A 129 -16.63 28.03 -24.95
CA THR A 129 -17.38 26.94 -24.35
C THR A 129 -18.00 27.48 -23.08
N SER A 130 -19.34 27.58 -23.04
CA SER A 130 -20.04 28.12 -21.88
C SER A 130 -20.65 26.95 -21.14
N PHE A 131 -20.45 26.87 -19.83
CA PHE A 131 -21.03 25.76 -19.10
C PHE A 131 -21.85 26.27 -17.91
N VAL A 132 -23.00 25.65 -17.68
CA VAL A 132 -23.88 26.16 -16.64
C VAL A 132 -24.57 24.99 -15.96
N LYS A 133 -24.77 25.13 -14.65
CA LYS A 133 -25.40 24.10 -13.84
C LYS A 133 -26.80 24.56 -13.44
N ILE A 134 -27.76 23.61 -13.47
CA ILE A 134 -29.15 23.91 -13.14
C ILE A 134 -29.61 22.97 -12.04
N PRO A 135 -29.61 23.44 -10.77
CA PRO A 135 -29.92 22.59 -9.60
C PRO A 135 -31.30 21.94 -9.69
N GLY A 136 -31.44 20.77 -9.04
CA GLY A 136 -32.72 20.08 -9.00
C GLY A 136 -32.59 18.56 -9.05
N GLY A 137 -33.68 17.88 -8.65
CA GLY A 137 -33.71 16.44 -8.51
C GLY A 137 -32.89 16.00 -7.30
N ALA A 138 -32.43 14.76 -7.31
CA ALA A 138 -31.75 14.20 -6.16
C ALA A 138 -30.37 13.69 -6.58
N HIS A 139 -29.96 14.02 -7.80
CA HIS A 139 -28.82 13.35 -8.41
C HIS A 139 -27.73 14.36 -8.80
N GLY A 140 -27.80 15.55 -8.21
CA GLY A 140 -26.77 16.55 -8.39
C GLY A 140 -27.10 17.54 -9.49
N GLY A 141 -28.36 17.55 -9.93
CA GLY A 141 -28.84 18.60 -10.81
C GLY A 141 -28.49 18.33 -12.27
N SER A 142 -28.77 19.34 -13.11
CA SER A 142 -28.59 19.31 -14.55
C SER A 142 -27.45 20.27 -14.92
N TRP A 143 -27.13 20.33 -16.21
CA TRP A 143 -26.08 21.20 -16.74
C TRP A 143 -26.23 21.34 -18.26
N ALA A 144 -25.67 22.41 -18.80
CA ALA A 144 -25.70 22.66 -20.24
C ALA A 144 -24.42 23.33 -20.68
N ALA A 145 -24.09 23.13 -21.96
CA ALA A 145 -22.92 23.79 -22.49
C ALA A 145 -23.25 24.27 -23.88
N ARG A 146 -22.68 25.42 -24.25
CA ARG A 146 -22.73 25.93 -25.62
C ARG A 146 -21.32 25.97 -26.18
N ILE A 147 -21.15 25.32 -27.32
CA ILE A 147 -19.90 25.36 -28.04
C ILE A 147 -20.06 26.28 -29.24
N LYS A 148 -19.34 27.42 -29.24
CA LYS A 148 -19.38 28.38 -30.33
C LYS A 148 -18.01 28.50 -30.99
N GLY A 149 -17.96 28.28 -32.33
CA GLY A 149 -16.71 28.45 -33.05
C GLY A 149 -16.79 29.57 -34.10
N THR A 150 -15.87 30.54 -34.01
CA THR A 150 -15.81 31.64 -34.96
C THR A 150 -14.47 31.57 -35.70
N LEU A 151 -14.52 31.44 -37.02
CA LEU A 151 -13.28 31.53 -37.79
C LEU A 151 -12.62 32.89 -37.53
N ASN A 152 -11.28 32.91 -37.46
CA ASN A 152 -10.56 34.17 -37.35
C ASN A 152 -10.33 34.74 -38.75
N ASP A 153 -9.67 35.89 -38.82
CA ASP A 153 -9.56 36.65 -40.06
C ASP A 153 -8.67 35.94 -41.07
N ASP A 154 -7.79 35.07 -40.57
CA ASP A 154 -6.80 34.41 -41.40
C ASP A 154 -7.40 33.17 -42.05
N ALA A 155 -8.40 32.57 -41.40
CA ALA A 155 -8.93 31.29 -41.84
C ALA A 155 -9.60 31.42 -43.23
N PRO A 156 -9.50 30.39 -44.10
CA PRO A 156 -10.34 30.32 -45.30
C PRO A 156 -11.80 30.35 -44.87
N LYS A 157 -12.60 31.23 -45.50
CA LYS A 157 -13.99 31.47 -45.13
C LYS A 157 -14.82 30.20 -45.26
N ASP A 158 -14.31 29.26 -46.07
CA ASP A 158 -15.01 28.01 -46.36
C ASP A 158 -14.31 26.83 -45.67
N GLN A 159 -13.51 27.10 -44.62
CA GLN A 159 -12.93 26.02 -43.84
C GLN A 159 -14.00 25.00 -43.48
N LYS A 160 -13.64 23.74 -43.69
CA LYS A 160 -14.34 22.62 -43.08
C LYS A 160 -13.71 22.33 -41.72
N THR A 161 -14.55 22.26 -40.67
CA THR A 161 -14.08 21.91 -39.33
C THR A 161 -14.88 20.71 -38.83
N ILE A 162 -14.18 19.63 -38.47
CA ILE A 162 -14.80 18.48 -37.82
C ILE A 162 -14.93 18.75 -36.32
N VAL A 163 -16.12 18.47 -35.78
CA VAL A 163 -16.36 18.62 -34.36
C VAL A 163 -16.95 17.32 -33.84
N VAL A 164 -16.45 16.88 -32.68
CA VAL A 164 -16.88 15.63 -32.08
C VAL A 164 -17.25 15.90 -30.62
N PHE A 165 -18.41 15.37 -30.23
CA PHE A 165 -18.74 15.26 -28.83
C PHE A 165 -18.68 13.78 -28.46
N TYR A 166 -17.74 13.45 -27.56
CA TYR A 166 -17.46 12.08 -27.19
C TYR A 166 -18.04 11.86 -25.80
N VAL A 167 -18.80 10.77 -25.65
CA VAL A 167 -19.51 10.48 -24.41
C VAL A 167 -19.20 9.05 -24.00
N SER A 168 -18.79 8.86 -22.74
CA SER A 168 -18.50 7.53 -22.24
C SER A 168 -19.20 7.33 -20.90
N GLN A 169 -19.50 6.06 -20.57
CA GLN A 169 -20.06 5.71 -19.26
C GLN A 169 -19.47 4.39 -18.75
N GLU A 170 -18.79 4.50 -17.59
CA GLU A 170 -18.22 3.36 -16.88
C GLU A 170 -19.20 2.93 -15.79
N GLY A 171 -19.23 1.62 -15.51
CA GLY A 171 -20.11 1.04 -14.52
C GLY A 171 -20.75 -0.26 -15.03
N GLU A 172 -20.98 -1.21 -14.10
CA GLU A 172 -21.46 -2.55 -14.45
C GLU A 172 -22.93 -2.54 -14.85
N ASN A 173 -23.79 -1.87 -14.05
CA ASN A 173 -25.24 -1.99 -14.18
C ASN A 173 -25.83 -0.67 -14.65
N SER A 174 -25.32 -0.15 -15.77
CA SER A 174 -25.77 1.14 -16.23
C SER A 174 -25.91 1.14 -17.76
N GLU A 175 -26.71 2.06 -18.25
CA GLU A 175 -27.07 1.94 -19.65
C GLU A 175 -27.10 3.33 -20.25
N LEU A 176 -26.86 3.37 -21.56
CA LEU A 176 -26.87 4.59 -22.33
C LEU A 176 -27.13 4.23 -23.78
N GLU A 177 -28.12 4.90 -24.40
CA GLU A 177 -28.53 4.55 -25.74
C GLU A 177 -28.81 5.82 -26.55
N ALA A 178 -28.29 5.85 -27.77
CA ALA A 178 -28.63 6.89 -28.73
C ALA A 178 -29.97 6.54 -29.40
N VAL A 179 -30.98 7.39 -29.18
CA VAL A 179 -32.24 7.25 -29.90
C VAL A 179 -31.95 7.37 -31.38
N PRO A 180 -32.31 6.34 -32.20
CA PRO A 180 -32.01 6.36 -33.64
C PRO A 180 -32.68 7.53 -34.37
N SER A 181 -32.13 7.83 -35.54
CA SER A 181 -32.54 8.94 -36.38
C SER A 181 -33.85 8.60 -37.09
N GLU A 182 -34.61 9.62 -37.52
CA GLU A 182 -35.73 9.42 -38.44
C GLU A 182 -35.17 9.19 -39.84
N ASN A 183 -34.25 10.07 -40.26
CA ASN A 183 -33.61 10.03 -41.58
C ASN A 183 -32.58 8.91 -41.62
N GLU A 184 -32.11 8.55 -42.82
CA GLU A 184 -31.52 7.22 -42.98
C GLU A 184 -30.00 7.18 -42.78
N PHE A 185 -29.32 8.31 -43.02
CA PHE A 185 -27.85 8.30 -43.01
C PHE A 185 -27.29 9.01 -41.78
N GLY A 186 -28.17 9.55 -40.93
CA GLY A 186 -27.74 10.44 -39.87
C GLY A 186 -28.85 11.36 -39.41
N TYR A 187 -28.51 12.46 -38.74
CA TYR A 187 -29.48 13.30 -38.06
C TYR A 187 -29.60 14.64 -38.76
N GLU A 188 -30.85 15.04 -39.01
CA GLU A 188 -31.18 16.39 -39.45
C GLU A 188 -31.24 17.29 -38.23
N GLY A 189 -31.73 16.75 -37.09
CA GLY A 189 -31.93 17.55 -35.89
C GLY A 189 -31.06 17.10 -34.72
N ASP A 190 -31.66 16.99 -33.54
CA ASP A 190 -30.91 16.85 -32.29
C ASP A 190 -30.60 15.38 -32.07
N VAL A 191 -29.51 15.11 -31.36
CA VAL A 191 -29.18 13.74 -30.97
C VAL A 191 -29.56 13.60 -29.50
N ILE A 192 -30.37 12.57 -29.19
CA ILE A 192 -30.81 12.36 -27.84
C ILE A 192 -30.17 11.07 -27.34
N LEU A 193 -29.40 11.18 -26.25
CA LEU A 193 -28.96 9.96 -25.59
C LEU A 193 -29.79 9.82 -24.33
N LYS A 194 -30.39 8.62 -24.17
CA LYS A 194 -31.08 8.24 -22.95
C LYS A 194 -30.16 7.29 -22.18
N GLY A 195 -29.94 7.59 -20.91
CA GLY A 195 -29.13 6.70 -20.09
C GLY A 195 -29.64 6.59 -18.66
N ARG A 196 -28.99 5.69 -17.90
CA ARG A 196 -29.38 5.41 -16.55
C ARG A 196 -28.18 4.82 -15.82
N SER A 197 -28.08 5.12 -14.51
CA SER A 197 -27.15 4.46 -13.61
C SER A 197 -27.63 4.67 -12.17
N GLU A 198 -27.09 3.84 -11.25
CA GLU A 198 -27.33 3.98 -9.81
C GLU A 198 -26.95 5.39 -9.36
N ALA A 199 -25.81 5.89 -9.84
CA ALA A 199 -25.26 7.16 -9.39
C ALA A 199 -26.16 8.32 -9.81
N LEU A 200 -26.63 8.30 -11.07
CA LEU A 200 -27.27 9.47 -11.66
C LEU A 200 -28.77 9.27 -11.84
N GLY A 201 -29.26 8.05 -11.59
CA GLY A 201 -30.63 7.73 -11.93
C GLY A 201 -30.85 7.86 -13.43
N ASN A 202 -32.09 8.16 -13.85
CA ASN A 202 -32.37 8.37 -15.26
C ASN A 202 -31.89 9.74 -15.68
N TYR A 203 -31.39 9.84 -16.93
CA TYR A 203 -31.03 11.14 -17.47
C TYR A 203 -31.15 11.12 -18.99
N LYS A 204 -31.18 12.32 -19.58
CA LYS A 204 -30.99 12.44 -21.00
C LYS A 204 -29.97 13.53 -21.31
N LEU A 205 -29.14 13.24 -22.31
CA LEU A 205 -28.10 14.12 -22.78
C LEU A 205 -28.37 14.38 -24.27
N VAL A 206 -28.60 15.66 -24.61
CA VAL A 206 -28.96 16.06 -25.97
C VAL A 206 -27.82 16.89 -26.59
N VAL A 207 -27.46 16.55 -27.83
CA VAL A 207 -26.58 17.40 -28.61
C VAL A 207 -27.39 18.03 -29.75
N THR A 208 -27.59 19.36 -29.67
CA THR A 208 -28.55 20.04 -30.51
C THR A 208 -28.04 20.12 -31.94
N LYS A 209 -28.98 20.28 -32.87
CA LYS A 209 -28.72 20.42 -34.29
C LYS A 209 -27.59 21.45 -34.47
N GLY A 210 -27.77 22.61 -33.84
CA GLY A 210 -26.78 23.68 -33.93
C GLY A 210 -27.02 24.58 -35.14
N LYS A 211 -26.17 25.61 -35.29
CA LYS A 211 -26.27 26.61 -36.33
C LYS A 211 -24.96 26.60 -37.12
N GLY A 212 -25.08 26.64 -38.45
CA GLY A 212 -23.97 26.88 -39.36
C GLY A 212 -24.08 25.99 -40.60
N VAL A 213 -23.29 26.29 -41.64
CA VAL A 213 -23.40 25.58 -42.90
C VAL A 213 -22.85 24.17 -42.74
N ILE A 214 -23.66 23.20 -43.16
CA ILE A 214 -23.22 21.82 -43.23
C ILE A 214 -22.87 21.51 -44.70
N PRO A 215 -21.59 21.23 -45.02
CA PRO A 215 -21.22 20.95 -46.41
C PRO A 215 -21.97 19.72 -46.93
N GLN A 216 -22.19 19.68 -48.25
CA GLN A 216 -22.91 18.59 -48.86
C GLN A 216 -22.04 18.02 -49.99
N SER A 217 -21.97 16.70 -50.08
CA SER A 217 -21.16 16.09 -51.12
C SER A 217 -22.06 15.57 -52.24
N ASP A 218 -21.65 15.85 -53.49
CA ASP A 218 -22.35 15.39 -54.66
C ASP A 218 -21.71 14.09 -55.16
N HIS A 219 -20.74 13.55 -54.40
CA HIS A 219 -20.07 12.31 -54.78
C HIS A 219 -21.03 11.11 -54.74
N ASP A 220 -20.68 10.09 -55.52
CA ASP A 220 -21.36 8.80 -55.54
C ASP A 220 -21.56 8.24 -54.12
N LEU A 221 -20.59 8.49 -53.25
CA LEU A 221 -20.56 7.92 -51.91
C LEU A 221 -21.78 8.35 -51.12
N SER A 222 -22.33 9.52 -51.45
CA SER A 222 -23.48 10.08 -50.75
C SER A 222 -24.71 9.17 -50.86
N ARG A 223 -24.71 8.28 -51.86
CA ARG A 223 -25.79 7.32 -52.01
C ARG A 223 -25.76 6.30 -50.85
N LEU A 224 -24.57 6.00 -50.30
CA LEU A 224 -24.50 5.03 -49.21
C LEU A 224 -24.25 5.71 -47.86
N ARG A 225 -23.70 6.93 -47.86
CA ARG A 225 -23.24 7.58 -46.64
C ARG A 225 -24.02 8.85 -46.36
N GLY A 226 -24.89 9.25 -47.29
CA GLY A 226 -25.62 10.50 -47.16
C GLY A 226 -24.82 11.66 -47.74
N PRO A 227 -25.46 12.80 -48.08
CA PRO A 227 -24.77 13.96 -48.64
C PRO A 227 -23.86 14.63 -47.61
N GLY A 228 -24.15 14.37 -46.32
CA GLY A 228 -23.43 14.99 -45.19
C GLY A 228 -24.41 15.47 -44.12
N GLN A 229 -24.21 14.98 -42.88
CA GLN A 229 -25.13 15.21 -41.77
C GLN A 229 -24.47 14.80 -40.45
N THR A 230 -25.08 15.23 -39.33
CA THR A 230 -24.64 14.77 -38.02
C THR A 230 -24.72 13.24 -38.00
N VAL A 231 -23.69 12.59 -37.46
CA VAL A 231 -23.73 11.14 -37.31
C VAL A 231 -23.41 10.76 -35.86
N VAL A 232 -23.86 9.55 -35.46
CA VAL A 232 -23.56 8.98 -34.17
C VAL A 232 -23.07 7.54 -34.32
N GLN A 233 -21.97 7.19 -33.62
CA GLN A 233 -21.61 5.79 -33.46
C GLN A 233 -21.67 5.43 -31.99
N SER A 234 -22.37 4.32 -31.72
CA SER A 234 -22.52 3.81 -30.37
C SER A 234 -21.73 2.51 -30.25
N LEU A 235 -20.82 2.44 -29.25
CA LEU A 235 -19.85 1.35 -29.18
C LEU A 235 -19.70 0.89 -27.74
N THR A 236 -19.07 -0.26 -27.56
CA THR A 236 -18.66 -0.73 -26.25
CA THR A 236 -18.63 -0.66 -26.23
C THR A 236 -17.20 -1.18 -26.27
N TYR A 237 -16.46 -0.78 -25.25
CA TYR A 237 -15.11 -1.21 -24.98
C TYR A 237 -15.08 -1.58 -23.51
N PRO A 238 -14.08 -2.33 -23.02
CA PRO A 238 -13.94 -2.55 -21.58
C PRO A 238 -13.78 -1.20 -20.89
N ASP A 239 -14.44 -1.04 -19.74
CA ASP A 239 -14.61 0.24 -19.06
C ASP A 239 -13.29 1.01 -18.90
N GLU A 240 -12.17 0.28 -18.76
CA GLU A 240 -10.97 0.91 -18.23
C GLU A 240 -10.25 1.70 -19.32
N VAL A 241 -10.71 1.57 -20.58
CA VAL A 241 -10.01 2.27 -21.66
C VAL A 241 -10.89 3.36 -22.28
N LEU A 242 -12.10 3.57 -21.74
CA LEU A 242 -13.03 4.51 -22.34
C LEU A 242 -12.44 5.92 -22.39
N TRP A 243 -11.46 6.18 -21.52
CA TRP A 243 -10.84 7.50 -21.41
C TRP A 243 -10.03 7.81 -22.67
N GLN A 244 -9.65 6.77 -23.43
CA GLN A 244 -8.77 6.96 -24.58
C GLN A 244 -9.54 7.39 -25.83
N ALA A 245 -10.06 8.62 -25.80
CA ALA A 245 -11.03 9.06 -26.79
C ALA A 245 -10.41 9.22 -28.18
N LYS A 246 -9.20 9.81 -28.26
CA LYS A 246 -8.54 10.01 -29.54
C LYS A 246 -8.34 8.67 -30.27
N PRO A 247 -7.66 7.66 -29.67
CA PRO A 247 -7.45 6.38 -30.34
C PRO A 247 -8.78 5.71 -30.69
N ILE A 248 -9.77 5.82 -29.79
CA ILE A 248 -11.04 5.17 -30.02
C ILE A 248 -11.68 5.81 -31.26
N LEU A 249 -11.63 7.14 -31.33
CA LEU A 249 -12.22 7.82 -32.47
C LEU A 249 -11.46 7.43 -33.73
N PHE A 250 -10.12 7.46 -33.66
CA PHE A 250 -9.33 7.23 -34.85
C PHE A 250 -9.51 5.81 -35.38
N GLN A 251 -9.76 4.86 -34.47
CA GLN A 251 -9.94 3.48 -34.89
C GLN A 251 -11.18 3.43 -35.78
N GLN A 252 -12.23 4.19 -35.41
CA GLN A 252 -13.47 4.25 -36.16
C GLN A 252 -13.25 4.93 -37.53
N LEU A 253 -12.50 6.03 -37.53
CA LEU A 253 -12.18 6.73 -38.77
C LEU A 253 -11.44 5.80 -39.70
N LYS A 254 -10.47 5.05 -39.14
CA LYS A 254 -9.68 4.15 -39.95
C LYS A 254 -10.55 3.06 -40.58
N ALA A 255 -11.51 2.50 -39.82
CA ALA A 255 -12.40 1.46 -40.35
C ALA A 255 -13.27 2.02 -41.50
N GLY A 256 -13.74 3.27 -41.35
CA GLY A 256 -14.44 3.98 -42.42
C GLY A 256 -13.60 4.07 -43.70
N ILE A 257 -12.32 4.44 -43.56
CA ILE A 257 -11.44 4.55 -44.71
C ILE A 257 -11.18 3.17 -45.33
N ASP A 258 -11.04 2.14 -44.47
CA ASP A 258 -10.86 0.79 -44.96
C ASP A 258 -12.07 0.36 -45.78
N TRP A 259 -13.27 0.70 -45.30
CA TRP A 259 -14.48 0.36 -46.03
C TRP A 259 -14.49 1.05 -47.41
N LEU A 260 -14.07 2.33 -47.49
CA LEU A 260 -13.96 3.01 -48.78
C LEU A 260 -13.05 2.22 -49.71
N VAL A 261 -11.86 1.86 -49.21
CA VAL A 261 -10.85 1.21 -50.05
C VAL A 261 -11.45 -0.09 -50.58
N GLU A 262 -12.12 -0.82 -49.69
CA GLU A 262 -12.66 -2.12 -50.01
C GLU A 262 -13.78 -2.01 -51.05
N ASN A 263 -14.50 -0.88 -51.05
CA ASN A 263 -15.69 -0.73 -51.89
C ASN A 263 -15.41 0.13 -53.11
N LYS A 264 -14.13 0.21 -53.54
CA LYS A 264 -13.75 0.75 -54.83
C LYS A 264 -13.87 2.29 -54.84
N TYR A 265 -13.73 2.92 -53.67
CA TYR A 265 -13.61 4.38 -53.65
C TYR A 265 -12.13 4.76 -53.59
N ASP A 266 -11.61 5.37 -54.69
CA ASP A 266 -10.18 5.45 -54.93
C ASP A 266 -9.75 6.83 -55.46
N VAL A 267 -8.48 6.93 -55.88
CA VAL A 267 -7.86 8.20 -56.22
C VAL A 267 -8.20 8.60 -57.66
N ALA A 268 -8.80 7.67 -58.42
CA ALA A 268 -9.37 8.03 -59.71
C ALA A 268 -10.49 9.06 -59.52
N ASP A 269 -11.23 8.96 -58.40
CA ASP A 269 -12.42 9.78 -58.19
C ASP A 269 -12.77 9.80 -56.70
N PRO A 270 -12.00 10.52 -55.86
CA PRO A 270 -12.13 10.41 -54.41
C PRO A 270 -13.20 11.34 -53.85
N PRO A 271 -13.96 10.90 -52.83
CA PRO A 271 -14.92 11.78 -52.16
C PRO A 271 -14.10 12.89 -51.49
N PRO A 272 -14.70 14.06 -51.18
CA PRO A 272 -13.97 15.11 -50.45
C PRO A 272 -13.41 14.63 -49.09
N PRO A 273 -12.26 15.18 -48.61
CA PRO A 273 -11.67 14.81 -47.33
C PRO A 273 -12.70 14.72 -46.20
N TRP A 274 -13.56 15.74 -46.09
CA TRP A 274 -14.41 15.85 -44.93
C TRP A 274 -15.46 14.73 -44.93
N GLN A 275 -15.74 14.20 -46.12
CA GLN A 275 -16.68 13.10 -46.24
C GLN A 275 -15.95 11.77 -45.99
N VAL A 276 -14.67 11.69 -46.43
CA VAL A 276 -13.83 10.54 -46.13
C VAL A 276 -13.72 10.36 -44.60
N TYR A 277 -13.66 11.47 -43.86
CA TYR A 277 -13.51 11.45 -42.41
C TYR A 277 -14.85 11.57 -41.66
N LEU A 278 -16.00 11.35 -42.34
CA LEU A 278 -17.29 11.37 -41.68
C LEU A 278 -17.74 9.95 -41.41
N LEU A 279 -17.98 9.64 -40.14
CA LEU A 279 -18.27 8.27 -39.72
C LEU A 279 -19.61 7.85 -40.32
N ALA A 280 -19.73 6.56 -40.67
CA ALA A 280 -21.03 5.97 -41.00
C ALA A 280 -21.90 5.98 -39.74
N ASN A 281 -23.09 6.54 -39.86
CA ASN A 281 -24.06 6.58 -38.77
C ASN A 281 -24.38 5.15 -38.31
N LYS A 282 -24.28 4.89 -36.99
CA LYS A 282 -24.65 3.60 -36.42
C LYS A 282 -25.01 3.77 -34.94
N PRO A 283 -26.12 4.48 -34.62
CA PRO A 283 -26.49 4.69 -33.22
C PRO A 283 -27.05 3.41 -32.61
N GLY A 284 -26.95 3.30 -31.28
CA GLY A 284 -27.44 2.15 -30.58
C GLY A 284 -27.12 2.25 -29.10
N SER A 285 -26.97 1.07 -28.48
CA SER A 285 -26.53 0.90 -27.11
C SER A 285 -25.02 0.78 -27.06
N GLY A 286 -24.42 1.34 -26.01
CA GLY A 286 -23.03 1.08 -25.70
C GLY A 286 -22.56 1.91 -24.51
N ASN A 287 -21.25 1.81 -24.22
CA ASN A 287 -20.65 2.63 -23.18
C ASN A 287 -19.79 3.74 -23.80
N VAL A 288 -19.74 3.78 -25.15
CA VAL A 288 -19.17 4.92 -25.85
C VAL A 288 -20.12 5.43 -26.94
N HIS A 289 -20.35 6.76 -26.98
CA HIS A 289 -21.11 7.36 -28.07
C HIS A 289 -20.31 8.50 -28.69
N ILE A 290 -20.03 8.38 -30.00
CA ILE A 290 -19.35 9.43 -30.72
C ILE A 290 -20.37 10.23 -31.54
N VAL A 291 -20.48 11.52 -31.25
CA VAL A 291 -21.35 12.40 -32.01
C VAL A 291 -20.46 13.32 -32.84
N GLN A 292 -20.56 13.23 -34.18
CA GLN A 292 -19.69 13.97 -35.08
C GLN A 292 -20.55 14.92 -35.93
N LYS A 293 -20.06 16.17 -36.09
CA LYS A 293 -20.61 17.14 -37.03
C LYS A 293 -19.45 17.69 -37.86
N VAL A 294 -19.76 18.11 -39.08
CA VAL A 294 -18.86 18.91 -39.88
C VAL A 294 -19.56 20.22 -40.21
N PHE A 295 -18.82 21.31 -40.07
CA PHE A 295 -19.34 22.63 -40.35
C PHE A 295 -18.45 23.31 -41.39
N GLU A 296 -19.08 24.20 -42.18
CA GLU A 296 -18.34 25.07 -43.05
C GLU A 296 -18.57 26.50 -42.56
N GLY A 297 -17.48 27.20 -42.24
CA GLY A 297 -17.58 28.52 -41.63
C GLY A 297 -17.98 28.43 -40.17
N ASP A 298 -18.58 29.50 -39.63
CA ASP A 298 -18.85 29.59 -38.20
C ASP A 298 -19.88 28.54 -37.78
N PHE A 299 -19.82 28.13 -36.52
CA PHE A 299 -20.73 27.12 -36.01
C PHE A 299 -21.02 27.35 -34.54
N GLU A 300 -22.08 26.70 -34.06
CA GLU A 300 -22.36 26.58 -32.64
C GLU A 300 -23.40 25.49 -32.45
N PHE A 301 -23.33 24.84 -31.29
CA PHE A 301 -24.29 23.82 -30.91
C PHE A 301 -24.30 23.71 -29.38
N ASP A 302 -25.36 23.10 -28.85
CA ASP A 302 -25.58 23.03 -27.42
C ASP A 302 -25.52 21.59 -26.94
N ILE A 303 -25.23 21.41 -25.65
CA ILE A 303 -25.31 20.10 -25.04
C ILE A 303 -26.16 20.27 -23.80
N LEU A 304 -27.23 19.48 -23.72
CA LEU A 304 -28.22 19.66 -22.67
C LEU A 304 -28.34 18.36 -21.86
N PHE A 305 -27.90 18.44 -20.61
CA PHE A 305 -27.96 17.31 -19.72
C PHE A 305 -29.13 17.52 -18.76
N SER A 306 -30.14 16.63 -18.88
CA SER A 306 -31.36 16.75 -18.13
C SER A 306 -31.49 15.58 -17.16
N SER A 307 -31.32 15.89 -15.87
CA SER A 307 -31.53 14.94 -14.80
C SER A 307 -33.03 14.66 -14.67
N GLU A 308 -33.43 13.39 -14.78
CA GLU A 308 -34.86 13.13 -14.89
C GLU A 308 -35.55 13.50 -13.58
N SER A 309 -34.90 13.20 -12.46
CA SER A 309 -35.47 13.40 -11.14
C SER A 309 -35.74 14.88 -10.86
N ALA A 310 -35.39 15.79 -11.78
CA ALA A 310 -35.51 17.23 -11.54
C ALA A 310 -36.79 17.79 -12.15
N GLY A 311 -37.49 16.95 -12.92
CA GLY A 311 -38.73 17.39 -13.56
C GLY A 311 -38.47 17.92 -14.96
N LYS A 312 -38.91 19.15 -15.21
CA LYS A 312 -38.83 19.72 -16.55
C LYS A 312 -37.39 19.66 -17.05
N GLU A 313 -37.23 19.28 -18.32
CA GLU A 313 -35.92 19.05 -18.91
C GLU A 313 -35.31 20.38 -19.39
N VAL A 314 -33.98 20.40 -19.55
CA VAL A 314 -33.23 21.62 -19.84
C VAL A 314 -33.38 21.98 -21.32
N THR A 315 -33.62 23.27 -21.59
CA THR A 315 -33.74 23.73 -22.96
C THR A 315 -32.56 24.65 -23.26
N SER A 316 -32.45 25.06 -24.54
CA SER A 316 -31.44 26.03 -24.94
C SER A 316 -31.73 27.40 -24.35
N LYS A 317 -33.02 27.75 -24.17
CA LYS A 317 -33.36 29.06 -23.63
C LYS A 317 -32.94 29.10 -22.16
N ASP A 318 -33.04 27.94 -21.49
CA ASP A 318 -32.58 27.78 -20.13
C ASP A 318 -31.07 28.07 -20.05
N LEU A 319 -30.31 27.44 -20.96
CA LEU A 319 -28.87 27.61 -21.04
C LEU A 319 -28.53 29.11 -21.12
N GLU A 320 -29.17 29.80 -22.07
CA GLU A 320 -28.86 31.20 -22.31
C GLU A 320 -29.12 32.01 -21.04
N ARG A 321 -30.30 31.80 -20.42
CA ARG A 321 -30.70 32.57 -19.26
C ARG A 321 -29.75 32.27 -18.11
N GLU A 322 -29.50 30.99 -17.90
CA GLU A 322 -28.64 30.59 -16.79
C GLU A 322 -27.21 31.13 -17.01
N VAL A 323 -26.77 31.19 -18.27
CA VAL A 323 -25.45 31.74 -18.58
C VAL A 323 -25.37 33.23 -18.23
N LYS A 324 -26.42 34.02 -18.57
CA LYS A 324 -26.40 35.46 -18.28
C LYS A 324 -26.39 35.69 -16.77
N GLN A 325 -27.11 34.83 -16.04
CA GLN A 325 -27.30 34.99 -14.62
C GLN A 325 -25.97 34.72 -13.89
N ALA A 326 -25.30 33.62 -14.27
CA ALA A 326 -24.04 33.23 -13.68
C ALA A 326 -23.01 34.37 -13.73
N THR A 327 -22.90 35.01 -14.91
CA THR A 327 -22.01 36.15 -15.11
C THR A 327 -22.31 37.28 -14.12
N GLU A 328 -23.59 37.64 -14.00
CA GLU A 328 -24.00 38.74 -13.15
C GLU A 328 -23.52 38.45 -11.73
N VAL A 329 -23.73 37.19 -11.30
CA VAL A 329 -23.40 36.73 -9.96
C VAL A 329 -21.89 36.70 -9.78
N PHE A 330 -21.18 36.19 -10.81
CA PHE A 330 -19.73 36.16 -10.76
C PHE A 330 -19.20 37.58 -10.57
N GLY A 331 -19.73 38.52 -11.39
CA GLY A 331 -19.37 39.92 -11.31
C GLY A 331 -19.51 40.48 -9.89
N GLU A 332 -20.66 40.23 -9.27
CA GLU A 332 -21.00 40.82 -7.97
C GLU A 332 -20.10 40.23 -6.88
N ARG A 333 -19.80 38.92 -6.97
CA ARG A 333 -18.92 38.30 -5.97
C ARG A 333 -17.50 38.84 -6.10
N PHE A 334 -16.96 38.88 -7.33
CA PHE A 334 -15.59 39.32 -7.53
C PHE A 334 -15.37 40.68 -6.85
N ALA A 335 -16.24 41.65 -7.17
CA ALA A 335 -16.09 43.03 -6.73
C ALA A 335 -16.07 43.11 -5.20
N ARG A 336 -16.76 42.16 -4.57
CA ARG A 336 -16.87 42.09 -3.12
C ARG A 336 -15.65 41.35 -2.53
N VAL A 337 -15.31 40.18 -3.11
CA VAL A 337 -14.29 39.32 -2.53
C VAL A 337 -12.90 39.82 -2.91
N PHE A 338 -12.75 40.34 -4.13
CA PHE A 338 -11.46 40.76 -4.65
C PHE A 338 -11.55 42.23 -5.04
N ASP A 339 -11.71 43.07 -4.02
CA ASP A 339 -11.78 44.50 -4.20
C ASP A 339 -10.36 45.04 -4.28
N LEU A 340 -9.93 45.35 -5.51
CA LEU A 340 -8.52 45.63 -5.74
C LEU A 340 -8.19 47.01 -5.21
N LYS A 341 -7.14 47.10 -4.39
CA LYS A 341 -6.73 48.36 -3.80
C LYS A 341 -5.78 49.10 -4.72
N ALA A 342 -5.62 50.41 -4.44
CA ALA A 342 -4.69 51.27 -5.16
C ALA A 342 -3.30 50.66 -5.10
N PRO A 343 -2.49 50.81 -6.20
CA PRO A 343 -2.93 51.51 -7.40
C PRO A 343 -3.43 50.58 -8.50
N PHE A 344 -4.23 49.56 -8.10
CA PHE A 344 -4.67 48.56 -9.06
C PHE A 344 -6.18 48.57 -9.23
N GLN A 345 -6.84 49.72 -8.99
CA GLN A 345 -8.30 49.72 -8.97
C GLN A 345 -8.83 49.83 -10.39
N GLY A 346 -7.98 50.22 -11.34
CA GLY A 346 -8.38 50.43 -12.73
C GLY A 346 -8.95 49.16 -13.37
N ASP A 347 -9.74 49.34 -14.43
CA ASP A 347 -10.48 48.26 -15.08
C ASP A 347 -9.53 47.26 -15.73
N ASN A 348 -8.33 47.72 -16.08
CA ASN A 348 -7.35 46.87 -16.72
C ASN A 348 -6.88 45.79 -15.73
N TYR A 349 -6.64 46.22 -14.49
CA TYR A 349 -6.20 45.35 -13.40
C TYR A 349 -7.34 44.43 -12.95
N LYS A 350 -8.58 44.90 -13.10
CA LYS A 350 -9.75 44.12 -12.75
C LYS A 350 -9.85 42.95 -13.73
N LYS A 351 -9.69 43.27 -15.02
CA LYS A 351 -9.77 42.27 -16.06
C LYS A 351 -8.68 41.23 -15.78
N PHE A 352 -7.49 41.73 -15.44
CA PHE A 352 -6.33 40.93 -15.13
C PHE A 352 -6.66 39.99 -13.97
N GLY A 353 -7.19 40.56 -12.89
CA GLY A 353 -7.56 39.81 -11.69
C GLY A 353 -8.55 38.69 -12.02
N LYS A 354 -9.58 39.04 -12.80
CA LYS A 354 -10.65 38.11 -13.14
C LYS A 354 -10.04 36.94 -13.91
N SER A 355 -9.04 37.25 -14.76
CA SER A 355 -8.49 36.21 -15.61
C SER A 355 -7.59 35.28 -14.79
N MET A 356 -6.77 35.86 -13.91
CA MET A 356 -5.88 35.07 -13.06
C MET A 356 -6.74 34.24 -12.11
N PHE A 357 -7.81 34.83 -11.57
CA PHE A 357 -8.62 34.08 -10.61
C PHE A 357 -9.38 32.96 -11.31
N SER A 358 -10.00 33.27 -12.45
CA SER A 358 -10.86 32.29 -13.09
C SER A 358 -10.08 31.06 -13.56
N ASN A 359 -8.83 31.29 -13.98
CA ASN A 359 -7.94 30.21 -14.43
C ASN A 359 -7.52 29.31 -13.27
N LEU A 360 -7.28 29.91 -12.11
CA LEU A 360 -6.94 29.12 -10.93
C LEU A 360 -8.12 28.27 -10.51
N ILE A 361 -9.32 28.86 -10.36
CA ILE A 361 -10.42 28.10 -9.79
C ILE A 361 -10.97 27.18 -10.85
N GLY A 362 -10.85 27.63 -12.12
CA GLY A 362 -11.23 26.83 -13.28
C GLY A 362 -10.36 25.59 -13.50
N GLY A 363 -9.20 25.51 -12.86
CA GLY A 363 -8.37 24.32 -12.99
C GLY A 363 -8.88 23.13 -12.16
N ILE A 364 -9.91 23.38 -11.34
CA ILE A 364 -10.36 22.36 -10.39
C ILE A 364 -10.71 21.11 -11.17
N GLY A 365 -10.17 19.98 -10.73
CA GLY A 365 -10.46 18.71 -11.38
C GLY A 365 -10.96 17.67 -10.38
N TYR A 366 -11.60 16.64 -10.92
CA TYR A 366 -11.84 15.40 -10.20
C TYR A 366 -11.02 14.28 -10.84
N PHE A 367 -10.24 13.59 -10.01
CA PHE A 367 -9.32 12.57 -10.47
C PHE A 367 -9.60 11.27 -9.71
N TYR A 368 -9.40 10.13 -10.37
CA TYR A 368 -9.86 8.86 -9.83
C TYR A 368 -9.03 7.73 -10.41
N GLY A 369 -8.58 6.81 -9.55
CA GLY A 369 -7.92 5.61 -10.04
C GLY A 369 -6.79 5.14 -9.13
N HIS A 370 -5.99 4.22 -9.66
CA HIS A 370 -4.88 3.68 -8.91
C HIS A 370 -3.69 4.62 -9.05
N SER A 371 -2.82 4.63 -8.03
CA SER A 371 -1.57 5.32 -8.16
C SER A 371 -0.41 4.37 -7.82
N LEU A 372 0.82 4.78 -8.16
CA LEU A 372 1.98 3.91 -8.17
C LEU A 372 2.91 4.27 -7.00
N VAL A 373 3.09 3.31 -6.07
CA VAL A 373 3.79 3.55 -4.82
C VAL A 373 4.79 2.43 -4.54
N ASP A 374 5.99 2.82 -4.12
CA ASP A 374 6.96 1.86 -3.58
C ASP A 374 6.64 1.65 -2.11
N ARG A 375 6.13 0.46 -1.76
CA ARG A 375 5.74 0.16 -0.38
C ARG A 375 6.76 -0.79 0.26
N SER A 376 7.98 -0.83 -0.28
CA SER A 376 9.02 -1.67 0.31
C SER A 376 9.51 -1.16 1.68
N TYR A 377 9.43 0.14 1.91
CA TYR A 377 10.13 0.73 3.05
C TYR A 377 11.56 0.17 3.12
N ALA A 378 12.23 0.08 1.97
CA ALA A 378 13.62 -0.38 1.97
C ALA A 378 14.39 0.40 3.03
N PRO A 379 15.31 -0.26 3.78
CA PRO A 379 16.05 0.45 4.83
C PRO A 379 16.99 1.53 4.26
N GLU A 380 17.38 1.41 2.99
CA GLU A 380 18.11 2.47 2.32
C GLU A 380 17.34 3.80 2.34
N TYR A 381 16.00 3.75 2.45
CA TYR A 381 15.22 4.99 2.46
C TYR A 381 15.34 5.73 3.80
N ASP A 382 15.99 5.12 4.79
CA ASP A 382 16.16 5.79 6.08
C ASP A 382 17.22 6.87 5.95
N GLU A 383 18.10 6.73 4.93
CA GLU A 383 19.15 7.67 4.61
C GLU A 383 19.97 7.98 5.85
N GLU A 384 20.56 6.94 6.47
CA GLU A 384 21.24 7.11 7.75
C GLU A 384 22.74 7.21 7.59
N ASN A 385 23.24 6.79 6.41
CA ASN A 385 24.67 6.73 6.11
C ASN A 385 25.08 7.90 5.22
N GLU A 386 26.39 8.22 5.25
CA GLU A 386 27.04 9.02 4.23
C GLU A 386 26.91 8.29 2.89
N GLY A 387 26.62 9.06 1.82
CA GLY A 387 26.44 8.50 0.48
C GLY A 387 25.05 7.89 0.29
N PHE A 388 24.09 8.28 1.14
CA PHE A 388 22.79 7.65 1.18
C PHE A 388 22.12 7.64 -0.21
N TRP A 389 22.44 8.64 -1.04
CA TRP A 389 21.72 8.78 -2.30
C TRP A 389 22.01 7.57 -3.21
N GLU A 390 23.22 7.01 -3.08
CA GLU A 390 23.59 5.86 -3.88
C GLU A 390 22.78 4.63 -3.44
N ASP A 391 22.66 4.43 -2.13
CA ASP A 391 21.88 3.34 -1.56
C ASP A 391 20.42 3.44 -2.01
N ALA A 392 19.80 4.60 -1.80
CA ALA A 392 18.41 4.86 -2.21
C ALA A 392 18.20 4.56 -3.70
N ALA A 393 19.14 4.97 -4.56
CA ALA A 393 19.06 4.60 -5.98
C ALA A 393 18.98 3.08 -6.14
N GLU A 394 19.83 2.34 -5.41
CA GLU A 394 19.84 0.89 -5.49
C GLU A 394 18.48 0.32 -5.13
N ALA A 395 17.90 0.81 -4.02
CA ALA A 395 16.58 0.37 -3.58
C ALA A 395 15.53 0.62 -4.69
N ARG A 396 15.54 1.83 -5.27
CA ARG A 396 14.62 2.17 -6.35
C ARG A 396 14.81 1.20 -7.52
N ALA A 397 16.06 0.76 -7.75
CA ALA A 397 16.35 -0.15 -8.84
C ALA A 397 15.78 -1.54 -8.57
N ARG A 398 15.22 -1.78 -7.38
CA ARG A 398 14.53 -3.04 -7.11
C ARG A 398 13.14 -3.05 -7.77
N HIS A 399 12.59 -1.86 -8.02
CA HIS A 399 11.26 -1.68 -8.61
C HIS A 399 10.20 -2.54 -7.91
N GLN A 400 10.02 -2.32 -6.60
CA GLN A 400 9.00 -2.99 -5.82
C GLN A 400 7.69 -2.22 -5.88
N GLU A 401 7.69 -1.07 -6.58
CA GLU A 401 6.48 -0.26 -6.66
C GLU A 401 5.37 -1.08 -7.30
N ALA A 402 4.14 -0.84 -6.86
CA ALA A 402 2.94 -1.49 -7.40
C ALA A 402 1.77 -0.52 -7.33
N LEU A 403 0.78 -0.73 -8.19
CA LEU A 403 -0.43 0.07 -8.15
C LEU A 403 -1.23 -0.23 -6.88
N GLU A 404 -1.78 0.82 -6.28
CA GLU A 404 -2.69 0.66 -5.18
C GLU A 404 -3.83 1.67 -5.35
N GLY A 405 -4.89 1.47 -4.58
CA GLY A 405 -6.06 2.34 -4.57
C GLY A 405 -7.35 1.53 -4.73
N PRO A 406 -8.36 1.99 -5.49
CA PRO A 406 -8.26 3.28 -6.19
C PRO A 406 -8.44 4.42 -5.20
N TYR A 407 -7.99 5.61 -5.61
CA TYR A 407 -8.16 6.84 -4.85
C TYR A 407 -8.90 7.84 -5.71
N GLU A 408 -9.49 8.84 -5.04
CA GLU A 408 -10.13 9.95 -5.69
C GLU A 408 -9.54 11.23 -5.09
N LEU A 409 -9.46 12.29 -5.90
CA LEU A 409 -9.09 13.60 -5.42
C LEU A 409 -9.83 14.65 -6.21
N PHE A 410 -10.35 15.64 -5.46
CA PHE A 410 -10.95 16.85 -5.96
C PHE A 410 -10.01 18.00 -5.59
N THR A 411 -9.32 18.58 -6.59
CA THR A 411 -8.25 19.54 -6.35
C THR A 411 -8.14 20.51 -7.53
N SER A 412 -7.66 21.73 -7.25
CA SER A 412 -7.11 22.56 -8.32
C SER A 412 -5.69 22.06 -8.67
N ILE A 413 -5.05 22.62 -9.69
CA ILE A 413 -3.82 22.07 -10.28
C ILE A 413 -2.91 23.22 -10.70
N PRO A 414 -1.58 23.01 -10.85
CA PRO A 414 -0.71 24.11 -11.29
C PRO A 414 -0.82 24.45 -12.78
N SER A 415 -1.06 23.44 -13.63
CA SER A 415 -0.83 23.59 -15.06
C SER A 415 -1.70 22.64 -15.88
N ARG A 416 -2.69 23.18 -16.60
CA ARG A 416 -3.53 22.37 -17.46
C ARG A 416 -2.69 21.66 -18.52
N PRO A 417 -1.82 22.36 -19.28
CA PRO A 417 -1.11 21.73 -20.39
C PRO A 417 0.02 20.77 -19.99
N PHE A 418 0.68 21.03 -18.83
CA PHE A 418 1.95 20.35 -18.55
C PHE A 418 1.88 19.40 -17.34
N PHE A 419 1.11 19.75 -16.30
CA PHE A 419 0.99 18.83 -15.18
C PHE A 419 -0.35 19.01 -14.50
N PRO A 420 -1.43 18.55 -15.16
CA PRO A 420 -2.78 18.78 -14.67
C PRO A 420 -3.13 17.77 -13.58
N ARG A 421 -2.59 17.98 -12.37
CA ARG A 421 -2.82 17.04 -11.27
C ARG A 421 -2.44 17.70 -9.94
N GLY A 422 -2.85 17.04 -8.84
CA GLY A 422 -2.68 17.62 -7.52
C GLY A 422 -1.23 17.56 -7.06
N PHE A 423 -0.71 18.70 -6.60
CA PHE A 423 0.59 18.79 -5.92
C PHE A 423 0.37 19.39 -4.52
N LEU A 424 0.99 18.76 -3.50
CA LEU A 424 0.58 18.95 -2.12
C LEU A 424 0.88 20.38 -1.66
N TRP A 425 2.14 20.83 -1.75
CA TRP A 425 2.41 22.19 -1.26
C TRP A 425 1.87 23.31 -2.19
N ASP A 426 1.71 23.03 -3.50
CA ASP A 426 1.04 23.97 -4.40
C ASP A 426 -0.38 24.22 -3.90
N GLU A 427 -1.07 23.15 -3.50
CA GLU A 427 -2.49 23.30 -3.22
C GLU A 427 -2.72 24.27 -2.07
N GLY A 428 -1.76 24.31 -1.14
CA GLY A 428 -1.77 25.31 -0.07
C GLY A 428 -1.92 26.73 -0.62
N PHE A 429 -1.13 27.06 -1.64
CA PHE A 429 -1.18 28.38 -2.24
C PHE A 429 -2.46 28.56 -3.05
N HIS A 430 -2.86 27.53 -3.81
CA HIS A 430 -4.02 27.62 -4.67
C HIS A 430 -5.24 27.99 -3.84
N LEU A 431 -5.34 27.47 -2.61
CA LEU A 431 -6.61 27.58 -1.91
C LEU A 431 -6.69 28.92 -1.18
N LEU A 432 -5.58 29.66 -1.11
CA LEU A 432 -5.66 30.95 -0.41
C LEU A 432 -6.69 31.83 -1.12
N PRO A 433 -6.60 32.06 -2.44
CA PRO A 433 -7.61 32.85 -3.13
C PRO A 433 -8.96 32.13 -3.23
N ILE A 434 -8.91 30.80 -3.38
CA ILE A 434 -10.14 30.05 -3.54
C ILE A 434 -10.96 30.15 -2.24
N ALA A 435 -10.26 30.12 -1.09
CA ALA A 435 -10.91 30.16 0.21
C ALA A 435 -11.64 31.48 0.40
N ASP A 436 -11.01 32.58 -0.04
CA ASP A 436 -11.67 33.87 0.00
C ASP A 436 -13.01 33.76 -0.72
N TRP A 437 -12.96 33.19 -1.93
CA TRP A 437 -14.09 33.13 -2.84
C TRP A 437 -15.22 32.27 -2.27
N ASP A 438 -14.86 31.17 -1.63
CA ASP A 438 -15.80 30.10 -1.30
C ASP A 438 -15.11 29.16 -0.31
N ILE A 439 -15.17 29.52 0.98
CA ILE A 439 -14.43 28.79 2.01
C ILE A 439 -14.86 27.31 2.05
N ASP A 440 -16.13 27.05 1.74
CA ASP A 440 -16.65 25.68 1.85
C ASP A 440 -16.07 24.83 0.72
N LEU A 441 -15.88 25.45 -0.44
CA LEU A 441 -15.18 24.79 -1.52
C LEU A 441 -13.78 24.40 -1.05
N ALA A 442 -13.04 25.35 -0.45
CA ALA A 442 -11.66 25.11 -0.08
C ALA A 442 -11.56 23.96 0.91
N LEU A 443 -12.48 23.95 1.89
CA LEU A 443 -12.53 22.93 2.94
C LEU A 443 -12.83 21.57 2.34
N GLU A 444 -13.68 21.60 1.31
CA GLU A 444 -14.03 20.41 0.58
C GLU A 444 -12.75 19.83 -0.04
N ILE A 445 -11.90 20.72 -0.57
CA ILE A 445 -10.68 20.28 -1.23
C ILE A 445 -9.68 19.83 -0.18
N ILE A 446 -9.59 20.55 0.95
CA ILE A 446 -8.66 20.16 1.99
C ILE A 446 -9.02 18.75 2.43
N LYS A 447 -10.34 18.52 2.60
CA LYS A 447 -10.88 17.27 3.08
C LYS A 447 -10.51 16.18 2.09
N SER A 448 -10.73 16.48 0.81
CA SER A 448 -10.37 15.53 -0.22
C SER A 448 -8.89 15.13 -0.08
N TRP A 449 -8.00 16.11 0.14
CA TRP A 449 -6.58 15.81 0.23
C TRP A 449 -6.33 14.93 1.46
N TYR A 450 -7.00 15.26 2.56
CA TYR A 450 -6.65 14.56 3.79
C TYR A 450 -7.17 13.13 3.77
N ASN A 451 -8.20 12.86 2.95
CA ASN A 451 -8.74 11.49 2.85
C ASN A 451 -7.77 10.56 2.13
N LEU A 452 -6.66 11.09 1.62
CA LEU A 452 -5.65 10.27 0.95
C LEU A 452 -4.66 9.76 1.97
N MET A 453 -4.65 10.35 3.17
CA MET A 453 -3.53 10.11 4.07
C MET A 453 -3.60 8.68 4.59
N ASP A 454 -2.47 7.97 4.55
CA ASP A 454 -2.37 6.57 4.96
C ASP A 454 -2.26 6.49 6.48
N GLU A 455 -2.06 5.26 7.00
CA GLU A 455 -2.14 5.03 8.44
C GLU A 455 -0.94 5.67 9.16
N ASP A 456 0.16 5.90 8.43
CA ASP A 456 1.38 6.43 9.01
C ASP A 456 1.32 7.95 9.16
N GLY A 457 0.46 8.59 8.35
CA GLY A 457 0.36 10.05 8.24
C GLY A 457 0.96 10.64 6.95
N TRP A 458 1.16 9.82 5.91
CA TRP A 458 1.74 10.28 4.66
C TRP A 458 0.67 10.49 3.60
N ILE A 459 0.73 11.66 2.94
CA ILE A 459 0.09 11.95 1.66
C ILE A 459 1.19 12.11 0.62
N ALA A 460 1.09 11.38 -0.49
CA ALA A 460 2.05 11.55 -1.60
C ALA A 460 1.96 12.99 -2.09
N ARG A 461 3.13 13.53 -2.47
CA ARG A 461 3.22 14.96 -2.72
C ARG A 461 2.69 15.27 -4.13
N GLU A 462 2.51 14.21 -4.92
CA GLU A 462 2.14 14.29 -6.33
C GLU A 462 1.10 13.20 -6.61
N GLN A 463 -0.12 13.59 -6.95
CA GLN A 463 -1.22 12.65 -7.03
C GLN A 463 -1.52 12.34 -8.50
N ILE A 464 -1.08 11.15 -8.94
CA ILE A 464 -1.26 10.68 -10.30
C ILE A 464 -2.26 9.52 -10.26
N LEU A 465 -3.55 9.85 -10.43
CA LEU A 465 -4.65 8.94 -10.15
C LEU A 465 -5.25 8.42 -11.47
N GLY A 466 -5.06 7.14 -11.75
CA GLY A 466 -5.69 6.53 -12.91
C GLY A 466 -4.81 6.53 -14.17
N ALA A 467 -5.15 5.66 -15.11
CA ALA A 467 -4.39 5.54 -16.34
C ALA A 467 -4.42 6.85 -17.12
N GLU A 468 -5.56 7.55 -17.11
CA GLU A 468 -5.63 8.83 -17.79
C GLU A 468 -4.52 9.76 -17.28
N ALA A 469 -4.49 10.02 -15.96
CA ALA A 469 -3.47 10.86 -15.33
C ALA A 469 -2.06 10.39 -15.66
N ARG A 470 -1.83 9.07 -15.57
CA ARG A 470 -0.52 8.46 -15.77
C ARG A 470 -0.02 8.67 -17.20
N SER A 471 -0.95 8.93 -18.14
CA SER A 471 -0.59 9.00 -19.55
C SER A 471 0.30 10.20 -19.80
N LYS A 472 0.20 11.21 -18.92
CA LYS A 472 0.93 12.47 -19.06
C LYS A 472 2.30 12.41 -18.36
N VAL A 473 2.71 11.24 -17.85
CA VAL A 473 3.83 11.17 -16.91
C VAL A 473 4.75 10.01 -17.26
N PRO A 474 6.05 10.24 -17.53
CA PRO A 474 6.96 9.13 -17.81
C PRO A 474 6.99 8.21 -16.60
N LYS A 475 7.07 6.89 -16.86
CA LYS A 475 6.89 5.86 -15.84
C LYS A 475 7.93 6.03 -14.72
N GLU A 476 9.16 6.44 -15.11
CA GLU A 476 10.24 6.75 -14.18
C GLU A 476 9.82 7.81 -13.15
N PHE A 477 8.79 8.62 -13.47
CA PHE A 477 8.47 9.72 -12.58
C PHE A 477 7.10 9.53 -11.92
N GLN A 478 6.49 8.34 -12.04
CA GLN A 478 5.17 8.12 -11.44
C GLN A 478 5.27 7.72 -9.96
N THR A 479 6.29 6.94 -9.62
CA THR A 479 6.37 6.25 -8.33
C THR A 479 6.44 7.25 -7.18
N GLN A 480 5.51 7.13 -6.24
CA GLN A 480 5.59 7.92 -5.01
C GLN A 480 6.30 7.10 -3.91
N TYR A 481 6.95 7.82 -3.00
CA TYR A 481 7.78 7.26 -1.94
C TYR A 481 7.26 7.72 -0.59
N PRO A 482 6.89 6.78 0.32
CA PRO A 482 6.27 7.13 1.61
C PRO A 482 7.16 7.93 2.55
N HIS A 483 8.47 8.03 2.25
CA HIS A 483 9.37 8.88 3.05
C HIS A 483 9.50 10.30 2.48
N TYR A 484 8.82 10.61 1.36
CA TYR A 484 8.90 11.93 0.73
C TYR A 484 7.82 12.87 1.29
N ALA A 485 8.26 13.93 1.99
CA ALA A 485 7.36 14.98 2.43
C ALA A 485 7.21 16.02 1.32
N ASN A 486 6.44 17.08 1.63
CA ASN A 486 6.29 18.31 0.86
C ASN A 486 5.84 19.35 1.88
N PRO A 487 6.07 20.65 1.68
CA PRO A 487 5.61 21.63 2.68
C PRO A 487 4.13 21.50 3.02
N PRO A 488 3.77 21.61 4.31
CA PRO A 488 2.38 21.54 4.74
C PRO A 488 1.67 22.88 4.62
N THR A 489 1.70 23.47 3.41
CA THR A 489 1.11 24.77 3.15
C THR A 489 -0.42 24.77 3.31
N LEU A 490 -1.04 23.58 3.25
CA LEU A 490 -2.47 23.49 3.47
C LEU A 490 -2.87 23.99 4.86
N PHE A 491 -1.95 23.95 5.83
CA PHE A 491 -2.20 24.51 7.15
C PHE A 491 -2.45 26.02 7.09
N LEU A 492 -1.81 26.71 6.12
CA LEU A 492 -2.00 28.16 5.97
C LEU A 492 -3.47 28.46 5.68
N VAL A 493 -4.11 27.63 4.83
CA VAL A 493 -5.52 27.83 4.48
C VAL A 493 -6.35 27.64 5.74
N LEU A 494 -6.02 26.56 6.47
CA LEU A 494 -6.67 26.22 7.72
C LEU A 494 -6.59 27.38 8.69
N ASP A 495 -5.40 28.02 8.78
CA ASP A 495 -5.18 29.15 9.67
C ASP A 495 -6.14 30.29 9.33
N ASN A 496 -6.41 30.46 8.02
CA ASN A 496 -7.23 31.57 7.55
C ASN A 496 -8.68 31.28 7.89
N PHE A 497 -9.05 30.00 7.79
CA PHE A 497 -10.38 29.56 8.11
C PHE A 497 -10.62 29.79 9.61
N VAL A 498 -9.62 29.43 10.43
CA VAL A 498 -9.72 29.56 11.87
C VAL A 498 -9.97 31.02 12.25
N GLU A 499 -9.17 31.95 11.72
CA GLU A 499 -9.33 33.37 12.02
C GLU A 499 -10.72 33.84 11.56
N ARG A 500 -11.20 33.32 10.42
CA ARG A 500 -12.52 33.70 9.95
C ARG A 500 -13.60 33.15 10.89
N LEU A 501 -13.36 31.94 11.42
CA LEU A 501 -14.31 31.25 12.28
C LEU A 501 -14.44 31.96 13.63
N ARG A 502 -13.31 32.48 14.16
CA ARG A 502 -13.29 33.28 15.38
C ARG A 502 -14.14 34.55 15.21
N LYS A 503 -13.78 35.40 14.23
CA LYS A 503 -14.54 36.61 13.92
C LYS A 503 -15.79 36.29 13.09
N LEU A 517 -28.70 31.19 -2.83
CA LEU A 517 -28.75 29.79 -2.36
C LEU A 517 -27.34 29.18 -2.38
N ASP A 518 -26.65 29.39 -3.51
CA ASP A 518 -25.24 29.01 -3.62
C ASP A 518 -24.41 30.00 -2.82
N GLU A 519 -24.92 31.24 -2.69
CA GLU A 519 -24.29 32.25 -1.86
C GLU A 519 -24.18 31.73 -0.42
N THR A 520 -25.30 31.21 0.12
CA THR A 520 -25.36 30.71 1.48
C THR A 520 -24.31 29.61 1.68
N LEU A 521 -24.30 28.65 0.76
CA LEU A 521 -23.55 27.42 0.89
C LEU A 521 -22.04 27.72 0.89
N SER A 522 -21.63 28.73 0.11
CA SER A 522 -20.23 29.07 -0.02
C SER A 522 -19.62 29.46 1.32
N THR A 523 -20.44 29.93 2.28
CA THR A 523 -19.91 30.34 3.58
C THR A 523 -20.59 29.63 4.77
N ALA A 524 -21.32 28.55 4.51
CA ALA A 524 -22.04 27.86 5.58
C ALA A 524 -21.10 27.40 6.70
N SER A 525 -19.82 27.16 6.40
CA SER A 525 -18.95 26.56 7.40
C SER A 525 -18.33 27.61 8.32
N VAL A 526 -18.49 28.89 7.98
CA VAL A 526 -18.06 29.96 8.89
C VAL A 526 -19.29 30.57 9.55
N ASP A 527 -20.40 30.66 8.81
CA ASP A 527 -21.60 31.32 9.28
C ASP A 527 -22.29 30.47 10.36
N ASN A 528 -22.11 29.15 10.31
CA ASN A 528 -22.64 28.26 11.33
C ASN A 528 -21.46 27.69 12.13
N PRO A 529 -21.02 28.35 13.22
CA PRO A 529 -19.79 27.96 13.93
C PRO A 529 -19.81 26.50 14.36
N GLU A 530 -21.04 26.00 14.63
CA GLU A 530 -21.31 24.60 14.89
C GLU A 530 -20.70 23.74 13.78
N VAL A 531 -20.98 24.12 12.52
CA VAL A 531 -20.54 23.36 11.36
C VAL A 531 -19.01 23.36 11.28
N GLY A 532 -18.41 24.55 11.40
CA GLY A 532 -16.97 24.75 11.32
C GLY A 532 -16.21 23.88 12.32
N LEU A 533 -16.71 23.83 13.56
CA LEU A 533 -15.98 23.22 14.66
C LEU A 533 -15.95 21.72 14.42
N GLU A 534 -17.09 21.20 13.93
CA GLU A 534 -17.22 19.78 13.67
C GLU A 534 -16.26 19.39 12.55
N TYR A 535 -16.09 20.30 11.58
CA TYR A 535 -15.18 20.01 10.49
C TYR A 535 -13.75 19.90 11.03
N LEU A 536 -13.36 20.80 11.93
CA LEU A 536 -12.03 20.78 12.48
C LEU A 536 -11.88 19.57 13.41
N ARG A 537 -12.95 19.25 14.15
CA ARG A 537 -12.96 18.08 15.02
C ARG A 537 -12.56 16.84 14.20
N ARG A 538 -13.20 16.67 13.04
CA ARG A 538 -13.01 15.46 12.25
C ARG A 538 -11.64 15.45 11.59
N LEU A 539 -11.14 16.63 11.21
CA LEU A 539 -9.88 16.77 10.49
C LEU A 539 -8.70 16.69 11.48
N TYR A 540 -8.93 17.24 12.69
CA TYR A 540 -7.90 17.46 13.69
C TYR A 540 -6.99 16.24 13.85
N PRO A 541 -7.52 15.01 14.04
CA PRO A 541 -6.67 13.84 14.24
C PRO A 541 -5.69 13.60 13.09
N LEU A 542 -6.11 13.95 11.87
CA LEU A 542 -5.25 13.70 10.72
C LEU A 542 -4.14 14.73 10.68
N LEU A 543 -4.49 16.00 11.00
CA LEU A 543 -3.46 17.02 11.11
C LEU A 543 -2.40 16.56 12.11
N ARG A 544 -2.86 16.09 13.30
CA ARG A 544 -1.92 15.63 14.32
C ARG A 544 -1.11 14.45 13.79
N ARG A 545 -1.80 13.51 13.14
CA ARG A 545 -1.13 12.38 12.52
C ARG A 545 -0.01 12.88 11.61
N GLN A 546 -0.29 13.91 10.79
CA GLN A 546 0.71 14.40 9.86
C GLN A 546 1.86 15.03 10.64
N PHE A 547 1.49 15.79 11.67
CA PHE A 547 2.51 16.41 12.50
C PHE A 547 3.50 15.33 12.95
N ASP A 548 2.95 14.21 13.48
CA ASP A 548 3.76 13.19 14.12
C ASP A 548 4.62 12.51 13.08
N TRP A 549 4.05 12.38 11.87
CA TRP A 549 4.70 11.71 10.75
C TRP A 549 5.95 12.49 10.36
N PHE A 550 5.86 13.83 10.36
CA PHE A 550 7.00 14.70 10.06
C PHE A 550 8.12 14.46 11.07
N ARG A 551 7.75 14.42 12.36
CA ARG A 551 8.72 14.29 13.46
C ARG A 551 9.32 12.90 13.47
N LYS A 552 8.58 11.92 12.94
CA LYS A 552 9.05 10.55 12.88
C LYS A 552 9.93 10.33 11.65
N THR A 553 9.54 10.87 10.49
CA THR A 553 10.19 10.46 9.24
C THR A 553 11.22 11.50 8.76
N GLN A 554 11.00 12.77 9.12
CA GLN A 554 11.87 13.85 8.65
C GLN A 554 12.72 14.42 9.80
N ALA A 555 13.12 13.55 10.74
CA ALA A 555 13.90 13.94 11.92
C ALA A 555 15.36 14.18 11.54
N GLY A 556 15.90 15.27 12.07
CA GLY A 556 17.34 15.47 12.03
C GLY A 556 18.03 14.96 13.30
N ASP A 557 19.36 14.93 13.23
CA ASP A 557 20.22 14.29 14.21
C ASP A 557 20.97 15.35 15.02
N ILE A 558 20.49 15.60 16.24
CA ILE A 558 21.22 16.46 17.17
C ILE A 558 22.25 15.64 17.94
N LYS A 559 21.85 14.43 18.41
CA LYS A 559 22.54 13.76 19.52
C LYS A 559 23.84 13.09 19.09
N SER A 560 24.00 12.75 17.81
CA SER A 560 25.15 11.92 17.44
C SER A 560 26.41 12.74 17.19
N TYR A 561 26.32 14.05 17.44
CA TYR A 561 27.32 14.99 16.98
C TYR A 561 27.68 15.96 18.12
N ASP A 562 28.74 16.75 17.94
CA ASP A 562 29.00 17.86 18.85
C ASP A 562 27.98 18.99 18.58
N ARG A 563 26.75 18.81 19.07
CA ARG A 563 25.68 19.77 18.84
C ARG A 563 25.08 20.18 20.18
N GLU A 564 25.11 21.50 20.45
CA GLU A 564 24.55 22.09 21.64
C GLU A 564 23.32 22.90 21.22
N ALA A 565 22.23 22.76 21.97
CA ALA A 565 21.03 23.50 21.63
C ALA A 565 20.04 23.41 22.78
N TYR A 566 19.15 24.39 22.86
CA TYR A 566 18.12 24.44 23.88
C TYR A 566 17.35 23.12 23.95
N SER A 567 16.99 22.55 22.80
CA SER A 567 16.21 21.31 22.74
C SER A 567 17.03 20.19 22.11
N THR A 568 16.86 18.95 22.62
CA THR A 568 17.51 17.78 22.05
C THR A 568 16.62 17.18 20.96
N LYS A 569 15.38 17.63 20.90
CA LYS A 569 14.34 17.05 20.06
C LYS A 569 14.32 17.73 18.67
N GLU A 570 14.30 19.08 18.65
CA GLU A 570 13.87 19.84 17.48
C GLU A 570 14.98 20.02 16.44
N ALA A 571 14.90 19.27 15.34
CA ALA A 571 15.90 19.22 14.29
C ALA A 571 15.34 18.42 13.13
N TYR A 572 15.50 18.93 11.89
CA TYR A 572 14.76 18.36 10.77
C TYR A 572 15.61 18.29 9.51
N ARG A 573 15.43 17.22 8.73
CA ARG A 573 16.17 17.03 7.50
C ARG A 573 15.24 16.37 6.48
N TRP A 574 14.96 17.07 5.35
CA TRP A 574 14.14 16.52 4.27
C TRP A 574 14.79 15.23 3.77
N ARG A 575 14.00 14.15 3.76
CA ARG A 575 14.39 12.92 3.09
C ARG A 575 14.26 13.15 1.59
N GLY A 576 15.12 12.45 0.81
CA GLY A 576 14.96 12.32 -0.62
C GLY A 576 15.89 13.22 -1.42
N ARG A 577 16.90 13.77 -0.74
CA ARG A 577 17.77 14.67 -1.46
C ARG A 577 18.81 13.91 -2.25
N THR A 578 19.18 14.46 -3.41
CA THR A 578 20.25 13.94 -4.25
C THR A 578 21.35 15.00 -4.30
N VAL A 579 22.45 14.69 -5.01
CA VAL A 579 23.60 15.56 -5.00
C VAL A 579 23.17 16.98 -5.37
N SER A 580 22.31 17.12 -6.37
CA SER A 580 22.05 18.46 -6.89
C SER A 580 20.66 18.99 -6.52
N HIS A 581 19.85 18.19 -5.80
CA HIS A 581 18.43 18.47 -5.71
C HIS A 581 17.91 18.23 -4.31
N CYS A 582 16.80 18.90 -3.98
CA CYS A 582 15.95 18.48 -2.88
C CYS A 582 14.47 18.69 -3.24
N LEU A 583 13.92 17.74 -4.01
CA LEU A 583 12.60 17.88 -4.64
C LEU A 583 11.51 18.04 -3.59
N THR A 584 11.66 17.35 -2.45
CA THR A 584 10.59 17.27 -1.46
C THR A 584 10.40 18.62 -0.75
N SER A 585 11.42 19.47 -0.79
CA SER A 585 11.31 20.76 -0.10
C SER A 585 10.45 21.71 -0.92
N GLY A 586 10.25 21.38 -2.22
CA GLY A 586 9.57 22.29 -3.12
C GLY A 586 10.55 23.20 -3.89
N LEU A 587 11.79 23.37 -3.37
CA LEU A 587 12.74 24.27 -3.99
C LEU A 587 13.83 23.45 -4.68
N ASP A 588 13.48 22.94 -5.87
CA ASP A 588 14.11 21.77 -6.48
C ASP A 588 15.62 21.85 -6.35
N ASP A 589 16.23 22.95 -6.85
CA ASP A 589 17.68 22.99 -7.01
C ASP A 589 18.26 24.17 -6.22
N TYR A 590 17.51 24.71 -5.26
CA TYR A 590 18.13 25.66 -4.35
C TYR A 590 19.35 24.97 -3.75
N PRO A 591 20.51 25.65 -3.66
CA PRO A 591 21.76 25.02 -3.21
C PRO A 591 21.68 24.65 -1.73
N ARG A 592 22.18 23.45 -1.40
CA ARG A 592 22.13 22.88 -0.05
C ARG A 592 23.53 22.42 0.33
N PRO A 593 23.80 22.00 1.60
CA PRO A 593 25.12 21.49 1.96
C PRO A 593 25.60 20.46 0.94
N GLN A 594 26.89 20.59 0.55
CA GLN A 594 27.56 19.59 -0.28
C GLN A 594 28.69 18.93 0.52
N PRO A 595 28.78 17.58 0.53
CA PRO A 595 27.81 16.74 -0.17
C PRO A 595 26.58 16.57 0.72
N PRO A 596 25.48 15.97 0.25
CA PRO A 596 24.35 15.72 1.13
C PRO A 596 24.86 14.79 2.22
N HIS A 597 24.21 14.78 3.37
CA HIS A 597 24.80 14.19 4.54
C HIS A 597 23.71 13.96 5.57
N PRO A 598 23.71 12.81 6.31
CA PRO A 598 22.67 12.52 7.29
C PRO A 598 22.67 13.49 8.47
N GLY A 599 23.74 14.28 8.57
CA GLY A 599 23.83 15.28 9.62
C GLY A 599 23.17 16.60 9.23
N GLU A 600 22.77 16.74 7.94
CA GLU A 600 22.15 17.98 7.48
C GLU A 600 20.96 18.34 8.37
N LEU A 601 20.74 19.65 8.48
CA LEU A 601 19.50 20.21 9.01
C LEU A 601 19.04 21.33 8.07
N HIS A 602 17.72 21.46 7.91
CA HIS A 602 17.12 22.32 6.91
C HIS A 602 16.16 23.27 7.62
N VAL A 603 16.47 24.57 7.54
CA VAL A 603 15.79 25.56 8.36
C VAL A 603 14.39 25.79 7.80
N ASP A 604 14.21 25.61 6.49
CA ASP A 604 12.87 25.69 5.90
C ASP A 604 11.98 24.60 6.50
N LEU A 605 12.48 23.35 6.55
CA LEU A 605 11.70 22.27 7.14
C LEU A 605 11.34 22.55 8.60
N MET A 606 12.29 23.03 9.43
CA MET A 606 11.95 23.31 10.82
C MET A 606 10.85 24.37 10.90
N SER A 607 10.96 25.38 10.03
CA SER A 607 9.97 26.46 10.00
C SER A 607 8.58 25.92 9.64
N TRP A 608 8.53 24.98 8.70
CA TRP A 608 7.22 24.38 8.37
C TRP A 608 6.65 23.67 9.60
N VAL A 609 7.52 22.96 10.33
CA VAL A 609 7.08 22.28 11.54
C VAL A 609 6.52 23.32 12.52
N GLY A 610 7.16 24.49 12.58
CA GLY A 610 6.65 25.60 13.38
C GLY A 610 5.27 26.06 12.91
N VAL A 611 5.08 26.11 11.59
CA VAL A 611 3.79 26.49 11.05
C VAL A 611 2.71 25.53 11.56
N MET A 612 3.00 24.22 11.53
CA MET A 612 1.99 23.22 11.84
C MET A 612 1.64 23.31 13.32
N VAL A 613 2.68 23.45 14.14
CA VAL A 613 2.44 23.40 15.57
C VAL A 613 1.59 24.60 16.00
N LYS A 614 1.79 25.75 15.34
CA LYS A 614 1.01 26.93 15.68
C LYS A 614 -0.45 26.71 15.28
N SER A 615 -0.67 25.94 14.21
CA SER A 615 -2.02 25.66 13.72
C SER A 615 -2.70 24.71 14.69
N LEU A 616 -1.94 23.73 15.16
CA LEU A 616 -2.40 22.69 16.06
C LEU A 616 -2.77 23.31 17.41
N ILE A 617 -1.99 24.32 17.86
CA ILE A 617 -2.34 25.12 19.03
C ILE A 617 -3.73 25.73 18.83
N SER A 618 -3.94 26.45 17.72
CA SER A 618 -5.20 27.18 17.54
C SER A 618 -6.38 26.21 17.46
N ILE A 619 -6.17 25.07 16.80
CA ILE A 619 -7.28 24.17 16.52
C ILE A 619 -7.55 23.32 17.77
N GLY A 620 -6.48 22.75 18.35
CA GLY A 620 -6.52 22.17 19.69
C GLY A 620 -7.30 23.03 20.67
N SER A 621 -6.90 24.31 20.79
CA SER A 621 -7.53 25.25 21.73
C SER A 621 -9.00 25.46 21.38
N LEU A 622 -9.40 25.13 20.15
CA LEU A 622 -10.77 25.35 19.74
C LEU A 622 -11.62 24.15 20.17
N LEU A 623 -10.95 23.00 20.29
CA LEU A 623 -11.62 21.73 20.54
C LEU A 623 -11.38 21.31 21.99
N GLY A 624 -10.68 22.16 22.75
CA GLY A 624 -10.28 21.92 24.13
C GLY A 624 -9.47 20.63 24.30
N ALA A 625 -8.45 20.43 23.45
CA ALA A 625 -7.58 19.27 23.58
C ALA A 625 -6.36 19.63 24.41
N THR A 626 -6.62 19.95 25.68
CA THR A 626 -5.70 20.59 26.60
C THR A 626 -4.35 19.86 26.65
N GLU A 627 -4.39 18.53 26.77
CA GLU A 627 -3.17 17.74 26.94
C GLU A 627 -2.28 17.92 25.71
N ASP A 628 -2.93 18.08 24.55
CA ASP A 628 -2.29 18.28 23.25
C ASP A 628 -1.69 19.69 23.18
N VAL A 629 -2.49 20.71 23.56
CA VAL A 629 -2.09 22.11 23.44
C VAL A 629 -0.86 22.40 24.31
N GLU A 630 -0.70 21.67 25.42
CA GLU A 630 0.44 21.88 26.31
C GLU A 630 1.70 21.31 25.67
N PHE A 631 1.56 20.18 24.97
CA PHE A 631 2.68 19.56 24.30
C PHE A 631 3.13 20.43 23.12
N TYR A 632 2.16 20.88 22.32
CA TYR A 632 2.44 21.75 21.19
C TYR A 632 3.18 23.01 21.66
N THR A 633 2.73 23.56 22.80
CA THR A 633 3.30 24.80 23.33
C THR A 633 4.79 24.60 23.59
N LYS A 634 5.17 23.42 24.09
CA LYS A 634 6.56 23.20 24.47
C LYS A 634 7.40 22.94 23.22
N VAL A 635 6.77 22.31 22.21
CA VAL A 635 7.42 22.11 20.91
C VAL A 635 7.70 23.47 20.27
N LEU A 636 6.69 24.35 20.26
CA LEU A 636 6.85 25.66 19.65
C LEU A 636 7.99 26.43 20.32
N ASP A 637 7.95 26.46 21.66
CA ASP A 637 8.98 27.13 22.44
C ASP A 637 10.36 26.60 22.02
N ALA A 638 10.46 25.28 21.83
CA ALA A 638 11.74 24.67 21.54
C ALA A 638 12.21 24.98 20.10
N ILE A 639 11.26 25.04 19.15
CA ILE A 639 11.66 25.30 17.77
C ILE A 639 12.20 26.72 17.72
N GLU A 640 11.51 27.63 18.44
CA GLU A 640 11.92 29.02 18.52
C GLU A 640 13.38 29.14 18.94
N HIS A 641 13.80 28.38 19.97
CA HIS A 641 15.15 28.50 20.47
C HIS A 641 16.12 27.84 19.48
N ASN A 642 15.68 26.70 18.91
CA ASN A 642 16.56 25.86 18.11
C ASN A 642 16.75 26.44 16.72
N LEU A 643 15.73 27.17 16.22
CA LEU A 643 15.91 27.97 15.02
C LEU A 643 17.19 28.82 15.17
N ASP A 644 17.33 29.50 16.32
CA ASP A 644 18.51 30.30 16.61
C ASP A 644 19.74 29.41 16.84
N ASP A 645 19.63 28.41 17.73
CA ASP A 645 20.81 27.69 18.21
C ASP A 645 21.50 26.95 17.07
N LEU A 646 20.71 26.42 16.12
CA LEU A 646 21.25 25.56 15.06
C LEU A 646 21.31 26.28 13.71
N HIS A 647 20.52 27.34 13.53
CA HIS A 647 20.32 27.83 12.17
C HIS A 647 20.74 29.30 11.99
N TRP A 648 20.85 30.08 13.08
CA TRP A 648 21.21 31.49 12.93
C TRP A 648 22.71 31.66 12.69
N SER A 649 23.07 32.44 11.65
CA SER A 649 24.44 32.87 11.45
C SER A 649 24.56 34.35 11.80
N GLU A 650 25.27 34.65 12.90
CA GLU A 650 25.56 36.03 13.26
C GLU A 650 26.51 36.64 12.23
N LYS A 651 27.50 35.87 11.77
CA LYS A 651 28.44 36.35 10.77
C LYS A 651 27.67 36.84 9.54
N GLU A 652 26.69 36.07 9.08
CA GLU A 652 26.10 36.30 7.79
C GLU A 652 24.87 37.19 7.89
N GLY A 653 24.23 37.23 9.07
CA GLY A 653 23.01 38.01 9.27
C GLY A 653 21.74 37.37 8.68
N CYS A 654 21.65 36.03 8.74
N CYS A 654 21.65 36.03 8.73
CA CYS A 654 20.46 35.34 8.28
CA CYS A 654 20.50 35.32 8.20
C CYS A 654 20.50 33.88 8.75
C CYS A 654 20.52 33.87 8.71
N TYR A 655 19.43 33.14 8.44
CA TYR A 655 19.36 31.72 8.72
C TYR A 655 20.05 30.93 7.61
N CYS A 656 20.55 29.75 8.01
CA CYS A 656 21.20 28.85 7.09
C CYS A 656 20.83 27.41 7.46
N ASP A 657 20.82 26.53 6.47
CA ASP A 657 20.88 25.11 6.71
C ASP A 657 22.22 24.80 7.39
N ALA A 658 22.32 23.60 7.95
CA ALA A 658 23.51 23.15 8.67
C ALA A 658 23.93 21.77 8.16
N THR A 659 25.21 21.43 8.34
CA THR A 659 25.71 20.12 7.97
C THR A 659 26.67 19.61 9.03
N ILE A 660 27.38 18.53 8.69
CA ILE A 660 28.44 18.03 9.54
C ILE A 660 29.72 17.97 8.71
N ASP A 661 30.72 18.68 9.25
CA ASP A 661 32.09 18.84 8.78
C ASP A 661 32.71 17.52 8.33
N GLU A 662 33.77 17.65 7.52
CA GLU A 662 34.78 16.62 7.30
C GLU A 662 35.37 16.19 8.65
N PHE A 663 35.12 16.97 9.71
CA PHE A 663 35.74 16.74 11.00
C PHE A 663 34.66 16.54 12.07
N GLU A 664 33.44 16.18 11.64
CA GLU A 664 32.36 15.76 12.52
C GLU A 664 31.76 16.93 13.34
N GLU A 665 32.00 18.18 12.91
CA GLU A 665 31.46 19.33 13.62
C GLU A 665 30.31 19.97 12.82
N HIS A 666 29.35 20.54 13.54
CA HIS A 666 28.26 21.33 13.00
C HIS A 666 28.80 22.55 12.25
N LYS A 667 28.58 22.60 10.93
CA LYS A 667 28.93 23.77 10.12
C LYS A 667 27.64 24.36 9.57
N LEU A 668 27.55 25.69 9.55
CA LEU A 668 26.48 26.37 8.84
C LEU A 668 26.87 26.45 7.37
N VAL A 669 25.87 26.35 6.48
CA VAL A 669 26.12 26.53 5.06
C VAL A 669 25.13 27.56 4.52
N CYS A 670 25.61 28.79 4.32
CA CYS A 670 24.71 29.89 4.02
C CYS A 670 24.64 30.15 2.52
N HIS A 671 23.42 30.19 2.01
CA HIS A 671 23.20 30.55 0.62
C HIS A 671 22.03 31.51 0.64
N LYS A 672 22.35 32.79 0.44
CA LYS A 672 21.42 33.85 0.74
C LYS A 672 20.30 33.84 -0.29
N GLY A 673 19.08 33.60 0.21
CA GLY A 673 17.95 33.50 -0.69
C GLY A 673 16.69 33.17 0.10
N TYR A 674 15.67 32.65 -0.60
CA TYR A 674 14.42 32.30 0.04
C TYR A 674 14.66 31.51 1.33
N ILE A 675 15.51 30.48 1.25
CA ILE A 675 15.71 29.56 2.36
C ILE A 675 16.12 30.39 3.59
N SER A 676 17.01 31.37 3.35
CA SER A 676 17.58 32.21 4.40
C SER A 676 16.52 32.96 5.18
N LEU A 677 15.35 33.17 4.56
CA LEU A 677 14.33 34.05 5.12
C LEU A 677 13.24 33.26 5.84
N PHE A 678 13.36 31.93 5.83
CA PHE A 678 12.22 31.07 6.13
C PHE A 678 11.51 31.42 7.44
N PRO A 679 12.18 31.52 8.61
CA PRO A 679 11.48 31.79 9.87
C PRO A 679 10.59 33.03 9.78
N PHE A 680 11.07 34.04 9.04
CA PHE A 680 10.28 35.23 8.70
C PHE A 680 9.08 34.87 7.81
N LEU A 681 9.32 34.17 6.69
CA LEU A 681 8.26 33.87 5.75
C LEU A 681 7.12 33.11 6.44
N THR A 682 7.46 32.30 7.45
CA THR A 682 6.51 31.34 7.99
C THR A 682 5.85 31.90 9.26
N GLY A 683 6.15 33.16 9.60
CA GLY A 683 5.41 33.88 10.61
C GLY A 683 5.89 33.56 12.04
N LEU A 684 7.17 33.20 12.17
CA LEU A 684 7.69 32.60 13.38
C LEU A 684 8.39 33.63 14.27
N LEU A 685 8.86 34.74 13.66
CA LEU A 685 9.67 35.70 14.40
C LEU A 685 8.78 36.77 15.03
N LYS A 686 9.17 37.23 16.24
CA LYS A 686 8.52 38.34 16.93
C LYS A 686 8.77 39.64 16.17
N PRO A 687 7.78 40.58 16.14
CA PRO A 687 7.89 41.80 15.32
C PRO A 687 8.99 42.78 15.74
N ASP A 688 9.73 42.42 16.80
CA ASP A 688 10.77 43.28 17.35
C ASP A 688 12.08 42.49 17.41
N SER A 689 12.09 41.30 16.81
CA SER A 689 13.32 40.53 16.74
C SER A 689 14.39 41.34 16.02
N PRO A 690 15.62 41.48 16.60
CA PRO A 690 16.75 42.05 15.87
C PRO A 690 17.16 41.19 14.67
N LYS A 691 16.86 39.89 14.77
CA LYS A 691 17.14 38.97 13.68
C LYS A 691 16.28 39.35 12.47
N LEU A 692 14.96 39.51 12.71
CA LEU A 692 13.99 39.93 11.72
C LEU A 692 14.49 41.17 10.98
N GLY A 693 15.01 42.15 11.74
CA GLY A 693 15.48 43.43 11.22
C GLY A 693 16.67 43.24 10.27
N LYS A 694 17.50 42.24 10.56
CA LYS A 694 18.62 41.95 9.66
C LYS A 694 18.08 41.31 8.38
N LEU A 695 17.01 40.50 8.54
CA LEU A 695 16.34 39.82 7.46
C LEU A 695 15.66 40.85 6.55
N LEU A 696 15.14 41.95 7.14
CA LEU A 696 14.52 43.02 6.38
C LEU A 696 15.57 43.74 5.52
N ALA A 697 16.79 43.84 6.05
CA ALA A 697 17.90 44.46 5.34
C ALA A 697 18.31 43.58 4.15
N LEU A 698 18.36 42.27 4.36
CA LEU A 698 18.68 41.33 3.31
C LEU A 698 17.61 41.40 2.21
N ILE A 699 16.33 41.42 2.61
CA ILE A 699 15.23 41.42 1.67
C ILE A 699 15.28 42.68 0.81
N GLY A 700 15.52 43.85 1.45
CA GLY A 700 15.49 45.14 0.77
C GLY A 700 16.73 45.42 -0.09
N ASP A 701 17.79 44.62 0.11
CA ASP A 701 19.11 44.86 -0.47
C ASP A 701 19.14 44.48 -1.94
N GLU A 702 19.27 45.49 -2.82
CA GLU A 702 19.22 45.30 -4.26
C GLU A 702 20.34 44.38 -4.72
N SER A 703 21.48 44.39 -3.99
CA SER A 703 22.65 43.68 -4.46
C SER A 703 22.55 42.21 -4.07
N GLU A 704 21.57 41.86 -3.21
CA GLU A 704 21.33 40.48 -2.82
C GLU A 704 20.04 39.95 -3.46
N LEU A 705 18.89 40.25 -2.85
CA LEU A 705 17.61 39.59 -3.15
C LEU A 705 16.67 40.47 -3.96
N TRP A 706 16.82 41.81 -3.89
CA TRP A 706 15.75 42.74 -4.29
C TRP A 706 15.94 43.17 -5.73
N SER A 707 15.07 42.67 -6.62
CA SER A 707 15.13 43.07 -8.03
C SER A 707 13.95 43.99 -8.28
N PRO A 708 13.92 44.71 -9.40
CA PRO A 708 12.76 45.54 -9.73
C PRO A 708 11.50 44.70 -9.89
N TYR A 709 11.66 43.37 -10.03
CA TYR A 709 10.54 42.52 -10.44
C TYR A 709 10.04 41.64 -9.29
N GLY A 710 10.71 41.73 -8.14
CA GLY A 710 10.38 40.91 -6.99
C GLY A 710 11.65 40.39 -6.32
N LEU A 711 11.47 39.57 -5.28
CA LEU A 711 12.61 38.98 -4.60
C LEU A 711 13.13 37.82 -5.44
N ARG A 712 14.44 37.81 -5.63
CA ARG A 712 15.18 36.76 -6.29
C ARG A 712 15.23 35.53 -5.37
N SER A 713 15.10 34.35 -5.96
CA SER A 713 15.10 33.10 -5.20
C SER A 713 16.45 32.92 -4.50
N LEU A 714 17.54 33.34 -5.17
CA LEU A 714 18.91 33.26 -4.66
C LEU A 714 19.61 34.61 -4.84
N SER A 715 20.61 34.93 -4.00
CA SER A 715 21.33 36.19 -4.11
C SER A 715 22.28 36.21 -5.32
N LYS A 716 22.44 37.40 -5.92
CA LYS A 716 23.38 37.59 -7.02
C LYS A 716 24.80 37.40 -6.50
N LYS A 717 24.96 37.52 -5.17
CA LYS A 717 26.26 37.35 -4.55
C LYS A 717 26.59 35.87 -4.39
N ASP A 718 25.58 35.02 -4.38
CA ASP A 718 25.82 33.61 -4.14
C ASP A 718 26.53 32.97 -5.33
N GLU A 719 27.53 32.15 -5.00
CA GLU A 719 28.32 31.45 -6.01
C GLU A 719 27.44 30.62 -6.93
N PHE A 720 26.23 30.25 -6.48
CA PHE A 720 25.38 29.38 -7.29
C PHE A 720 24.33 30.16 -8.09
N TYR A 721 24.40 31.50 -8.06
CA TYR A 721 23.47 32.32 -8.84
C TYR A 721 23.51 31.96 -10.33
N GLY A 722 22.33 31.69 -10.90
CA GLY A 722 22.21 31.45 -12.33
C GLY A 722 23.10 30.31 -12.81
N THR A 723 23.22 29.26 -12.02
CA THR A 723 23.95 28.07 -12.47
C THR A 723 22.98 26.92 -12.74
N ALA A 724 23.45 25.95 -13.53
CA ALA A 724 22.81 24.67 -13.77
C ALA A 724 21.49 24.92 -14.48
N GLU A 725 20.42 24.38 -13.92
CA GLU A 725 19.11 24.56 -14.54
C GLU A 725 18.53 25.88 -14.04
N ASN A 726 19.12 26.42 -12.98
CA ASN A 726 18.76 27.76 -12.54
C ASN A 726 17.25 27.85 -12.30
N TYR A 727 16.71 26.83 -11.62
CA TYR A 727 15.29 26.75 -11.37
C TYR A 727 14.96 27.65 -10.17
N TRP A 728 15.65 27.40 -9.05
CA TRP A 728 15.41 28.16 -7.84
C TRP A 728 16.69 28.92 -7.45
N ARG A 729 17.50 29.26 -8.46
CA ARG A 729 18.80 29.84 -8.19
C ARG A 729 18.88 31.27 -8.72
N SER A 730 17.73 31.97 -8.75
CA SER A 730 17.68 33.40 -9.09
C SER A 730 16.28 33.84 -9.50
N PRO A 731 15.51 33.04 -10.28
CA PRO A 731 14.22 33.53 -10.78
C PRO A 731 13.25 33.97 -9.67
N VAL A 732 12.31 34.85 -10.03
CA VAL A 732 11.35 35.34 -9.05
C VAL A 732 10.16 34.40 -9.08
N TRP A 733 9.76 33.90 -7.90
CA TRP A 733 8.67 32.95 -7.77
C TRP A 733 7.59 33.60 -6.92
N ILE A 734 6.35 33.52 -7.41
CA ILE A 734 5.28 34.32 -6.83
C ILE A 734 4.84 33.75 -5.47
N ASN A 735 4.97 32.43 -5.25
CA ASN A 735 4.44 31.86 -4.02
C ASN A 735 5.24 32.36 -2.80
N ILE A 736 6.58 32.36 -2.92
CA ILE A 736 7.44 32.80 -1.83
C ILE A 736 7.34 34.32 -1.67
N ASN A 737 7.25 35.05 -2.80
CA ASN A 737 7.04 36.50 -2.77
C ASN A 737 5.74 36.85 -2.08
N TYR A 738 4.70 36.02 -2.31
CA TYR A 738 3.43 36.20 -1.64
C TYR A 738 3.61 36.05 -0.12
N LEU A 739 4.42 35.07 0.32
CA LEU A 739 4.62 34.92 1.74
C LEU A 739 5.37 36.14 2.31
N ALA A 740 6.43 36.60 1.62
CA ALA A 740 7.13 37.82 2.01
C ALA A 740 6.15 38.99 2.18
N ILE A 741 5.25 39.16 1.20
CA ILE A 741 4.39 40.33 1.13
C ILE A 741 3.45 40.37 2.32
N VAL A 742 2.92 39.19 2.68
CA VAL A 742 2.01 38.99 3.79
C VAL A 742 2.72 39.28 5.12
N GLN A 743 3.96 38.78 5.27
CA GLN A 743 4.68 39.02 6.51
C GLN A 743 5.12 40.47 6.63
N LEU A 744 5.49 41.12 5.51
CA LEU A 744 5.86 42.53 5.56
C LEU A 744 4.66 43.35 6.05
N TYR A 745 3.48 43.03 5.49
CA TYR A 745 2.27 43.75 5.81
C TYR A 745 1.89 43.59 7.29
N ASN A 746 2.18 42.40 7.85
CA ASN A 746 1.88 42.10 9.24
C ASN A 746 2.69 43.04 10.13
N ILE A 747 3.99 43.09 9.87
CA ILE A 747 4.88 43.93 10.63
C ILE A 747 4.51 45.40 10.40
N ALA A 748 3.97 45.71 9.23
CA ALA A 748 3.67 47.10 8.89
C ALA A 748 2.42 47.61 9.62
N THR A 749 1.55 46.70 10.10
CA THR A 749 0.30 47.15 10.68
C THR A 749 0.29 46.90 12.20
N GLN A 750 1.46 47.07 12.82
CA GLN A 750 1.70 46.79 14.22
C GLN A 750 2.76 47.75 14.74
N ASP A 751 2.64 48.14 16.02
CA ASP A 751 3.67 48.93 16.68
C ASP A 751 4.95 48.10 16.76
N GLY A 752 6.09 48.70 16.39
CA GLY A 752 7.40 48.10 16.55
C GLY A 752 8.51 48.88 15.83
N PRO A 753 9.81 48.52 16.00
CA PRO A 753 10.92 49.26 15.40
C PRO A 753 11.05 49.18 13.87
N TYR A 754 10.31 48.26 13.24
CA TYR A 754 10.48 48.00 11.82
C TYR A 754 9.19 48.31 11.06
N LYS A 755 8.18 48.81 11.79
CA LYS A 755 6.90 49.15 11.21
C LYS A 755 7.06 49.88 9.87
N GLU A 756 7.89 50.95 9.85
CA GLU A 756 7.96 51.84 8.71
C GLU A 756 8.83 51.20 7.60
N THR A 757 9.91 50.51 8.00
CA THR A 757 10.72 49.74 7.05
C THR A 757 9.84 48.73 6.30
N ALA A 758 9.05 47.95 7.05
CA ALA A 758 8.11 46.99 6.47
C ALA A 758 7.11 47.67 5.53
N ARG A 759 6.52 48.78 5.98
CA ARG A 759 5.54 49.49 5.17
C ARG A 759 6.14 49.87 3.81
N ASP A 760 7.41 50.33 3.80
CA ASP A 760 8.01 50.70 2.53
C ASP A 760 8.20 49.45 1.65
N LEU A 761 8.84 48.41 2.21
CA LEU A 761 9.09 47.17 1.48
C LEU A 761 7.77 46.53 0.99
N TYR A 762 6.73 46.50 1.85
CA TYR A 762 5.43 45.94 1.50
C TYR A 762 4.89 46.64 0.25
N THR A 763 4.83 47.98 0.33
CA THR A 763 4.31 48.87 -0.70
C THR A 763 4.98 48.58 -2.04
N ARG A 764 6.32 48.55 -2.04
CA ARG A 764 7.13 48.38 -3.25
C ARG A 764 7.00 46.95 -3.78
N LEU A 765 7.12 45.96 -2.87
CA LEU A 765 7.13 44.56 -3.29
C LEU A 765 5.78 44.19 -3.89
N ARG A 766 4.69 44.60 -3.23
CA ARG A 766 3.36 44.35 -3.77
C ARG A 766 3.28 44.91 -5.18
N LYS A 767 3.75 46.17 -5.32
CA LYS A 767 3.72 46.87 -6.58
C LYS A 767 4.50 46.09 -7.63
N ASN A 768 5.75 45.69 -7.29
CA ASN A 768 6.69 45.07 -8.22
C ASN A 768 6.15 43.72 -8.72
N ILE A 769 5.74 42.87 -7.78
CA ILE A 769 5.19 41.55 -8.08
C ILE A 769 3.91 41.68 -8.92
N VAL A 770 2.96 42.51 -8.49
CA VAL A 770 1.75 42.64 -9.29
C VAL A 770 2.07 43.12 -10.70
N GLU A 771 2.91 44.15 -10.83
CA GLU A 771 3.14 44.76 -12.14
C GLU A 771 3.84 43.78 -13.08
N THR A 772 4.79 43.00 -12.54
CA THR A 772 5.55 42.06 -13.36
C THR A 772 4.61 41.02 -13.98
N VAL A 773 3.70 40.50 -13.15
CA VAL A 773 2.77 39.47 -13.58
C VAL A 773 1.73 40.09 -14.50
N TYR A 774 1.30 41.32 -14.19
CA TYR A 774 0.35 41.98 -15.06
C TYR A 774 0.95 42.28 -16.44
N ARG A 775 2.14 42.89 -16.45
CA ARG A 775 2.85 43.25 -17.67
C ARG A 775 3.00 42.01 -18.58
N ASN A 776 3.41 40.86 -17.99
CA ASN A 776 3.59 39.64 -18.77
C ASN A 776 2.25 39.13 -19.29
N TRP A 777 1.21 39.21 -18.48
CA TRP A 777 -0.12 38.77 -18.89
C TRP A 777 -0.57 39.63 -20.05
N GLU A 778 -0.39 40.94 -19.92
CA GLU A 778 -0.81 41.88 -20.95
C GLU A 778 -0.16 41.48 -22.27
N GLU A 779 1.15 41.20 -22.25
CA GLU A 779 1.85 41.01 -23.51
C GLU A 779 1.72 39.58 -24.07
N THR A 780 1.59 38.56 -23.19
CA THR A 780 1.68 37.17 -23.65
C THR A 780 0.33 36.45 -23.52
N GLY A 781 -0.60 37.02 -22.75
CA GLY A 781 -1.83 36.33 -22.40
C GLY A 781 -1.68 35.29 -21.29
N PHE A 782 -0.47 35.13 -20.73
CA PHE A 782 -0.22 33.98 -19.85
C PHE A 782 0.26 34.41 -18.48
N ALA A 783 -0.10 33.59 -17.49
CA ALA A 783 0.57 33.51 -16.20
C ALA A 783 1.77 32.61 -16.37
N TRP A 784 2.92 32.99 -15.83
CA TRP A 784 4.11 32.15 -15.93
C TRP A 784 4.48 31.57 -14.58
N GLU A 785 5.26 30.49 -14.63
CA GLU A 785 5.80 29.75 -13.49
C GLU A 785 6.74 30.61 -12.65
N GLN A 786 7.51 31.48 -13.30
CA GLN A 786 8.56 32.24 -12.63
C GLN A 786 8.96 33.40 -13.52
N TYR A 787 9.60 34.41 -12.95
CA TYR A 787 9.89 35.62 -13.70
C TYR A 787 11.36 35.99 -13.58
N ASN A 788 11.90 36.52 -14.68
CA ASN A 788 13.32 36.74 -14.83
C ASN A 788 13.69 38.03 -14.10
N PRO A 789 14.60 37.99 -13.09
CA PRO A 789 14.90 39.20 -12.30
C PRO A 789 15.70 40.29 -13.04
N GLU A 790 16.37 39.92 -14.14
CA GLU A 790 17.10 40.86 -14.98
C GLU A 790 16.16 41.54 -15.99
N THR A 791 15.29 40.75 -16.63
CA THR A 791 14.50 41.29 -17.73
C THR A 791 13.04 41.49 -17.34
N GLY A 792 12.60 40.79 -16.28
CA GLY A 792 11.20 40.86 -15.88
C GLY A 792 10.31 39.92 -16.71
N LYS A 793 10.93 39.15 -17.61
CA LYS A 793 10.16 38.28 -18.50
C LYS A 793 9.69 37.03 -17.77
N GLY A 794 8.45 36.63 -18.06
CA GLY A 794 8.00 35.31 -17.66
C GLY A 794 8.76 34.22 -18.41
N GLN A 795 9.07 33.13 -17.70
CA GLN A 795 9.88 32.06 -18.26
C GLN A 795 9.46 30.76 -17.59
N ARG A 796 10.02 29.62 -18.06
CA ARG A 796 9.50 28.28 -17.79
C ARG A 796 8.09 28.21 -18.34
N THR A 797 7.19 27.52 -17.63
CA THR A 797 5.94 27.16 -18.29
C THR A 797 4.90 28.26 -18.15
N GLN A 798 4.04 28.33 -19.18
CA GLN A 798 2.84 29.15 -19.20
C GLN A 798 1.64 28.35 -18.68
N HIS A 799 0.50 29.04 -18.55
CA HIS A 799 -0.72 28.46 -17.96
C HIS A 799 -0.47 28.04 -16.52
N PHE A 800 0.41 28.75 -15.83
CA PHE A 800 0.75 28.38 -14.48
C PHE A 800 -0.25 29.03 -13.50
N THR A 801 -1.45 28.45 -13.40
CA THR A 801 -2.47 28.95 -12.49
C THR A 801 -3.01 27.80 -11.63
N GLY A 802 -2.22 27.31 -10.67
CA GLY A 802 -0.87 27.78 -10.42
C GLY A 802 -0.87 28.93 -9.41
N TRP A 803 0.15 28.93 -8.53
CA TRP A 803 0.23 29.88 -7.43
C TRP A 803 0.55 31.30 -7.92
N THR A 804 0.93 31.43 -9.21
CA THR A 804 1.06 32.75 -9.79
C THR A 804 -0.23 33.56 -9.59
N SER A 805 -1.39 32.89 -9.67
CA SER A 805 -2.68 33.53 -9.43
C SER A 805 -2.81 34.15 -8.02
N LEU A 806 -1.82 33.94 -7.12
CA LEU A 806 -1.92 34.57 -5.80
C LEU A 806 -2.00 36.10 -5.95
N VAL A 807 -1.72 36.55 -7.16
CA VAL A 807 -1.60 37.96 -7.44
CA VAL A 807 -1.61 37.97 -7.45
C VAL A 807 -2.96 38.67 -7.21
N VAL A 808 -4.08 37.94 -7.39
CA VAL A 808 -5.39 38.48 -7.12
CA VAL A 808 -5.38 38.52 -7.13
C VAL A 808 -5.49 38.89 -5.66
N LYS A 809 -4.92 38.06 -4.78
CA LYS A 809 -5.01 38.31 -3.37
C LYS A 809 -4.05 39.43 -2.98
N ILE A 810 -2.87 39.47 -3.62
CA ILE A 810 -1.92 40.54 -3.35
C ILE A 810 -2.57 41.89 -3.69
N MET A 811 -3.26 41.95 -4.83
CA MET A 811 -3.92 43.19 -5.23
C MET A 811 -5.02 43.56 -4.25
N SER A 812 -5.72 42.54 -3.75
CA SER A 812 -6.86 42.68 -2.86
C SER A 812 -6.46 43.30 -1.52
N GLY A 813 -5.31 42.86 -0.97
CA GLY A 813 -4.73 43.45 0.23
C GLY A 813 -5.49 43.08 1.50
N HIS A 814 -5.59 44.05 2.44
CA HIS A 814 -6.19 43.92 3.76
C HIS A 814 -6.02 42.50 4.31
N HIS A 815 -4.76 42.08 4.51
CA HIS A 815 -4.45 40.76 5.06
C HIS A 815 -4.84 40.69 6.56
N GLU B 35 30.50 -35.22 7.80
CA GLU B 35 31.96 -35.61 7.77
C GLU B 35 32.07 -37.13 7.60
N SER B 36 31.25 -37.89 8.34
CA SER B 36 31.16 -39.32 8.13
C SER B 36 30.38 -39.61 6.84
N ILE B 37 30.89 -40.58 6.08
CA ILE B 37 30.32 -41.02 4.82
C ILE B 37 28.84 -41.30 5.01
N LEU B 38 28.47 -41.95 6.11
CA LEU B 38 27.09 -42.34 6.33
C LEU B 38 26.22 -41.12 6.59
N HIS B 39 26.68 -40.24 7.47
CA HIS B 39 25.89 -39.05 7.78
C HIS B 39 25.70 -38.22 6.51
N SER B 40 26.77 -38.01 5.74
CA SER B 40 26.66 -37.30 4.48
C SER B 40 25.58 -37.96 3.61
N GLU B 41 25.69 -39.29 3.45
CA GLU B 41 24.85 -40.00 2.50
C GLU B 41 23.38 -39.87 2.89
N ILE B 42 23.09 -39.99 4.19
CA ILE B 42 21.71 -39.85 4.62
C ILE B 42 21.25 -38.42 4.39
N GLY B 43 22.12 -37.45 4.71
CA GLY B 43 21.84 -36.07 4.37
C GLY B 43 21.44 -35.92 2.89
N ARG B 44 22.22 -36.56 2.00
CA ARG B 44 21.97 -36.50 0.56
C ARG B 44 20.60 -37.10 0.26
N LEU B 45 20.23 -38.18 0.94
CA LEU B 45 19.03 -38.91 0.56
C LEU B 45 17.81 -38.15 1.07
N ASN B 46 18.00 -37.51 2.21
CA ASN B 46 16.97 -36.64 2.76
C ASN B 46 16.72 -35.45 1.84
N ASN B 47 17.81 -34.83 1.41
CA ASN B 47 17.84 -33.65 0.58
C ASN B 47 17.07 -33.96 -0.71
N GLN B 48 17.34 -35.12 -1.31
CA GLN B 48 16.69 -35.47 -2.57
C GLN B 48 15.22 -35.82 -2.33
N SER B 49 14.94 -36.43 -1.17
N SER B 49 14.94 -36.44 -1.17
CA SER B 49 13.59 -36.86 -0.82
CA SER B 49 13.59 -36.86 -0.82
C SER B 49 12.69 -35.63 -0.65
C SER B 49 12.69 -35.63 -0.65
N LEU B 50 13.24 -34.57 -0.03
CA LEU B 50 12.44 -33.46 0.46
C LEU B 50 12.46 -32.25 -0.50
N LEU B 51 13.29 -32.32 -1.55
CA LEU B 51 13.56 -31.17 -2.41
C LEU B 51 12.28 -30.50 -2.92
N TRP B 52 11.38 -31.29 -3.50
CA TRP B 52 10.21 -30.74 -4.15
C TRP B 52 9.06 -30.76 -3.16
N GLY B 53 8.25 -29.70 -3.17
CA GLY B 53 6.94 -29.80 -2.57
C GLY B 53 6.11 -28.58 -2.88
N PRO B 54 4.87 -28.49 -2.38
CA PRO B 54 4.06 -27.29 -2.55
C PRO B 54 4.51 -26.29 -1.49
N TYR B 55 5.80 -25.95 -1.50
CA TYR B 55 6.44 -25.32 -0.36
C TYR B 55 6.13 -23.81 -0.31
N ARG B 56 4.90 -23.44 -0.67
CA ARG B 56 4.50 -22.05 -0.77
C ARG B 56 3.19 -21.89 -0.04
N PRO B 57 3.21 -22.00 1.29
CA PRO B 57 1.98 -22.02 2.08
C PRO B 57 1.23 -20.68 2.07
N ASN B 58 1.92 -19.60 1.64
CA ASN B 58 1.31 -18.27 1.64
C ASN B 58 0.29 -18.13 0.51
N ILE B 59 0.32 -19.05 -0.47
CA ILE B 59 -0.70 -19.03 -1.52
C ILE B 59 -1.51 -20.32 -1.48
N TYR B 60 -2.71 -20.26 -2.06
CA TYR B 60 -3.61 -21.40 -2.22
C TYR B 60 -2.88 -22.62 -2.78
N PHE B 61 -2.19 -22.48 -3.90
CA PHE B 61 -1.50 -23.63 -4.48
C PHE B 61 -0.37 -23.19 -5.40
N GLY B 62 0.80 -23.74 -5.14
CA GLY B 62 1.95 -23.53 -6.02
C GLY B 62 3.08 -24.40 -5.54
N THR B 63 4.17 -24.45 -6.31
CA THR B 63 5.26 -25.31 -5.89
C THR B 63 6.57 -24.55 -6.01
N ARG B 64 7.58 -25.05 -5.28
CA ARG B 64 8.97 -24.67 -5.46
C ARG B 64 9.85 -25.73 -4.81
N PRO B 65 11.11 -25.88 -5.26
CA PRO B 65 12.05 -26.77 -4.58
C PRO B 65 12.73 -25.98 -3.47
N ARG B 66 13.51 -26.68 -2.64
CA ARG B 66 14.22 -26.04 -1.58
C ARG B 66 15.51 -25.46 -2.13
N ILE B 67 15.36 -24.55 -3.11
CA ILE B 67 16.48 -23.84 -3.72
C ILE B 67 16.09 -22.38 -3.80
N GLY B 68 17.00 -21.52 -3.33
CA GLY B 68 16.76 -20.09 -3.26
C GLY B 68 16.25 -19.52 -4.59
N LYS B 69 17.01 -19.79 -5.66
CA LYS B 69 16.73 -19.20 -6.95
C LYS B 69 16.52 -20.33 -7.93
N SER B 70 15.27 -20.53 -8.33
CA SER B 70 14.92 -21.69 -9.12
C SER B 70 13.48 -21.55 -9.63
N LEU B 71 12.91 -22.67 -10.05
CA LEU B 71 11.61 -22.70 -10.70
C LEU B 71 10.51 -22.71 -9.64
N MET B 72 9.49 -21.83 -9.80
CA MET B 72 8.36 -21.76 -8.88
C MET B 72 7.05 -21.78 -9.66
N THR B 73 5.97 -22.27 -9.04
CA THR B 73 4.68 -22.20 -9.70
C THR B 73 3.64 -21.60 -8.77
N GLY B 74 2.49 -21.20 -9.35
CA GLY B 74 1.34 -20.76 -8.58
C GLY B 74 0.05 -20.75 -9.42
N LEU B 75 -1.07 -20.96 -8.73
CA LEU B 75 -2.41 -21.11 -9.31
C LEU B 75 -3.26 -19.89 -8.98
N MET B 76 -3.95 -19.37 -9.98
CA MET B 76 -4.98 -18.41 -9.66
C MET B 76 -6.26 -18.78 -10.41
N TRP B 77 -7.39 -18.33 -9.88
CA TRP B 77 -8.66 -18.57 -10.54
C TRP B 77 -9.62 -17.48 -10.12
N GLY B 78 -10.64 -17.25 -10.96
CA GLY B 78 -11.72 -16.37 -10.58
C GLY B 78 -12.82 -16.43 -11.63
N LYS B 79 -14.07 -16.24 -11.17
CA LYS B 79 -15.19 -16.12 -12.09
C LYS B 79 -15.07 -14.78 -12.81
N ILE B 80 -15.59 -14.70 -14.02
CA ILE B 80 -15.66 -13.42 -14.70
C ILE B 80 -17.07 -13.23 -15.24
N GLU B 81 -17.68 -12.11 -14.86
CA GLU B 81 -19.02 -11.81 -15.32
C GLU B 81 -19.04 -10.47 -16.06
N SER B 82 -18.03 -9.62 -15.86
CA SER B 82 -18.07 -8.25 -16.38
C SER B 82 -16.68 -7.81 -16.80
N TYR B 83 -16.57 -6.57 -17.27
CA TYR B 83 -15.32 -6.02 -17.74
C TYR B 83 -14.42 -5.60 -16.57
N THR B 84 -14.96 -5.59 -15.34
CA THR B 84 -14.23 -4.99 -14.23
C THR B 84 -14.23 -5.88 -12.98
N ASP B 85 -14.78 -7.10 -13.06
CA ASP B 85 -15.01 -7.88 -11.85
C ASP B 85 -13.82 -8.78 -11.52
N PHE B 86 -13.09 -9.25 -12.54
CA PHE B 86 -12.08 -10.28 -12.34
C PHE B 86 -11.07 -9.85 -11.26
N GLN B 87 -10.74 -8.56 -11.23
CA GLN B 87 -9.76 -8.01 -10.31
C GLN B 87 -10.21 -8.24 -8.85
N HIS B 88 -11.53 -8.39 -8.62
CA HIS B 88 -12.08 -8.55 -7.28
C HIS B 88 -12.26 -10.03 -6.92
N THR B 89 -12.39 -10.89 -7.94
CA THR B 89 -12.77 -12.29 -7.73
C THR B 89 -11.53 -13.19 -7.71
N VAL B 90 -10.47 -12.78 -8.43
CA VAL B 90 -9.31 -13.61 -8.64
C VAL B 90 -8.72 -14.04 -7.28
N ARG B 91 -8.28 -15.30 -7.19
CA ARG B 91 -7.66 -15.85 -5.99
C ARG B 91 -6.20 -16.14 -6.28
N TYR B 92 -5.34 -15.84 -5.30
CA TYR B 92 -3.92 -16.16 -5.38
C TYR B 92 -3.35 -16.43 -3.98
N THR B 93 -3.14 -15.34 -3.20
CA THR B 93 -2.65 -15.33 -1.83
C THR B 93 -3.75 -15.84 -0.89
N CYS B 94 -3.35 -16.62 0.11
CA CYS B 94 -4.28 -17.10 1.12
C CYS B 94 -4.85 -15.92 1.93
N GLU B 95 -6.19 -15.92 2.08
CA GLU B 95 -6.93 -15.03 2.96
C GLU B 95 -7.97 -15.83 3.74
N GLN B 96 -8.73 -15.17 4.62
CA GLN B 96 -9.90 -15.80 5.21
C GLN B 96 -10.92 -14.71 5.56
N ASN B 97 -12.09 -14.77 4.92
CA ASN B 97 -13.15 -13.78 5.01
C ASN B 97 -14.47 -14.47 4.63
N GLU B 98 -15.57 -13.70 4.61
CA GLU B 98 -16.91 -14.18 4.31
C GLU B 98 -16.95 -14.94 2.97
N GLY B 99 -16.17 -14.49 1.97
CA GLY B 99 -16.21 -15.02 0.62
C GLY B 99 -15.54 -16.39 0.50
N MET B 100 -14.79 -16.82 1.55
CA MET B 100 -14.23 -18.16 1.58
C MET B 100 -14.84 -18.96 2.71
N LYS B 101 -15.37 -20.15 2.38
CA LYS B 101 -15.94 -21.03 3.40
C LYS B 101 -14.80 -21.57 4.25
N GLY B 102 -13.80 -22.12 3.55
CA GLY B 102 -12.61 -22.70 4.16
C GLY B 102 -11.75 -23.37 3.09
N TYR B 103 -10.63 -23.97 3.54
CA TYR B 103 -9.66 -24.65 2.70
C TYR B 103 -8.59 -25.26 3.59
N GLY B 104 -7.88 -26.24 3.03
CA GLY B 104 -6.78 -26.86 3.74
C GLY B 104 -6.53 -28.26 3.21
N TRP B 105 -5.54 -28.91 3.81
CA TRP B 105 -5.10 -30.20 3.33
C TRP B 105 -5.90 -31.29 4.04
N ASP B 106 -6.49 -32.21 3.26
CA ASP B 106 -7.26 -33.31 3.83
C ASP B 106 -6.29 -34.35 4.34
N GLU B 107 -5.12 -34.38 3.70
CA GLU B 107 -4.10 -35.38 3.89
C GLU B 107 -2.81 -34.84 3.28
N TYR B 108 -1.67 -35.11 3.92
CA TYR B 108 -0.42 -34.61 3.39
C TYR B 108 0.77 -35.24 4.09
N ASP B 109 1.81 -35.44 3.28
CA ASP B 109 3.09 -35.90 3.72
C ASP B 109 4.12 -35.34 2.75
N PRO B 110 5.10 -34.55 3.24
CA PRO B 110 5.99 -33.81 2.36
C PRO B 110 6.84 -34.69 1.45
N ARG B 111 7.06 -35.94 1.85
CA ARG B 111 7.82 -36.86 1.00
C ARG B 111 6.94 -37.39 -0.14
N ARG B 112 5.62 -37.45 0.04
CA ARG B 112 4.80 -38.19 -0.89
C ARG B 112 3.80 -37.28 -1.59
N GLY B 113 3.31 -36.27 -0.86
CA GLY B 113 2.30 -35.38 -1.41
C GLY B 113 1.01 -35.40 -0.60
N GLY B 114 -0.08 -34.99 -1.25
CA GLY B 114 -1.37 -34.95 -0.61
C GLY B 114 -2.41 -34.26 -1.47
N ILE B 115 -3.50 -33.86 -0.81
CA ILE B 115 -4.71 -33.37 -1.46
C ILE B 115 -5.23 -32.21 -0.63
N GLN B 116 -5.49 -31.07 -1.30
CA GLN B 116 -6.03 -29.90 -0.63
C GLN B 116 -7.44 -29.67 -1.14
N SER B 117 -8.30 -29.13 -0.27
CA SER B 117 -9.67 -28.81 -0.62
C SER B 117 -9.92 -27.32 -0.42
N ILE B 118 -10.57 -26.68 -1.40
CA ILE B 118 -10.79 -25.24 -1.32
C ILE B 118 -12.26 -24.95 -1.61
N HIS B 119 -12.93 -24.32 -0.63
CA HIS B 119 -14.35 -24.00 -0.71
C HIS B 119 -14.52 -22.48 -0.83
N ASP B 120 -14.72 -22.04 -2.06
CA ASP B 120 -14.76 -20.63 -2.40
C ASP B 120 -16.21 -20.24 -2.65
N ILE B 121 -16.76 -19.39 -1.79
CA ILE B 121 -18.16 -19.02 -1.92
C ILE B 121 -18.28 -17.94 -2.99
N GLN B 122 -17.38 -16.94 -2.95
CA GLN B 122 -17.40 -15.85 -3.92
C GLN B 122 -17.37 -16.41 -5.35
N ASN B 123 -16.52 -17.40 -5.62
CA ASN B 123 -16.38 -17.92 -6.98
C ASN B 123 -17.24 -19.18 -7.21
N GLY B 124 -18.04 -19.55 -6.21
CA GLY B 124 -19.02 -20.61 -6.33
C GLY B 124 -18.39 -21.94 -6.76
N LEU B 125 -17.25 -22.28 -6.15
CA LEU B 125 -16.38 -23.33 -6.66
C LEU B 125 -15.81 -24.13 -5.49
N ASP B 126 -15.82 -25.45 -5.64
CA ASP B 126 -15.13 -26.37 -4.74
C ASP B 126 -13.97 -26.96 -5.52
N ILE B 127 -12.75 -26.74 -5.03
CA ILE B 127 -11.59 -27.09 -5.80
C ILE B 127 -10.78 -28.10 -5.00
N THR B 128 -10.22 -29.10 -5.69
CA THR B 128 -9.24 -29.92 -5.03
C THR B 128 -7.91 -29.78 -5.78
N THR B 129 -6.81 -29.72 -5.05
CA THR B 129 -5.50 -29.70 -5.67
C THR B 129 -4.74 -30.90 -5.13
N SER B 130 -4.54 -31.91 -5.98
N SER B 130 -4.61 -31.92 -5.97
CA SER B 130 -3.83 -33.09 -5.56
CA SER B 130 -3.84 -33.10 -5.64
C SER B 130 -2.41 -33.08 -6.12
C SER B 130 -2.39 -32.85 -6.07
N PHE B 131 -1.44 -33.29 -5.23
CA PHE B 131 -0.02 -33.17 -5.53
C PHE B 131 0.68 -34.48 -5.20
N VAL B 132 1.55 -34.96 -6.10
CA VAL B 132 2.25 -36.21 -5.86
C VAL B 132 3.70 -36.05 -6.28
N LYS B 133 4.59 -36.71 -5.54
CA LYS B 133 6.02 -36.76 -5.86
C LYS B 133 6.38 -38.15 -6.40
N ILE B 134 7.33 -38.20 -7.33
CA ILE B 134 7.72 -39.43 -7.99
C ILE B 134 9.23 -39.47 -8.03
N PRO B 135 9.86 -40.29 -7.16
CA PRO B 135 11.32 -40.37 -7.08
C PRO B 135 11.92 -40.90 -8.38
N GLY B 136 13.14 -40.47 -8.66
CA GLY B 136 13.80 -40.77 -9.93
C GLY B 136 14.86 -39.74 -10.27
N GLY B 137 16.05 -40.22 -10.61
CA GLY B 137 17.10 -39.35 -11.09
C GLY B 137 17.86 -38.68 -9.96
N ALA B 138 18.58 -37.60 -10.30
CA ALA B 138 19.61 -37.02 -9.45
C ALA B 138 19.22 -35.61 -9.03
N HIS B 139 17.98 -35.19 -9.30
CA HIS B 139 17.66 -33.77 -9.11
C HIS B 139 16.41 -33.61 -8.26
N GLY B 140 16.13 -34.61 -7.41
CA GLY B 140 15.01 -34.51 -6.50
C GLY B 140 13.69 -35.02 -7.08
N GLY B 141 13.77 -35.66 -8.25
CA GLY B 141 12.68 -36.45 -8.79
C GLY B 141 11.65 -35.59 -9.53
N SER B 142 10.44 -36.16 -9.69
CA SER B 142 9.42 -35.58 -10.54
C SER B 142 8.19 -35.33 -9.68
N TRP B 143 7.21 -34.61 -10.24
CA TRP B 143 5.97 -34.35 -9.51
C TRP B 143 4.82 -34.08 -10.48
N ALA B 144 3.61 -34.10 -9.96
CA ALA B 144 2.41 -33.90 -10.78
C ALA B 144 1.33 -33.32 -9.88
N ALA B 145 0.40 -32.57 -10.48
CA ALA B 145 -0.74 -32.03 -9.73
C ALA B 145 -1.97 -32.11 -10.60
N ARG B 146 -3.11 -32.43 -10.00
CA ARG B 146 -4.38 -32.32 -10.66
C ARG B 146 -5.16 -31.21 -9.98
N ILE B 147 -5.66 -30.28 -10.81
CA ILE B 147 -6.50 -29.19 -10.40
C ILE B 147 -7.92 -29.49 -10.86
N LYS B 148 -8.84 -29.56 -9.90
CA LYS B 148 -10.20 -29.91 -10.24
C LYS B 148 -11.17 -28.90 -9.63
N GLY B 149 -11.94 -28.23 -10.49
CA GLY B 149 -12.99 -27.35 -10.04
C GLY B 149 -14.40 -27.86 -10.37
N THR B 150 -15.31 -27.70 -9.39
CA THR B 150 -16.69 -28.17 -9.45
C THR B 150 -17.57 -27.10 -8.82
N LEU B 151 -18.52 -26.56 -9.60
CA LEU B 151 -19.39 -25.47 -9.18
C LEU B 151 -20.33 -25.98 -8.09
N ASN B 152 -20.50 -25.19 -7.02
CA ASN B 152 -21.52 -25.49 -6.02
C ASN B 152 -22.90 -25.28 -6.66
N ASP B 153 -23.95 -25.60 -5.91
CA ASP B 153 -25.32 -25.57 -6.44
C ASP B 153 -25.80 -24.15 -6.70
N ASP B 154 -25.19 -23.16 -6.01
CA ASP B 154 -25.65 -21.77 -6.05
C ASP B 154 -25.07 -21.03 -7.25
N ALA B 155 -24.06 -21.61 -7.90
CA ALA B 155 -23.38 -20.93 -9.00
C ALA B 155 -24.17 -21.12 -10.29
N PRO B 156 -24.21 -20.11 -11.17
CA PRO B 156 -24.82 -20.29 -12.48
C PRO B 156 -24.08 -21.42 -13.21
N LYS B 157 -24.83 -22.37 -13.77
CA LYS B 157 -24.26 -23.59 -14.34
C LYS B 157 -23.34 -23.24 -15.52
N ASP B 158 -23.50 -22.05 -16.07
CA ASP B 158 -22.72 -21.63 -17.24
C ASP B 158 -21.63 -20.63 -16.82
N GLN B 159 -21.31 -20.55 -15.51
CA GLN B 159 -20.31 -19.60 -15.05
C GLN B 159 -19.02 -19.78 -15.83
N LYS B 160 -18.37 -18.66 -16.19
CA LYS B 160 -17.06 -18.73 -16.82
C LYS B 160 -16.00 -18.48 -15.75
N THR B 161 -15.05 -19.43 -15.61
CA THR B 161 -13.97 -19.32 -14.65
C THR B 161 -12.64 -19.20 -15.37
N ILE B 162 -11.86 -18.16 -15.05
CA ILE B 162 -10.49 -18.09 -15.56
C ILE B 162 -9.59 -18.83 -14.58
N VAL B 163 -8.65 -19.61 -15.14
CA VAL B 163 -7.64 -20.29 -14.37
C VAL B 163 -6.27 -19.94 -14.95
N VAL B 164 -5.34 -19.54 -14.08
CA VAL B 164 -3.98 -19.25 -14.51
C VAL B 164 -3.01 -20.14 -13.74
N PHE B 165 -2.15 -20.83 -14.50
CA PHE B 165 -0.96 -21.46 -13.96
C PHE B 165 0.24 -20.59 -14.33
N TYR B 166 0.88 -20.04 -13.30
CA TYR B 166 1.97 -19.10 -13.45
C TYR B 166 3.29 -19.79 -13.09
N VAL B 167 4.29 -19.66 -13.97
CA VAL B 167 5.55 -20.34 -13.77
C VAL B 167 6.66 -19.30 -13.87
N SER B 168 7.57 -19.32 -12.91
CA SER B 168 8.69 -18.40 -12.98
C SER B 168 9.98 -19.17 -12.70
N GLN B 169 11.12 -18.67 -13.22
CA GLN B 169 12.41 -19.28 -12.92
C GLN B 169 13.49 -18.23 -12.76
N GLU B 170 14.07 -18.22 -11.57
CA GLU B 170 15.13 -17.29 -11.19
C GLU B 170 16.44 -18.05 -11.21
N GLY B 171 17.53 -17.33 -11.46
CA GLY B 171 18.86 -17.89 -11.26
C GLY B 171 19.62 -17.98 -12.57
N GLU B 172 20.96 -17.81 -12.48
CA GLU B 172 21.84 -17.71 -13.63
C GLU B 172 21.93 -19.07 -14.35
N ASN B 173 22.32 -19.00 -15.63
CA ASN B 173 22.60 -20.17 -16.45
C ASN B 173 21.41 -21.11 -16.44
N SER B 174 20.23 -20.57 -16.80
CA SER B 174 19.01 -21.32 -16.73
C SER B 174 18.04 -20.92 -17.85
N GLU B 175 17.43 -21.92 -18.49
CA GLU B 175 16.59 -21.68 -19.65
C GLU B 175 15.18 -22.13 -19.31
N LEU B 176 14.20 -21.48 -19.94
CA LEU B 176 12.86 -22.02 -19.90
C LEU B 176 12.11 -21.49 -21.13
N GLU B 177 11.29 -22.36 -21.72
CA GLU B 177 10.75 -22.11 -23.04
C GLU B 177 9.45 -22.89 -23.22
N ALA B 178 8.40 -22.19 -23.67
CA ALA B 178 7.15 -22.85 -24.05
C ALA B 178 7.26 -23.31 -25.49
N VAL B 179 6.86 -24.55 -25.75
CA VAL B 179 6.87 -25.10 -27.10
C VAL B 179 5.67 -24.49 -27.84
N PRO B 180 5.87 -23.83 -29.03
CA PRO B 180 4.76 -23.24 -29.79
C PRO B 180 3.68 -24.27 -30.09
N SER B 181 2.43 -23.81 -30.16
CA SER B 181 1.38 -24.70 -30.61
C SER B 181 1.42 -24.83 -32.14
N GLU B 182 0.55 -25.70 -32.67
CA GLU B 182 0.50 -25.93 -34.10
C GLU B 182 -0.78 -25.32 -34.66
N ASN B 183 -1.33 -24.32 -33.93
CA ASN B 183 -2.58 -23.64 -34.24
C ASN B 183 -2.43 -22.13 -34.06
N GLU B 184 -3.39 -21.36 -34.57
CA GLU B 184 -3.16 -19.96 -34.86
C GLU B 184 -3.08 -19.13 -33.57
N PHE B 185 -4.09 -19.26 -32.70
CA PHE B 185 -4.29 -18.30 -31.63
C PHE B 185 -4.09 -18.95 -30.25
N GLY B 186 -3.52 -20.15 -30.22
CA GLY B 186 -3.36 -20.85 -28.95
C GLY B 186 -3.32 -22.37 -29.12
N TYR B 187 -3.74 -23.07 -28.07
CA TYR B 187 -3.44 -24.49 -27.94
C TYR B 187 -4.74 -25.28 -27.88
N GLU B 188 -4.82 -26.30 -28.73
CA GLU B 188 -5.86 -27.30 -28.67
C GLU B 188 -5.51 -28.34 -27.60
N GLY B 189 -4.20 -28.60 -27.42
CA GLY B 189 -3.76 -29.71 -26.57
C GLY B 189 -3.02 -29.27 -25.32
N ASP B 190 -1.90 -29.94 -25.07
CA ASP B 190 -1.05 -29.72 -23.90
C ASP B 190 -0.18 -28.51 -24.17
N VAL B 191 0.13 -27.75 -23.11
CA VAL B 191 1.22 -26.79 -23.16
C VAL B 191 2.44 -27.48 -22.57
N ILE B 192 3.55 -27.42 -23.32
CA ILE B 192 4.82 -27.99 -22.92
C ILE B 192 5.84 -26.88 -22.72
N LEU B 193 6.40 -26.81 -21.50
CA LEU B 193 7.55 -25.98 -21.18
C LEU B 193 8.75 -26.91 -21.04
N LYS B 194 9.87 -26.57 -21.72
CA LYS B 194 11.15 -27.24 -21.57
C LYS B 194 12.16 -26.26 -20.96
N GLY B 195 12.88 -26.73 -19.94
CA GLY B 195 13.82 -25.89 -19.22
C GLY B 195 14.99 -26.69 -18.66
N ARG B 196 15.96 -25.96 -18.11
CA ARG B 196 17.21 -26.51 -17.62
C ARG B 196 17.77 -25.53 -16.61
N SER B 197 18.34 -26.04 -15.52
CA SER B 197 19.22 -25.25 -14.67
C SER B 197 20.27 -26.19 -14.10
N GLU B 198 21.30 -25.65 -13.45
CA GLU B 198 22.30 -26.48 -12.76
C GLU B 198 21.57 -27.34 -11.74
N ALA B 199 20.72 -26.67 -10.94
CA ALA B 199 20.01 -27.28 -9.83
C ALA B 199 19.13 -28.42 -10.35
N LEU B 200 18.39 -28.18 -11.43
CA LEU B 200 17.36 -29.12 -11.82
C LEU B 200 17.77 -30.01 -12.99
N GLY B 201 18.93 -29.76 -13.63
CA GLY B 201 19.23 -30.41 -14.91
C GLY B 201 18.17 -30.04 -15.96
N ASN B 202 17.89 -30.96 -16.90
CA ASN B 202 16.82 -30.77 -17.85
C ASN B 202 15.51 -31.25 -17.24
N TYR B 203 14.41 -30.60 -17.63
CA TYR B 203 13.12 -31.02 -17.13
C TYR B 203 12.08 -30.55 -18.13
N LYS B 204 10.87 -31.08 -17.95
CA LYS B 204 9.74 -30.78 -18.79
C LYS B 204 8.58 -30.49 -17.85
N LEU B 205 7.87 -29.39 -18.07
CA LEU B 205 6.68 -29.09 -17.29
C LEU B 205 5.52 -28.91 -18.26
N VAL B 206 4.48 -29.72 -18.07
CA VAL B 206 3.36 -29.82 -18.98
C VAL B 206 2.09 -29.35 -18.27
N VAL B 207 1.30 -28.49 -18.92
CA VAL B 207 -0.06 -28.23 -18.48
C VAL B 207 -1.03 -28.87 -19.48
N THR B 208 -1.82 -29.83 -18.99
CA THR B 208 -2.57 -30.68 -19.89
C THR B 208 -3.81 -29.95 -20.37
N LYS B 209 -4.37 -30.46 -21.47
CA LYS B 209 -5.53 -29.88 -22.13
C LYS B 209 -6.62 -29.68 -21.08
N GLY B 210 -6.86 -30.76 -20.33
CA GLY B 210 -7.87 -30.79 -19.28
C GLY B 210 -9.21 -31.26 -19.82
N LYS B 211 -10.18 -31.40 -18.93
CA LYS B 211 -11.54 -31.73 -19.31
C LYS B 211 -12.40 -30.53 -18.93
N GLY B 212 -13.43 -30.26 -19.75
CA GLY B 212 -14.39 -29.20 -19.47
C GLY B 212 -14.69 -28.37 -20.72
N VAL B 213 -15.87 -27.76 -20.72
CA VAL B 213 -16.34 -26.93 -21.81
C VAL B 213 -15.49 -25.65 -21.87
N ILE B 214 -14.97 -25.36 -23.07
CA ILE B 214 -14.28 -24.12 -23.35
C ILE B 214 -15.24 -23.20 -24.11
N PRO B 215 -15.69 -22.06 -23.53
CA PRO B 215 -16.70 -21.23 -24.20
C PRO B 215 -16.11 -20.72 -25.52
N GLN B 216 -16.99 -20.50 -26.50
CA GLN B 216 -16.54 -20.09 -27.81
C GLN B 216 -17.15 -18.73 -28.11
N SER B 217 -16.37 -17.84 -28.73
CA SER B 217 -16.91 -16.55 -29.14
C SER B 217 -17.07 -16.45 -30.66
N ASP B 218 -18.20 -15.87 -31.07
CA ASP B 218 -18.45 -15.56 -32.47
C ASP B 218 -18.40 -14.05 -32.70
N HIS B 219 -17.89 -13.29 -31.72
CA HIS B 219 -17.62 -11.87 -31.88
C HIS B 219 -16.52 -11.65 -32.91
N ASP B 220 -16.54 -10.48 -33.54
CA ASP B 220 -15.57 -10.14 -34.57
C ASP B 220 -14.15 -10.15 -33.99
N LEU B 221 -14.04 -9.95 -32.66
CA LEU B 221 -12.75 -9.95 -32.00
C LEU B 221 -12.07 -11.31 -32.15
N SER B 222 -12.87 -12.37 -32.39
CA SER B 222 -12.34 -13.72 -32.56
C SER B 222 -11.32 -13.78 -33.70
N ARG B 223 -11.40 -12.84 -34.65
CA ARG B 223 -10.58 -12.86 -35.86
C ARG B 223 -9.14 -12.53 -35.51
N LEU B 224 -8.97 -11.76 -34.43
CA LEU B 224 -7.65 -11.37 -33.99
C LEU B 224 -7.18 -12.31 -32.87
N ARG B 225 -8.14 -12.80 -32.05
CA ARG B 225 -7.82 -13.42 -30.78
C ARG B 225 -8.25 -14.89 -30.73
N GLY B 226 -8.86 -15.39 -31.81
CA GLY B 226 -9.34 -16.76 -31.87
C GLY B 226 -10.69 -16.88 -31.17
N PRO B 227 -11.42 -18.01 -31.36
CA PRO B 227 -12.76 -18.14 -30.80
C PRO B 227 -12.75 -18.45 -29.29
N GLY B 228 -11.56 -18.71 -28.75
CA GLY B 228 -11.40 -19.07 -27.35
C GLY B 228 -10.57 -20.35 -27.19
N GLN B 229 -9.45 -20.25 -26.48
CA GLN B 229 -8.50 -21.36 -26.38
C GLN B 229 -7.45 -21.10 -25.29
N THR B 230 -6.80 -22.17 -24.87
CA THR B 230 -5.65 -22.09 -23.97
C THR B 230 -4.57 -21.23 -24.62
N VAL B 231 -3.99 -20.33 -23.84
CA VAL B 231 -2.94 -19.46 -24.36
C VAL B 231 -1.75 -19.45 -23.39
N VAL B 232 -0.58 -19.10 -23.91
CA VAL B 232 0.62 -18.92 -23.13
C VAL B 232 1.27 -17.61 -23.51
N GLN B 233 1.76 -16.87 -22.50
CA GLN B 233 2.65 -15.73 -22.73
C GLN B 233 3.98 -16.00 -22.04
N SER B 234 5.07 -15.90 -22.82
CA SER B 234 6.40 -16.10 -22.29
C SER B 234 7.11 -14.74 -22.23
N LEU B 235 7.57 -14.39 -21.03
CA LEU B 235 7.91 -13.01 -20.73
C LEU B 235 9.22 -12.98 -19.93
N THR B 236 9.85 -11.82 -19.90
CA THR B 236 11.07 -11.62 -19.14
C THR B 236 10.84 -10.44 -18.21
N TYR B 237 11.00 -10.70 -16.91
CA TYR B 237 10.92 -9.65 -15.91
C TYR B 237 12.22 -9.62 -15.15
N PRO B 238 12.50 -8.52 -14.39
CA PRO B 238 13.64 -8.50 -13.46
C PRO B 238 13.39 -9.56 -12.37
N ASP B 239 14.47 -10.22 -11.92
CA ASP B 239 14.39 -11.22 -10.86
C ASP B 239 13.64 -10.73 -9.62
N GLU B 240 13.75 -9.43 -9.27
CA GLU B 240 13.30 -8.95 -7.96
C GLU B 240 11.77 -8.93 -7.91
N VAL B 241 11.16 -9.21 -9.05
CA VAL B 241 9.76 -8.90 -9.25
C VAL B 241 9.01 -10.18 -9.61
N LEU B 242 9.75 -11.31 -9.76
CA LEU B 242 9.15 -12.59 -10.14
C LEU B 242 8.02 -13.00 -9.18
N TRP B 243 8.16 -12.68 -7.88
CA TRP B 243 7.22 -13.11 -6.86
C TRP B 243 5.88 -12.37 -7.03
N GLN B 244 5.91 -11.19 -7.66
CA GLN B 244 4.74 -10.33 -7.75
C GLN B 244 3.82 -10.86 -8.85
N ALA B 245 3.40 -12.11 -8.70
CA ALA B 245 2.72 -12.84 -9.77
C ALA B 245 1.43 -12.13 -10.21
N LYS B 246 0.59 -11.73 -9.25
CA LYS B 246 -0.71 -11.17 -9.59
C LYS B 246 -0.57 -9.81 -10.27
N PRO B 247 0.26 -8.88 -9.75
CA PRO B 247 0.52 -7.64 -10.51
C PRO B 247 1.02 -7.91 -11.92
N ILE B 248 1.77 -8.99 -12.12
CA ILE B 248 2.26 -9.30 -13.46
C ILE B 248 1.11 -9.73 -14.35
N LEU B 249 0.23 -10.60 -13.83
CA LEU B 249 -0.92 -11.01 -14.63
C LEU B 249 -1.76 -9.77 -15.01
N PHE B 250 -1.96 -8.87 -14.05
CA PHE B 250 -2.85 -7.74 -14.28
C PHE B 250 -2.25 -6.74 -15.26
N GLN B 251 -0.91 -6.62 -15.24
CA GLN B 251 -0.21 -5.79 -16.21
C GLN B 251 -0.45 -6.34 -17.62
N GLN B 252 -0.44 -7.68 -17.73
CA GLN B 252 -0.60 -8.33 -19.02
C GLN B 252 -2.07 -8.25 -19.45
N LEU B 253 -3.00 -8.38 -18.50
CA LEU B 253 -4.41 -8.30 -18.87
C LEU B 253 -4.73 -6.88 -19.34
N LYS B 254 -4.17 -5.88 -18.65
CA LYS B 254 -4.35 -4.47 -18.97
C LYS B 254 -3.76 -4.16 -20.34
N ALA B 255 -2.55 -4.67 -20.59
CA ALA B 255 -1.93 -4.40 -21.87
C ALA B 255 -2.85 -4.94 -22.96
N GLY B 256 -3.43 -6.13 -22.71
CA GLY B 256 -4.23 -6.84 -23.70
C GLY B 256 -5.53 -6.10 -23.99
N ILE B 257 -5.94 -5.24 -23.06
CA ILE B 257 -7.15 -4.44 -23.18
C ILE B 257 -6.84 -3.12 -23.91
N ASP B 258 -5.69 -2.50 -23.60
CA ASP B 258 -5.25 -1.29 -24.28
C ASP B 258 -5.08 -1.53 -25.77
N TRP B 259 -4.66 -2.75 -26.11
CA TRP B 259 -4.40 -3.20 -27.47
C TRP B 259 -5.69 -3.18 -28.30
N LEU B 260 -6.84 -3.27 -27.65
CA LEU B 260 -8.11 -3.29 -28.35
C LEU B 260 -8.33 -1.99 -29.11
N VAL B 261 -7.87 -0.85 -28.55
CA VAL B 261 -8.22 0.45 -29.09
C VAL B 261 -7.28 0.83 -30.24
N GLU B 262 -6.26 -0.02 -30.48
CA GLU B 262 -5.25 0.26 -31.49
C GLU B 262 -5.36 -0.76 -32.63
N ASN B 263 -6.41 -1.62 -32.60
CA ASN B 263 -6.48 -2.74 -33.53
C ASN B 263 -7.90 -2.89 -34.07
N LYS B 264 -7.99 -3.40 -35.30
CA LYS B 264 -9.18 -3.30 -36.12
C LYS B 264 -10.09 -4.52 -35.93
N TYR B 265 -11.22 -4.28 -35.26
CA TYR B 265 -12.35 -5.21 -35.25
C TYR B 265 -13.57 -4.38 -34.87
N ASP B 266 -14.75 -4.98 -35.05
CA ASP B 266 -16.04 -4.30 -34.95
C ASP B 266 -16.41 -4.17 -33.47
N VAL B 267 -16.72 -2.95 -33.04
CA VAL B 267 -16.91 -2.68 -31.61
C VAL B 267 -18.35 -2.25 -31.33
N ALA B 268 -19.26 -2.60 -32.24
CA ALA B 268 -20.65 -2.20 -32.10
C ALA B 268 -21.34 -3.07 -31.04
N ASP B 269 -20.95 -4.35 -30.97
CA ASP B 269 -21.52 -5.27 -30.00
C ASP B 269 -20.53 -5.50 -28.86
N PRO B 270 -21.00 -5.55 -27.59
CA PRO B 270 -20.14 -5.90 -26.44
C PRO B 270 -19.53 -7.29 -26.63
N PRO B 271 -18.18 -7.41 -26.53
CA PRO B 271 -17.54 -8.72 -26.62
C PRO B 271 -17.70 -9.43 -25.28
N PRO B 272 -17.59 -10.78 -25.22
CA PRO B 272 -17.66 -11.49 -23.94
C PRO B 272 -16.51 -11.06 -23.01
N PRO B 273 -16.76 -10.80 -21.70
CA PRO B 273 -15.68 -10.43 -20.78
C PRO B 273 -14.56 -11.48 -20.71
N TRP B 274 -14.93 -12.75 -20.76
CA TRP B 274 -13.92 -13.77 -20.72
C TRP B 274 -12.95 -13.61 -21.88
N GLN B 275 -13.45 -13.11 -23.02
CA GLN B 275 -12.61 -12.97 -24.20
C GLN B 275 -11.68 -11.77 -24.07
N VAL B 276 -12.17 -10.64 -23.55
CA VAL B 276 -11.30 -9.47 -23.50
C VAL B 276 -10.22 -9.66 -22.44
N TYR B 277 -10.49 -10.58 -21.48
CA TYR B 277 -9.55 -11.00 -20.45
C TYR B 277 -8.78 -12.27 -20.85
N LEU B 278 -8.87 -12.68 -22.12
CA LEU B 278 -8.07 -13.81 -22.56
C LEU B 278 -6.80 -13.29 -23.25
N LEU B 279 -5.65 -13.58 -22.67
CA LEU B 279 -4.40 -13.03 -23.17
C LEU B 279 -4.16 -13.49 -24.59
N ALA B 280 -3.45 -12.65 -25.36
CA ALA B 280 -2.96 -13.02 -26.67
C ALA B 280 -1.85 -14.05 -26.47
N ASN B 281 -1.86 -15.07 -27.34
CA ASN B 281 -0.90 -16.16 -27.27
C ASN B 281 0.46 -15.67 -27.75
N LYS B 282 1.48 -15.75 -26.89
CA LYS B 282 2.84 -15.33 -27.26
C LYS B 282 3.88 -16.24 -26.59
N PRO B 283 3.87 -17.56 -26.91
CA PRO B 283 4.81 -18.50 -26.32
C PRO B 283 6.22 -18.26 -26.86
N GLY B 284 7.19 -18.53 -25.99
CA GLY B 284 8.58 -18.68 -26.37
C GLY B 284 9.45 -18.79 -25.13
N SER B 285 10.62 -18.17 -25.22
CA SER B 285 11.58 -18.24 -24.14
C SER B 285 11.33 -17.06 -23.21
N GLY B 286 11.59 -17.27 -21.90
CA GLY B 286 11.47 -16.26 -20.86
C GLY B 286 11.62 -16.86 -19.44
N ASN B 287 11.46 -16.01 -18.41
CA ASN B 287 11.60 -16.38 -17.00
C ASN B 287 10.23 -16.28 -16.30
N VAL B 288 9.20 -15.97 -17.11
CA VAL B 288 7.81 -16.01 -16.67
C VAL B 288 7.02 -16.62 -17.81
N HIS B 289 6.21 -17.62 -17.49
CA HIS B 289 5.22 -18.16 -18.39
C HIS B 289 3.85 -18.12 -17.73
N ILE B 290 2.92 -17.43 -18.38
CA ILE B 290 1.55 -17.42 -17.93
C ILE B 290 0.75 -18.34 -18.85
N VAL B 291 0.22 -19.42 -18.27
CA VAL B 291 -0.65 -20.32 -18.99
C VAL B 291 -2.08 -20.09 -18.50
N GLN B 292 -2.99 -19.79 -19.44
CA GLN B 292 -4.33 -19.35 -19.09
C GLN B 292 -5.36 -20.24 -19.79
N LYS B 293 -6.45 -20.53 -19.08
CA LYS B 293 -7.57 -21.29 -19.61
C LYS B 293 -8.84 -20.61 -19.14
N VAL B 294 -9.85 -20.64 -19.98
CA VAL B 294 -11.19 -20.27 -19.56
C VAL B 294 -12.06 -21.51 -19.68
N PHE B 295 -12.84 -21.76 -18.63
CA PHE B 295 -13.75 -22.88 -18.63
C PHE B 295 -15.16 -22.39 -18.44
N GLU B 296 -16.11 -23.15 -18.99
CA GLU B 296 -17.53 -22.98 -18.71
C GLU B 296 -18.01 -24.23 -17.97
N GLY B 297 -18.62 -24.02 -16.78
CA GLY B 297 -18.96 -25.12 -15.89
C GLY B 297 -17.74 -25.73 -15.21
N ASP B 298 -17.85 -27.02 -14.87
CA ASP B 298 -16.81 -27.78 -14.17
C ASP B 298 -15.57 -27.94 -15.04
N PHE B 299 -14.42 -28.17 -14.41
CA PHE B 299 -13.18 -28.31 -15.16
C PHE B 299 -12.18 -29.12 -14.37
N GLU B 300 -11.18 -29.65 -15.07
CA GLU B 300 -9.99 -30.14 -14.44
C GLU B 300 -8.87 -30.09 -15.48
N PHE B 301 -7.64 -30.00 -14.97
CA PHE B 301 -6.45 -30.25 -15.77
C PHE B 301 -5.34 -30.67 -14.83
N ASP B 302 -4.22 -31.11 -15.42
CA ASP B 302 -3.10 -31.65 -14.71
C ASP B 302 -1.85 -30.84 -15.07
N ILE B 303 -0.89 -30.85 -14.13
CA ILE B 303 0.45 -30.31 -14.29
C ILE B 303 1.43 -31.46 -14.12
N LEU B 304 2.29 -31.68 -15.11
CA LEU B 304 3.17 -32.83 -15.09
C LEU B 304 4.59 -32.33 -15.15
N PHE B 305 5.37 -32.57 -14.09
CA PHE B 305 6.76 -32.18 -14.09
C PHE B 305 7.61 -33.44 -14.14
N SER B 306 8.41 -33.56 -15.20
CA SER B 306 9.25 -34.73 -15.42
C SER B 306 10.72 -34.31 -15.38
N SER B 307 11.45 -34.84 -14.38
CA SER B 307 12.88 -34.65 -14.27
C SER B 307 13.52 -35.53 -15.33
N GLU B 308 14.38 -34.95 -16.18
CA GLU B 308 14.98 -35.74 -17.25
C GLU B 308 15.79 -36.89 -16.66
N SER B 309 16.58 -36.58 -15.62
CA SER B 309 17.22 -37.50 -14.68
C SER B 309 16.49 -38.84 -14.53
N ALA B 310 15.18 -38.79 -14.24
CA ALA B 310 14.38 -39.96 -13.89
C ALA B 310 14.25 -40.91 -15.08
N GLY B 311 14.62 -40.44 -16.27
CA GLY B 311 14.75 -41.26 -17.46
C GLY B 311 13.39 -41.75 -17.95
N LYS B 312 12.34 -41.10 -17.42
CA LYS B 312 10.96 -41.55 -17.53
C LYS B 312 10.05 -40.34 -17.29
N GLU B 313 9.06 -40.17 -18.17
CA GLU B 313 8.24 -38.98 -18.19
C GLU B 313 6.92 -39.28 -17.47
N VAL B 314 6.47 -38.35 -16.62
CA VAL B 314 5.28 -38.56 -15.81
C VAL B 314 4.03 -38.35 -16.67
N THR B 315 3.03 -39.22 -16.50
CA THR B 315 1.79 -39.14 -17.27
C THR B 315 0.63 -38.86 -16.33
N SER B 316 -0.50 -38.47 -16.90
CA SER B 316 -1.72 -38.38 -16.12
C SER B 316 -2.06 -39.71 -15.43
N LYS B 317 -1.72 -40.85 -16.07
CA LYS B 317 -2.04 -42.15 -15.49
C LYS B 317 -1.19 -42.36 -14.24
N ASP B 318 0.12 -42.07 -14.38
CA ASP B 318 1.07 -42.03 -13.26
C ASP B 318 0.52 -41.20 -12.09
N LEU B 319 0.00 -40.00 -12.40
CA LEU B 319 -0.54 -39.10 -11.39
C LEU B 319 -1.66 -39.80 -10.62
N GLU B 320 -2.63 -40.40 -11.34
CA GLU B 320 -3.82 -40.98 -10.73
C GLU B 320 -3.43 -42.17 -9.85
N ARG B 321 -2.44 -42.94 -10.32
CA ARG B 321 -2.01 -44.13 -9.60
C ARG B 321 -1.32 -43.73 -8.29
N GLU B 322 -0.44 -42.71 -8.33
CA GLU B 322 0.37 -42.36 -7.18
C GLU B 322 -0.47 -41.60 -6.13
N VAL B 323 -1.45 -40.83 -6.59
CA VAL B 323 -2.40 -40.23 -5.67
C VAL B 323 -3.08 -41.33 -4.85
N LYS B 324 -3.42 -42.45 -5.51
CA LYS B 324 -4.17 -43.52 -4.83
C LYS B 324 -3.27 -44.18 -3.78
N GLN B 325 -2.00 -44.46 -4.15
CA GLN B 325 -1.01 -45.06 -3.28
C GLN B 325 -0.78 -44.19 -2.06
N ALA B 326 -0.49 -42.90 -2.30
CA ALA B 326 -0.15 -41.98 -1.22
C ALA B 326 -1.29 -41.95 -0.20
N THR B 327 -2.54 -41.93 -0.68
CA THR B 327 -3.71 -41.90 0.19
C THR B 327 -3.73 -43.14 1.08
N GLU B 328 -3.45 -44.30 0.48
CA GLU B 328 -3.41 -45.57 1.22
C GLU B 328 -2.31 -45.53 2.28
N VAL B 329 -1.07 -45.23 1.87
CA VAL B 329 0.06 -45.19 2.78
C VAL B 329 -0.17 -44.17 3.91
N PHE B 330 -0.83 -43.05 3.57
CA PHE B 330 -1.06 -42.02 4.57
C PHE B 330 -1.98 -42.54 5.68
N GLY B 331 -3.06 -43.23 5.28
CA GLY B 331 -4.06 -43.77 6.20
C GLY B 331 -3.45 -44.79 7.18
N GLU B 332 -2.63 -45.70 6.64
CA GLU B 332 -1.98 -46.70 7.46
C GLU B 332 -1.05 -46.01 8.45
N ARG B 333 -0.23 -45.08 7.95
CA ARG B 333 0.74 -44.35 8.78
C ARG B 333 0.03 -43.59 9.92
N PHE B 334 -1.11 -42.98 9.61
CA PHE B 334 -1.83 -42.21 10.62
C PHE B 334 -2.31 -43.13 11.74
N ALA B 335 -2.73 -44.35 11.38
CA ALA B 335 -3.26 -45.32 12.34
C ALA B 335 -2.17 -45.79 13.31
N ARG B 336 -0.95 -46.05 12.80
CA ARG B 336 0.20 -46.41 13.59
C ARG B 336 0.67 -45.21 14.45
N VAL B 337 0.83 -44.03 13.84
CA VAL B 337 1.57 -42.95 14.49
C VAL B 337 0.69 -42.23 15.51
N PHE B 338 -0.56 -41.95 15.13
CA PHE B 338 -1.52 -41.29 16.02
C PHE B 338 -2.67 -42.26 16.31
N ASP B 339 -2.38 -43.33 17.08
CA ASP B 339 -3.41 -44.24 17.58
C ASP B 339 -4.30 -43.48 18.56
N LEU B 340 -5.45 -43.00 18.10
CA LEU B 340 -6.32 -42.20 18.94
C LEU B 340 -6.82 -43.06 20.10
N LYS B 341 -6.86 -42.49 21.31
CA LYS B 341 -7.24 -43.27 22.48
C LYS B 341 -8.60 -42.82 23.02
N ALA B 342 -9.21 -43.71 23.80
CA ALA B 342 -10.50 -43.49 24.44
C ALA B 342 -10.48 -42.15 25.16
N PRO B 343 -11.58 -41.35 25.06
CA PRO B 343 -12.77 -41.76 24.32
C PRO B 343 -12.87 -41.16 22.91
N PHE B 344 -11.73 -41.08 22.20
CA PHE B 344 -11.71 -40.41 20.89
C PHE B 344 -11.33 -41.40 19.79
N GLN B 345 -11.86 -42.62 19.89
CA GLN B 345 -11.57 -43.67 18.93
C GLN B 345 -12.58 -43.58 17.78
N GLY B 346 -13.58 -42.70 17.93
CA GLY B 346 -14.62 -42.50 16.92
C GLY B 346 -14.06 -42.05 15.56
N ASP B 347 -14.75 -42.46 14.49
CA ASP B 347 -14.47 -42.07 13.12
C ASP B 347 -14.44 -40.55 13.01
N ASN B 348 -15.28 -39.87 13.81
CA ASN B 348 -15.37 -38.41 13.79
C ASN B 348 -14.09 -37.79 14.36
N TYR B 349 -13.44 -38.49 15.29
CA TYR B 349 -12.21 -38.00 15.89
C TYR B 349 -11.01 -38.30 14.99
N LYS B 350 -11.00 -39.47 14.33
CA LYS B 350 -10.03 -39.76 13.29
C LYS B 350 -10.04 -38.65 12.21
N LYS B 351 -11.24 -38.27 11.74
CA LYS B 351 -11.33 -37.34 10.62
C LYS B 351 -10.80 -35.97 11.08
N PHE B 352 -11.02 -35.68 12.36
CA PHE B 352 -10.58 -34.42 12.97
C PHE B 352 -9.06 -34.42 13.13
N GLY B 353 -8.50 -35.53 13.59
CA GLY B 353 -7.07 -35.62 13.81
C GLY B 353 -6.31 -35.51 12.49
N LYS B 354 -6.83 -36.22 11.47
CA LYS B 354 -6.24 -36.19 10.13
C LYS B 354 -6.21 -34.76 9.59
N SER B 355 -7.28 -34.01 9.85
CA SER B 355 -7.38 -32.66 9.32
C SER B 355 -6.39 -31.75 10.06
N MET B 356 -6.42 -31.80 11.41
CA MET B 356 -5.54 -30.97 12.23
C MET B 356 -4.07 -31.21 11.86
N PHE B 357 -3.72 -32.48 11.65
CA PHE B 357 -2.34 -32.85 11.43
C PHE B 357 -1.92 -32.55 9.99
N SER B 358 -2.77 -32.88 9.01
CA SER B 358 -2.46 -32.59 7.62
C SER B 358 -2.25 -31.09 7.41
N ASN B 359 -3.06 -30.25 8.07
CA ASN B 359 -2.90 -28.82 7.95
C ASN B 359 -1.55 -28.40 8.52
N LEU B 360 -1.12 -29.05 9.61
CA LEU B 360 0.07 -28.60 10.33
C LEU B 360 1.28 -28.90 9.47
N ILE B 361 1.34 -30.12 8.94
CA ILE B 361 2.54 -30.54 8.24
C ILE B 361 2.45 -29.99 6.83
N GLY B 362 1.23 -29.66 6.41
CA GLY B 362 0.99 -29.09 5.10
C GLY B 362 1.41 -27.62 5.02
N GLY B 363 1.56 -26.95 6.18
CA GLY B 363 2.05 -25.58 6.22
C GLY B 363 3.54 -25.45 5.90
N ILE B 364 4.27 -26.57 5.78
CA ILE B 364 5.72 -26.46 5.63
C ILE B 364 6.06 -25.56 4.42
N GLY B 365 6.88 -24.55 4.62
CA GLY B 365 7.32 -23.72 3.50
C GLY B 365 8.84 -23.70 3.35
N TYR B 366 9.31 -23.42 2.13
CA TYR B 366 10.69 -23.03 1.98
C TYR B 366 10.77 -21.54 1.66
N PHE B 367 11.59 -20.82 2.46
CA PHE B 367 11.72 -19.37 2.44
C PHE B 367 13.18 -18.98 2.18
N TYR B 368 13.37 -17.96 1.33
CA TYR B 368 14.72 -17.57 0.95
C TYR B 368 14.79 -16.07 0.70
N GLY B 369 15.89 -15.45 1.16
CA GLY B 369 16.15 -14.04 0.89
C GLY B 369 16.86 -13.34 2.06
N HIS B 370 16.80 -12.03 2.06
CA HIS B 370 17.44 -11.27 3.13
C HIS B 370 16.48 -11.05 4.29
N SER B 371 17.07 -10.87 5.47
CA SER B 371 16.39 -10.61 6.71
C SER B 371 16.73 -9.15 7.11
N LEU B 372 15.86 -8.49 7.88
CA LEU B 372 16.14 -7.13 8.33
C LEU B 372 16.58 -7.11 9.80
N VAL B 373 17.82 -6.67 10.04
CA VAL B 373 18.40 -6.76 11.37
C VAL B 373 19.09 -5.45 11.76
N ASP B 374 18.88 -5.02 13.01
CA ASP B 374 19.64 -3.93 13.61
C ASP B 374 20.93 -4.49 14.21
N ARG B 375 22.08 -4.24 13.56
CA ARG B 375 23.34 -4.80 14.00
C ARG B 375 24.21 -3.76 14.70
N SER B 376 23.58 -2.75 15.30
CA SER B 376 24.27 -1.62 15.92
C SER B 376 24.77 -1.98 17.33
N TYR B 377 24.02 -2.84 18.03
CA TYR B 377 24.28 -3.19 19.42
C TYR B 377 24.34 -1.93 20.29
N ALA B 378 23.45 -0.97 19.97
CA ALA B 378 23.31 0.26 20.73
C ALA B 378 23.41 0.00 22.25
N PRO B 379 24.19 0.81 23.01
CA PRO B 379 24.23 0.72 24.47
C PRO B 379 22.84 0.74 25.12
N GLU B 380 21.87 1.38 24.45
CA GLU B 380 20.51 1.44 24.96
C GLU B 380 19.92 0.03 25.03
N TYR B 381 20.40 -0.86 24.16
CA TYR B 381 19.85 -2.21 24.04
C TYR B 381 20.24 -3.07 25.26
N ASP B 382 21.14 -2.54 26.10
CA ASP B 382 21.60 -3.19 27.32
C ASP B 382 20.50 -3.13 28.38
N GLU B 383 19.58 -2.17 28.26
CA GLU B 383 18.42 -2.04 29.14
C GLU B 383 18.82 -1.86 30.62
N GLU B 384 19.91 -1.12 30.88
CA GLU B 384 20.44 -0.97 32.24
C GLU B 384 19.62 0.01 33.10
N ASN B 385 18.93 0.98 32.47
CA ASN B 385 18.34 2.12 33.19
C ASN B 385 16.83 1.95 33.35
N GLU B 386 16.27 2.57 34.39
CA GLU B 386 14.84 2.82 34.44
C GLU B 386 14.42 3.49 33.13
N GLY B 387 13.17 3.25 32.71
CA GLY B 387 12.67 3.73 31.43
C GLY B 387 13.54 3.29 30.24
N PHE B 388 14.14 2.09 30.33
CA PHE B 388 14.97 1.53 29.27
C PHE B 388 14.21 1.51 27.94
N TRP B 389 12.87 1.43 27.99
CA TRP B 389 12.10 1.30 26.76
C TRP B 389 12.18 2.58 25.93
N GLU B 390 12.15 3.73 26.61
CA GLU B 390 12.35 5.03 25.98
C GLU B 390 13.74 5.07 25.33
N ASP B 391 14.77 4.61 26.06
CA ASP B 391 16.12 4.57 25.53
C ASP B 391 16.14 3.75 24.23
N ALA B 392 15.38 2.65 24.22
CA ALA B 392 15.37 1.72 23.11
C ALA B 392 14.66 2.37 21.93
N ALA B 393 13.54 3.06 22.20
CA ALA B 393 12.79 3.77 21.17
C ALA B 393 13.70 4.77 20.46
N GLU B 394 14.56 5.43 21.24
CA GLU B 394 15.45 6.42 20.68
C GLU B 394 16.57 5.76 19.86
N ALA B 395 16.98 4.54 20.24
CA ALA B 395 18.02 3.86 19.47
C ALA B 395 17.47 3.37 18.14
N ARG B 396 16.20 2.91 18.14
CA ARG B 396 15.53 2.46 16.94
C ARG B 396 15.37 3.63 15.97
N ALA B 397 15.11 4.82 16.52
CA ALA B 397 14.91 6.00 15.70
C ALA B 397 16.17 6.36 14.93
N ARG B 398 17.31 5.76 15.31
CA ARG B 398 18.54 6.01 14.60
C ARG B 398 18.63 5.16 13.33
N HIS B 399 17.66 4.23 13.17
CA HIS B 399 17.48 3.43 11.95
C HIS B 399 18.80 2.88 11.39
N GLN B 400 19.49 2.06 12.19
CA GLN B 400 20.74 1.41 11.80
C GLN B 400 20.47 0.10 11.07
N GLU B 401 19.22 -0.37 11.05
CA GLU B 401 18.96 -1.71 10.53
C GLU B 401 19.33 -1.78 9.05
N ALA B 402 19.84 -2.94 8.64
CA ALA B 402 20.17 -3.23 7.25
C ALA B 402 19.68 -4.63 6.93
N LEU B 403 19.43 -4.86 5.64
CA LEU B 403 19.08 -6.17 5.14
C LEU B 403 20.36 -6.98 5.14
N GLU B 404 20.28 -8.23 5.56
CA GLU B 404 21.43 -9.13 5.57
C GLU B 404 20.97 -10.52 5.19
N GLY B 405 21.96 -11.38 4.86
CA GLY B 405 21.69 -12.67 4.27
C GLY B 405 22.37 -12.74 2.91
N PRO B 406 21.79 -13.45 1.90
CA PRO B 406 20.44 -14.05 2.02
C PRO B 406 20.48 -15.32 2.87
N TYR B 407 19.32 -15.68 3.46
CA TYR B 407 19.15 -16.88 4.28
C TYR B 407 18.06 -17.77 3.68
N GLU B 408 18.04 -19.03 4.13
CA GLU B 408 16.96 -19.94 3.77
C GLU B 408 16.32 -20.50 5.04
N LEU B 409 15.08 -20.96 4.94
CA LEU B 409 14.43 -21.59 6.08
C LEU B 409 13.35 -22.53 5.57
N PHE B 410 13.48 -23.78 6.02
CA PHE B 410 12.51 -24.83 5.79
C PHE B 410 11.81 -25.09 7.12
N THR B 411 10.54 -24.76 7.20
CA THR B 411 9.90 -24.70 8.52
C THR B 411 8.40 -24.83 8.31
N SER B 412 7.68 -25.37 9.30
CA SER B 412 6.25 -25.14 9.29
C SER B 412 5.97 -23.74 9.82
N ILE B 413 4.67 -23.39 9.89
CA ILE B 413 4.24 -22.03 10.10
C ILE B 413 2.96 -22.08 10.94
N PRO B 414 2.64 -20.97 11.65
CA PRO B 414 1.37 -20.85 12.39
C PRO B 414 0.09 -20.74 11.56
N SER B 415 0.12 -19.97 10.45
CA SER B 415 -1.10 -19.51 9.79
C SER B 415 -0.82 -19.17 8.33
N ARG B 416 -1.43 -19.90 7.39
CA ARG B 416 -1.25 -19.60 5.97
C ARG B 416 -1.74 -18.18 5.64
N PRO B 417 -2.99 -17.80 6.00
CA PRO B 417 -3.51 -16.49 5.62
C PRO B 417 -2.87 -15.30 6.33
N PHE B 418 -2.55 -15.47 7.64
CA PHE B 418 -2.20 -14.30 8.46
C PHE B 418 -0.70 -14.19 8.73
N PHE B 419 -0.04 -15.31 9.03
CA PHE B 419 1.39 -15.21 9.29
C PHE B 419 2.12 -16.41 8.75
N PRO B 420 2.29 -16.50 7.40
CA PRO B 420 2.90 -17.66 6.78
C PRO B 420 4.41 -17.48 6.81
N ARG B 421 5.02 -17.63 8.02
CA ARG B 421 6.47 -17.61 8.16
C ARG B 421 6.91 -18.26 9.48
N GLY B 422 8.24 -18.38 9.68
CA GLY B 422 8.77 -19.07 10.85
C GLY B 422 8.68 -18.23 12.12
N PHE B 423 8.08 -18.80 13.19
CA PHE B 423 8.18 -18.26 14.54
C PHE B 423 8.94 -19.24 15.45
N LEU B 424 9.89 -18.70 16.24
CA LEU B 424 10.92 -19.51 16.89
C LEU B 424 10.27 -20.47 17.91
N TRP B 425 9.50 -19.96 18.88
CA TRP B 425 8.94 -20.84 19.90
C TRP B 425 7.74 -21.65 19.37
N ASP B 426 7.01 -21.11 18.36
CA ASP B 426 5.91 -21.86 17.75
C ASP B 426 6.43 -23.18 17.21
N GLU B 427 7.65 -23.14 16.64
CA GLU B 427 8.17 -24.26 15.87
C GLU B 427 8.43 -25.47 16.80
N GLY B 428 8.94 -25.21 18.00
CA GLY B 428 9.12 -26.26 18.99
C GLY B 428 7.82 -27.04 19.21
N PHE B 429 6.68 -26.34 19.26
CA PHE B 429 5.38 -26.97 19.38
C PHE B 429 5.01 -27.71 18.09
N HIS B 430 5.18 -27.03 16.94
CA HIS B 430 4.81 -27.60 15.64
C HIS B 430 5.45 -28.96 15.45
N LEU B 431 6.72 -29.07 15.85
CA LEU B 431 7.55 -30.20 15.49
C LEU B 431 7.27 -31.42 16.38
N LEU B 432 6.50 -31.22 17.47
CA LEU B 432 6.12 -32.35 18.32
C LEU B 432 5.29 -33.36 17.54
N PRO B 433 4.14 -33.01 16.91
CA PRO B 433 3.42 -33.97 16.06
C PRO B 433 4.20 -34.30 14.79
N ILE B 434 4.90 -33.33 14.25
CA ILE B 434 5.66 -33.64 13.05
C ILE B 434 6.76 -34.68 13.34
N ALA B 435 7.46 -34.56 14.49
CA ALA B 435 8.53 -35.51 14.82
C ALA B 435 8.01 -36.94 15.01
N ASP B 436 6.80 -37.07 15.59
CA ASP B 436 6.11 -38.37 15.71
C ASP B 436 5.95 -39.00 14.33
N TRP B 437 5.55 -38.17 13.35
CA TRP B 437 5.26 -38.63 12.00
C TRP B 437 6.52 -39.02 11.28
N ASP B 438 7.60 -38.25 11.45
CA ASP B 438 8.74 -38.33 10.56
C ASP B 438 9.91 -37.61 11.21
N ILE B 439 10.72 -38.36 12.00
CA ILE B 439 11.71 -37.75 12.87
C ILE B 439 12.77 -37.04 12.02
N ASP B 440 13.11 -37.64 10.86
CA ASP B 440 14.16 -37.09 10.01
C ASP B 440 13.75 -35.72 9.41
N LEU B 441 12.45 -35.58 9.07
CA LEU B 441 11.88 -34.31 8.63
C LEU B 441 12.07 -33.25 9.71
N ALA B 442 11.74 -33.64 10.95
CA ALA B 442 11.79 -32.70 12.06
C ALA B 442 13.23 -32.25 12.30
N LEU B 443 14.17 -33.20 12.18
CA LEU B 443 15.59 -32.94 12.36
C LEU B 443 16.08 -31.95 11.31
N GLU B 444 15.55 -32.10 10.10
CA GLU B 444 15.93 -31.26 8.98
C GLU B 444 15.48 -29.81 9.24
N ILE B 445 14.29 -29.66 9.85
CA ILE B 445 13.73 -28.35 10.15
C ILE B 445 14.50 -27.72 11.32
N ILE B 446 14.84 -28.54 12.34
CA ILE B 446 15.64 -28.02 13.44
C ILE B 446 16.99 -27.55 12.91
N LYS B 447 17.55 -28.28 11.94
CA LYS B 447 18.86 -27.93 11.43
C LYS B 447 18.78 -26.63 10.61
N SER B 448 17.69 -26.46 9.85
CA SER B 448 17.44 -25.22 9.13
C SER B 448 17.42 -24.04 10.09
N TRP B 449 16.69 -24.16 11.19
CA TRP B 449 16.60 -23.06 12.14
C TRP B 449 17.99 -22.75 12.72
N TYR B 450 18.68 -23.79 13.18
CA TYR B 450 19.91 -23.58 13.91
C TYR B 450 20.99 -23.10 12.95
N ASN B 451 20.76 -23.37 11.66
CA ASN B 451 21.61 -22.81 10.64
C ASN B 451 21.47 -21.28 10.55
N LEU B 452 20.40 -20.70 11.14
CA LEU B 452 20.24 -19.25 11.13
C LEU B 452 20.99 -18.60 12.31
N MET B 453 21.51 -19.41 13.22
CA MET B 453 22.08 -18.83 14.42
C MET B 453 23.32 -18.04 14.01
N ASP B 454 23.44 -16.81 14.53
CA ASP B 454 24.66 -16.04 14.29
C ASP B 454 25.74 -16.53 15.27
N GLU B 455 26.87 -15.84 15.29
CA GLU B 455 28.06 -16.30 16.00
C GLU B 455 27.92 -16.13 17.50
N ASP B 456 27.00 -15.27 17.96
CA ASP B 456 26.87 -15.07 19.39
C ASP B 456 25.87 -16.08 19.97
N GLY B 457 25.09 -16.73 19.09
CA GLY B 457 24.07 -17.68 19.50
C GLY B 457 22.65 -17.12 19.45
N TRP B 458 22.42 -16.10 18.60
CA TRP B 458 21.10 -15.49 18.40
C TRP B 458 20.47 -16.01 17.13
N ILE B 459 19.21 -16.43 17.24
CA ILE B 459 18.31 -16.71 16.14
C ILE B 459 17.16 -15.72 16.29
N ALA B 460 16.90 -14.90 15.25
CA ALA B 460 15.77 -14.00 15.30
C ALA B 460 14.51 -14.82 15.49
N ARG B 461 13.57 -14.28 16.28
CA ARG B 461 12.40 -15.03 16.71
C ARG B 461 11.33 -15.04 15.63
N GLU B 462 11.48 -14.14 14.65
CA GLU B 462 10.50 -14.05 13.58
C GLU B 462 11.31 -13.96 12.31
N GLN B 463 11.15 -14.96 11.43
CA GLN B 463 12.01 -15.07 10.26
C GLN B 463 11.22 -14.62 9.03
N ILE B 464 11.54 -13.42 8.54
CA ILE B 464 10.93 -12.82 7.35
C ILE B 464 12.02 -12.77 6.29
N LEU B 465 12.04 -13.77 5.38
CA LEU B 465 13.12 -13.94 4.42
C LEU B 465 12.62 -13.65 3.00
N GLY B 466 13.13 -12.56 2.40
CA GLY B 466 12.77 -12.22 1.03
C GLY B 466 11.63 -11.21 0.92
N ALA B 467 11.55 -10.58 -0.26
CA ALA B 467 10.60 -9.49 -0.50
C ALA B 467 9.18 -10.03 -0.45
N GLU B 468 9.01 -11.24 -0.99
CA GLU B 468 7.73 -11.93 -0.96
C GLU B 468 7.21 -12.07 0.47
N ALA B 469 8.09 -12.49 1.39
CA ALA B 469 7.70 -12.65 2.80
C ALA B 469 7.41 -11.28 3.40
N ARG B 470 8.22 -10.30 3.01
CA ARG B 470 8.16 -8.96 3.58
C ARG B 470 6.84 -8.27 3.20
N SER B 471 6.29 -8.63 2.04
CA SER B 471 5.13 -7.95 1.50
C SER B 471 3.93 -8.08 2.44
N LYS B 472 4.01 -9.00 3.41
CA LYS B 472 2.87 -9.33 4.26
C LYS B 472 3.04 -8.65 5.62
N VAL B 473 4.15 -7.94 5.81
CA VAL B 473 4.53 -7.54 7.16
C VAL B 473 4.73 -6.03 7.19
N PRO B 474 3.90 -5.29 7.97
CA PRO B 474 4.11 -3.85 8.16
C PRO B 474 5.53 -3.64 8.63
N LYS B 475 6.15 -2.56 8.13
CA LYS B 475 7.54 -2.24 8.35
C LYS B 475 7.86 -2.19 9.85
N GLU B 476 6.92 -1.66 10.63
CA GLU B 476 6.99 -1.58 12.07
C GLU B 476 7.52 -2.87 12.66
N PHE B 477 7.20 -4.02 12.02
CA PHE B 477 7.47 -5.31 12.64
C PHE B 477 8.55 -6.10 11.89
N GLN B 478 9.23 -5.49 10.91
CA GLN B 478 10.17 -6.27 10.11
C GLN B 478 11.51 -6.42 10.83
N THR B 479 11.97 -5.33 11.48
CA THR B 479 13.34 -5.31 11.99
C THR B 479 13.48 -6.31 13.15
N GLN B 480 14.55 -7.09 13.11
CA GLN B 480 14.85 -8.03 14.19
C GLN B 480 16.03 -7.52 15.01
N TYR B 481 16.02 -7.82 16.33
CA TYR B 481 16.99 -7.29 17.28
C TYR B 481 17.75 -8.42 17.96
N PRO B 482 19.08 -8.40 17.87
CA PRO B 482 19.94 -9.47 18.36
C PRO B 482 19.89 -9.65 19.88
N HIS B 483 19.16 -8.79 20.59
CA HIS B 483 19.02 -8.98 22.02
C HIS B 483 17.65 -9.54 22.39
N TYR B 484 16.84 -9.87 21.36
CA TYR B 484 15.47 -10.32 21.55
C TYR B 484 15.41 -11.84 21.51
N ALA B 485 15.00 -12.45 22.61
CA ALA B 485 14.95 -13.91 22.67
C ALA B 485 13.52 -14.37 22.35
N ASN B 486 13.33 -15.69 22.41
CA ASN B 486 12.03 -16.33 22.33
C ASN B 486 12.17 -17.66 23.09
N PRO B 487 11.09 -18.27 23.65
CA PRO B 487 11.20 -19.57 24.28
C PRO B 487 11.87 -20.65 23.43
N PRO B 488 12.88 -21.34 24.01
CA PRO B 488 13.62 -22.37 23.30
C PRO B 488 12.88 -23.72 23.27
N THR B 489 11.64 -23.68 22.77
CA THR B 489 10.80 -24.87 22.70
C THR B 489 11.40 -25.91 21.75
N LEU B 490 12.32 -25.51 20.86
CA LEU B 490 12.87 -26.55 19.99
C LEU B 490 13.62 -27.61 20.80
N PHE B 491 14.06 -27.26 22.02
CA PHE B 491 14.77 -28.23 22.85
C PHE B 491 13.84 -29.40 23.20
N LEU B 492 12.53 -29.12 23.36
CA LEU B 492 11.54 -30.14 23.71
C LEU B 492 11.48 -31.20 22.60
N VAL B 493 11.67 -30.78 21.33
CA VAL B 493 11.64 -31.74 20.25
C VAL B 493 12.89 -32.61 20.39
N LEU B 494 14.00 -31.96 20.71
CA LEU B 494 15.26 -32.69 20.85
C LEU B 494 15.15 -33.70 22.01
N ASP B 495 14.46 -33.31 23.11
CA ASP B 495 14.25 -34.20 24.24
C ASP B 495 13.54 -35.48 23.79
N ASN B 496 12.45 -35.34 23.01
CA ASN B 496 11.73 -36.47 22.43
C ASN B 496 12.65 -37.29 21.52
N PHE B 497 13.50 -36.63 20.73
CA PHE B 497 14.42 -37.32 19.85
C PHE B 497 15.41 -38.14 20.67
N VAL B 498 15.89 -37.57 21.79
CA VAL B 498 16.88 -38.25 22.63
C VAL B 498 16.24 -39.48 23.29
N GLU B 499 15.01 -39.32 23.79
CA GLU B 499 14.22 -40.41 24.34
C GLU B 499 14.26 -41.59 23.37
N ARG B 500 13.95 -41.31 22.11
CA ARG B 500 13.82 -42.31 21.06
C ARG B 500 15.19 -42.88 20.70
N LEU B 501 16.24 -42.08 20.88
CA LEU B 501 17.57 -42.54 20.52
C LEU B 501 18.04 -43.60 21.49
N ARG B 502 17.55 -43.54 22.75
CA ARG B 502 17.84 -44.50 23.79
C ARG B 502 17.08 -45.82 23.56
N LYS B 503 15.76 -45.73 23.34
CA LYS B 503 14.88 -46.90 23.25
C LYS B 503 15.20 -47.76 22.01
N THR B 520 12.44 -46.80 5.46
CA THR B 520 11.95 -45.44 5.11
C THR B 520 12.97 -44.39 5.58
N LEU B 521 13.11 -43.31 4.81
CA LEU B 521 13.99 -42.22 5.20
C LEU B 521 13.50 -41.51 6.47
N SER B 522 12.20 -41.66 6.76
CA SER B 522 11.55 -41.03 7.90
C SER B 522 12.30 -41.30 9.20
N THR B 523 12.88 -42.50 9.37
CA THR B 523 13.47 -42.85 10.66
C THR B 523 14.92 -43.29 10.52
N ALA B 524 15.56 -42.95 9.40
CA ALA B 524 16.93 -43.42 9.18
C ALA B 524 17.82 -43.05 10.35
N SER B 525 17.47 -41.96 11.06
CA SER B 525 18.34 -41.40 12.08
C SER B 525 18.13 -42.09 13.43
N VAL B 526 17.01 -42.83 13.57
CA VAL B 526 16.74 -43.62 14.75
C VAL B 526 17.12 -45.07 14.47
N ASP B 527 16.84 -45.55 13.25
CA ASP B 527 16.98 -46.96 12.91
C ASP B 527 18.45 -47.37 13.00
N ASN B 528 19.34 -46.45 12.62
CA ASN B 528 20.75 -46.55 12.93
C ASN B 528 21.10 -45.42 13.89
N PRO B 529 21.16 -45.69 15.21
CA PRO B 529 21.30 -44.62 16.20
C PRO B 529 22.66 -43.91 16.11
N GLU B 530 23.62 -44.52 15.41
CA GLU B 530 24.89 -43.86 15.13
C GLU B 530 24.65 -42.61 14.28
N VAL B 531 23.65 -42.67 13.39
CA VAL B 531 23.34 -41.54 12.51
C VAL B 531 22.81 -40.39 13.37
N GLY B 532 21.81 -40.70 14.21
CA GLY B 532 21.20 -39.73 15.08
C GLY B 532 22.25 -39.13 16.02
N LEU B 533 23.17 -39.98 16.50
CA LEU B 533 24.15 -39.51 17.47
C LEU B 533 25.08 -38.47 16.84
N GLU B 534 25.45 -38.70 15.56
CA GLU B 534 26.31 -37.76 14.88
C GLU B 534 25.57 -36.45 14.66
N TYR B 535 24.28 -36.55 14.28
CA TYR B 535 23.45 -35.37 14.15
C TYR B 535 23.55 -34.51 15.40
N LEU B 536 23.44 -35.16 16.58
CA LEU B 536 23.46 -34.45 17.85
C LEU B 536 24.87 -33.90 18.10
N ARG B 537 25.89 -34.68 17.72
CA ARG B 537 27.27 -34.26 17.90
C ARG B 537 27.49 -32.96 17.14
N ARG B 538 26.90 -32.86 15.94
CA ARG B 538 27.05 -31.67 15.13
C ARG B 538 26.19 -30.51 15.66
N LEU B 539 25.04 -30.79 16.28
CA LEU B 539 24.13 -29.72 16.68
C LEU B 539 24.53 -29.15 18.05
N TYR B 540 25.19 -29.97 18.86
CA TYR B 540 25.40 -29.71 20.28
C TYR B 540 26.13 -28.38 20.53
N PRO B 541 27.23 -28.05 19.80
CA PRO B 541 27.92 -26.76 20.00
C PRO B 541 26.97 -25.58 19.80
N LEU B 542 25.97 -25.75 18.92
CA LEU B 542 25.07 -24.65 18.61
C LEU B 542 24.05 -24.50 19.73
N LEU B 543 23.62 -25.63 20.33
CA LEU B 543 22.78 -25.63 21.51
C LEU B 543 23.53 -25.00 22.68
N ARG B 544 24.82 -25.34 22.84
CA ARG B 544 25.61 -24.81 23.94
C ARG B 544 25.76 -23.29 23.75
N ARG B 545 25.97 -22.88 22.49
CA ARG B 545 26.14 -21.47 22.18
C ARG B 545 24.86 -20.73 22.52
N GLN B 546 23.72 -21.30 22.15
CA GLN B 546 22.47 -20.60 22.41
C GLN B 546 22.27 -20.47 23.92
N PHE B 547 22.67 -21.51 24.66
CA PHE B 547 22.49 -21.55 26.10
C PHE B 547 23.34 -20.45 26.72
N ASP B 548 24.61 -20.40 26.28
CA ASP B 548 25.52 -19.33 26.68
C ASP B 548 24.86 -17.99 26.42
N TRP B 549 24.37 -17.81 25.19
CA TRP B 549 23.79 -16.56 24.74
C TRP B 549 22.65 -16.17 25.67
N PHE B 550 21.78 -17.13 26.02
CA PHE B 550 20.69 -16.84 26.95
C PHE B 550 21.24 -16.25 28.24
N ARG B 551 22.26 -16.92 28.82
CA ARG B 551 22.72 -16.61 30.17
C ARG B 551 23.44 -15.25 30.18
N LYS B 552 24.08 -14.92 29.06
CA LYS B 552 24.77 -13.65 28.89
C LYS B 552 23.79 -12.52 28.58
N THR B 553 22.89 -12.68 27.59
CA THR B 553 22.12 -11.53 27.10
C THR B 553 20.81 -11.34 27.87
N GLN B 554 20.31 -12.38 28.55
CA GLN B 554 19.07 -12.21 29.31
C GLN B 554 19.32 -12.34 30.83
N ALA B 555 20.59 -12.21 31.25
CA ALA B 555 20.91 -12.17 32.68
C ALA B 555 19.97 -11.20 33.40
N GLY B 556 19.40 -11.65 34.52
CA GLY B 556 18.82 -10.77 35.53
C GLY B 556 19.86 -10.26 36.51
N ASP B 557 19.43 -9.45 37.49
CA ASP B 557 20.33 -8.78 38.42
C ASP B 557 19.92 -9.10 39.86
N ILE B 558 20.82 -9.82 40.56
CA ILE B 558 20.70 -10.06 42.00
C ILE B 558 21.63 -9.08 42.74
N LYS B 559 22.90 -8.99 42.30
CA LYS B 559 24.03 -8.33 42.96
C LYS B 559 23.67 -6.91 43.39
N SER B 560 23.19 -6.09 42.45
CA SER B 560 23.18 -4.66 42.70
C SER B 560 21.97 -4.22 43.53
N TYR B 561 21.25 -5.20 44.13
CA TYR B 561 20.08 -4.90 44.95
C TYR B 561 20.15 -5.60 46.30
N ASP B 562 19.14 -5.35 47.15
CA ASP B 562 18.97 -6.07 48.42
C ASP B 562 18.20 -7.38 48.16
N ARG B 563 18.92 -8.42 47.70
CA ARG B 563 18.32 -9.65 47.22
C ARG B 563 19.08 -10.86 47.78
N GLU B 564 18.38 -11.66 48.58
CA GLU B 564 18.95 -12.89 49.10
C GLU B 564 18.53 -14.06 48.20
N ALA B 565 19.53 -14.88 47.82
CA ALA B 565 19.27 -16.03 46.98
C ALA B 565 20.39 -17.04 47.13
N TYR B 566 20.02 -18.33 47.14
CA TYR B 566 20.95 -19.44 47.18
C TYR B 566 22.07 -19.25 46.17
N SER B 567 21.74 -18.79 44.95
CA SER B 567 22.75 -18.50 43.95
C SER B 567 22.69 -17.02 43.60
N THR B 568 23.88 -16.43 43.36
CA THR B 568 23.96 -15.03 42.95
C THR B 568 23.96 -14.94 41.42
N LYS B 569 24.07 -16.10 40.73
CA LYS B 569 24.27 -16.14 39.28
C LYS B 569 22.93 -16.35 38.54
N GLU B 570 22.03 -17.19 39.08
CA GLU B 570 20.87 -17.68 38.34
C GLU B 570 19.67 -16.76 38.54
N ALA B 571 19.44 -15.90 37.54
CA ALA B 571 18.36 -14.92 37.57
C ALA B 571 18.23 -14.34 36.17
N TYR B 572 16.99 -14.11 35.70
CA TYR B 572 16.79 -13.88 34.27
C TYR B 572 15.73 -12.80 34.04
N ARG B 573 15.97 -11.97 32.99
CA ARG B 573 15.02 -10.93 32.63
C ARG B 573 14.87 -10.86 31.11
N TRP B 574 13.64 -11.05 30.62
CA TRP B 574 13.39 -10.97 29.18
C TRP B 574 13.74 -9.56 28.70
N ARG B 575 14.75 -9.46 27.85
CA ARG B 575 14.97 -8.19 27.16
C ARG B 575 13.76 -7.84 26.29
N GLY B 576 13.57 -6.53 26.07
CA GLY B 576 12.76 -6.06 24.96
C GLY B 576 11.33 -5.80 25.36
N ARG B 577 11.08 -5.54 26.65
CA ARG B 577 9.73 -5.23 27.01
C ARG B 577 9.42 -3.74 26.85
N THR B 578 8.11 -3.45 26.73
CA THR B 578 7.59 -2.10 26.74
C THR B 578 6.56 -2.04 27.86
N VAL B 579 5.76 -0.96 27.91
CA VAL B 579 4.95 -0.69 29.08
C VAL B 579 3.85 -1.75 29.29
N SER B 580 3.23 -2.25 28.22
CA SER B 580 2.08 -3.13 28.37
C SER B 580 2.29 -4.51 27.76
N HIS B 581 3.55 -4.89 27.51
CA HIS B 581 3.81 -6.06 26.68
C HIS B 581 5.15 -6.69 27.04
N CYS B 582 5.28 -7.97 26.68
CA CYS B 582 6.56 -8.64 26.63
C CYS B 582 6.51 -9.67 25.50
N LEU B 583 6.77 -9.19 24.27
CA LEU B 583 6.59 -9.98 23.04
C LEU B 583 7.59 -11.13 22.95
N THR B 584 8.82 -10.90 23.42
CA THR B 584 9.85 -11.92 23.34
C THR B 584 9.47 -13.16 24.15
N SER B 585 8.66 -12.98 25.20
CA SER B 585 8.28 -14.10 26.03
C SER B 585 7.30 -14.99 25.30
N GLY B 586 6.65 -14.44 24.25
CA GLY B 586 5.60 -15.18 23.56
C GLY B 586 4.21 -14.98 24.19
N LEU B 587 4.13 -14.51 25.43
CA LEU B 587 2.81 -14.26 26.01
C LEU B 587 2.57 -12.75 26.03
N ASP B 588 2.16 -12.20 24.86
CA ASP B 588 2.44 -10.81 24.49
C ASP B 588 2.08 -9.82 25.60
N ASP B 589 0.84 -9.91 26.13
CA ASP B 589 0.26 -8.89 27.00
C ASP B 589 -0.04 -9.47 28.38
N TYR B 590 0.64 -10.56 28.73
CA TYR B 590 0.42 -11.13 30.05
C TYR B 590 0.91 -10.10 31.07
N PRO B 591 0.10 -9.79 32.11
CA PRO B 591 0.51 -8.77 33.09
C PRO B 591 1.88 -9.10 33.68
N ARG B 592 2.76 -8.11 33.63
CA ARG B 592 4.12 -8.16 34.14
C ARG B 592 4.26 -7.01 35.15
N PRO B 593 5.41 -6.88 35.87
CA PRO B 593 5.53 -5.82 36.88
C PRO B 593 5.38 -4.46 36.21
N GLN B 594 4.64 -3.54 36.85
CA GLN B 594 4.53 -2.17 36.38
C GLN B 594 5.25 -1.24 37.35
N PRO B 595 6.10 -0.32 36.86
CA PRO B 595 6.46 -0.29 35.45
C PRO B 595 7.46 -1.41 35.14
N PRO B 596 7.79 -1.65 33.86
CA PRO B 596 8.98 -2.41 33.52
C PRO B 596 10.15 -1.72 34.20
N HIS B 597 11.26 -2.44 34.36
CA HIS B 597 12.34 -2.02 35.24
C HIS B 597 13.49 -2.99 35.05
N PRO B 598 14.77 -2.53 35.10
CA PRO B 598 15.93 -3.42 34.91
C PRO B 598 16.14 -4.43 36.05
N GLY B 599 15.34 -4.30 37.10
CA GLY B 599 15.46 -5.17 38.26
C GLY B 599 14.40 -6.25 38.25
N GLU B 600 13.57 -6.27 37.19
CA GLU B 600 12.62 -7.35 36.91
C GLU B 600 13.34 -8.68 36.83
N LEU B 601 12.63 -9.73 37.29
CA LEU B 601 13.00 -11.10 36.98
C LEU B 601 11.72 -11.83 36.55
N HIS B 602 11.86 -12.66 35.50
CA HIS B 602 10.71 -13.36 34.93
C HIS B 602 10.85 -14.85 35.19
N VAL B 603 9.81 -15.45 35.76
CA VAL B 603 9.92 -16.82 36.24
C VAL B 603 9.80 -17.79 35.05
N ASP B 604 9.08 -17.39 34.00
CA ASP B 604 8.98 -18.24 32.80
C ASP B 604 10.36 -18.38 32.15
N LEU B 605 11.10 -17.27 32.10
CA LEU B 605 12.38 -17.28 31.39
C LEU B 605 13.34 -18.18 32.17
N MET B 606 13.35 -18.05 33.50
CA MET B 606 14.22 -18.91 34.26
C MET B 606 13.83 -20.36 33.99
N SER B 607 12.52 -20.65 34.05
CA SER B 607 12.04 -21.99 33.70
C SER B 607 12.64 -22.48 32.36
N TRP B 608 12.61 -21.64 31.30
CA TRP B 608 13.14 -22.05 30.00
C TRP B 608 14.64 -22.35 30.10
N VAL B 609 15.38 -21.58 30.89
CA VAL B 609 16.78 -21.93 31.07
C VAL B 609 16.89 -23.30 31.74
N GLY B 610 15.98 -23.54 32.71
CA GLY B 610 15.84 -24.86 33.30
C GLY B 610 15.73 -25.97 32.24
N VAL B 611 14.78 -25.78 31.28
CA VAL B 611 14.55 -26.76 30.23
C VAL B 611 15.87 -27.00 29.46
N MET B 612 16.55 -25.91 29.11
CA MET B 612 17.69 -26.00 28.23
C MET B 612 18.80 -26.80 28.92
N VAL B 613 19.01 -26.51 30.21
CA VAL B 613 20.10 -27.16 30.93
C VAL B 613 19.77 -28.65 31.10
N LYS B 614 18.48 -28.96 31.33
CA LYS B 614 18.06 -30.36 31.33
C LYS B 614 18.40 -31.05 30.00
N SER B 615 18.07 -30.42 28.84
CA SER B 615 18.35 -31.06 27.55
C SER B 615 19.86 -31.25 27.36
N LEU B 616 20.65 -30.25 27.79
CA LEU B 616 22.09 -30.30 27.56
C LEU B 616 22.75 -31.38 28.42
N ILE B 617 22.29 -31.54 29.68
CA ILE B 617 22.76 -32.64 30.53
C ILE B 617 22.59 -33.97 29.77
N SER B 618 21.40 -34.18 29.21
CA SER B 618 21.13 -35.47 28.61
C SER B 618 21.91 -35.66 27.30
N ILE B 619 21.98 -34.61 26.47
CA ILE B 619 22.68 -34.71 25.19
C ILE B 619 24.19 -34.75 25.44
N GLY B 620 24.68 -33.79 26.25
CA GLY B 620 26.07 -33.77 26.65
C GLY B 620 26.52 -35.15 27.12
N SER B 621 25.64 -35.82 27.86
CA SER B 621 25.93 -37.13 28.44
C SER B 621 26.01 -38.22 27.37
N LEU B 622 25.12 -38.18 26.37
CA LEU B 622 25.13 -39.09 25.23
C LEU B 622 26.44 -38.95 24.45
N LEU B 623 27.01 -37.74 24.48
CA LEU B 623 28.17 -37.45 23.65
C LEU B 623 29.47 -37.60 24.45
N GLY B 624 29.34 -37.77 25.78
CA GLY B 624 30.50 -37.96 26.65
C GLY B 624 31.20 -36.66 27.01
N ALA B 625 30.47 -35.54 26.92
CA ALA B 625 31.02 -34.25 27.27
C ALA B 625 31.04 -34.05 28.79
N THR B 626 31.94 -34.79 29.45
CA THR B 626 31.99 -34.93 30.89
C THR B 626 32.19 -33.57 31.56
N GLU B 627 33.10 -32.78 31.00
CA GLU B 627 33.43 -31.48 31.55
C GLU B 627 32.19 -30.59 31.57
N ASP B 628 31.35 -30.67 30.51
CA ASP B 628 30.16 -29.84 30.37
C ASP B 628 29.08 -30.27 31.37
N VAL B 629 28.95 -31.60 31.58
CA VAL B 629 27.96 -32.15 32.48
C VAL B 629 28.14 -31.60 33.90
N GLU B 630 29.40 -31.50 34.37
CA GLU B 630 29.66 -30.96 35.70
C GLU B 630 29.05 -29.56 35.82
N PHE B 631 29.25 -28.73 34.79
CA PHE B 631 28.80 -27.34 34.79
C PHE B 631 27.26 -27.26 34.75
N TYR B 632 26.64 -27.98 33.82
CA TYR B 632 25.20 -28.00 33.63
C TYR B 632 24.51 -28.40 34.94
N THR B 633 25.13 -29.37 35.63
CA THR B 633 24.60 -29.93 36.85
C THR B 633 24.52 -28.86 37.93
N LYS B 634 25.58 -28.05 38.06
CA LYS B 634 25.61 -26.93 39.00
C LYS B 634 24.53 -25.90 38.66
N VAL B 635 24.35 -25.61 37.36
CA VAL B 635 23.39 -24.59 36.99
C VAL B 635 21.98 -25.07 37.37
N LEU B 636 21.67 -26.33 37.05
CA LEU B 636 20.34 -26.82 37.30
C LEU B 636 20.06 -26.75 38.80
N ASP B 637 21.04 -27.19 39.61
CA ASP B 637 20.90 -27.09 41.07
C ASP B 637 20.58 -25.65 41.49
N ALA B 638 21.31 -24.69 40.92
CA ALA B 638 21.15 -23.27 41.24
C ALA B 638 19.76 -22.79 40.83
N ILE B 639 19.29 -23.25 39.68
CA ILE B 639 18.00 -22.77 39.21
C ILE B 639 16.88 -23.31 40.11
N GLU B 640 16.97 -24.59 40.49
CA GLU B 640 15.92 -25.19 41.32
C GLU B 640 15.73 -24.39 42.61
N HIS B 641 16.85 -23.95 43.19
CA HIS B 641 16.81 -23.16 44.42
C HIS B 641 16.29 -21.74 44.14
N ASN B 642 16.84 -21.08 43.11
CA ASN B 642 16.57 -19.67 42.87
C ASN B 642 15.13 -19.43 42.46
N LEU B 643 14.53 -20.42 41.81
CA LEU B 643 13.11 -20.46 41.53
C LEU B 643 12.35 -20.21 42.84
N ASP B 644 12.77 -20.90 43.92
CA ASP B 644 12.07 -20.81 45.19
C ASP B 644 12.38 -19.45 45.84
N ASP B 645 13.68 -19.15 45.96
CA ASP B 645 14.19 -17.94 46.58
C ASP B 645 13.57 -16.69 45.94
N LEU B 646 13.67 -16.58 44.61
CA LEU B 646 13.33 -15.35 43.90
C LEU B 646 11.86 -15.26 43.47
N HIS B 647 11.16 -16.39 43.32
CA HIS B 647 9.92 -16.38 42.56
C HIS B 647 8.74 -17.02 43.29
N TRP B 648 9.01 -17.78 44.35
CA TRP B 648 7.90 -18.46 44.99
C TRP B 648 7.23 -17.54 46.00
N SER B 649 5.89 -17.52 45.99
CA SER B 649 5.09 -16.76 46.95
C SER B 649 4.29 -17.70 47.84
N GLU B 650 4.65 -17.72 49.13
CA GLU B 650 3.90 -18.49 50.11
C GLU B 650 2.47 -17.94 50.26
N LYS B 651 2.35 -16.61 50.30
CA LYS B 651 1.04 -15.96 50.40
C LYS B 651 0.09 -16.40 49.30
N GLU B 652 0.59 -16.56 48.06
CA GLU B 652 -0.29 -16.71 46.91
C GLU B 652 -0.41 -18.17 46.45
N GLY B 653 0.53 -19.03 46.89
CA GLY B 653 0.49 -20.44 46.55
C GLY B 653 0.89 -20.73 45.10
N CYS B 654 1.81 -19.91 44.56
N CYS B 654 1.79 -19.90 44.54
CA CYS B 654 2.25 -20.03 43.17
CA CYS B 654 2.24 -20.04 43.16
C CYS B 654 3.56 -19.29 42.98
C CYS B 654 3.53 -19.25 42.97
N TYR B 655 4.11 -19.38 41.77
CA TYR B 655 5.27 -18.60 41.35
C TYR B 655 4.82 -17.26 40.77
N CYS B 656 5.70 -16.26 40.91
CA CYS B 656 5.45 -14.89 40.49
C CYS B 656 6.71 -14.32 39.86
N ASP B 657 6.53 -13.39 38.89
CA ASP B 657 7.62 -12.49 38.50
C ASP B 657 8.03 -11.63 39.69
N ALA B 658 9.25 -11.11 39.65
CA ALA B 658 9.77 -10.23 40.68
C ALA B 658 10.19 -8.91 40.05
N THR B 659 10.28 -7.88 40.90
CA THR B 659 10.76 -6.58 40.46
C THR B 659 11.44 -5.87 41.62
N ILE B 660 11.97 -4.67 41.34
CA ILE B 660 12.33 -3.71 42.37
C ILE B 660 11.27 -2.60 42.36
N ASP B 661 10.69 -2.34 43.53
CA ASP B 661 9.54 -1.45 43.61
C ASP B 661 10.03 -0.03 43.88
N GLU B 662 9.07 0.90 44.08
CA GLU B 662 9.35 2.33 44.21
C GLU B 662 10.25 2.62 45.41
N PHE B 663 10.16 1.79 46.46
CA PHE B 663 10.95 1.95 47.66
C PHE B 663 12.28 1.20 47.51
N GLU B 664 12.60 0.75 46.29
CA GLU B 664 13.83 0.02 46.01
C GLU B 664 13.83 -1.37 46.66
N GLU B 665 12.64 -1.98 46.79
CA GLU B 665 12.53 -3.29 47.43
C GLU B 665 12.33 -4.42 46.41
N HIS B 666 12.82 -5.62 46.74
CA HIS B 666 12.48 -6.82 46.00
C HIS B 666 11.04 -7.19 46.33
N LYS B 667 10.20 -7.13 45.31
CA LYS B 667 8.78 -7.39 45.46
C LYS B 667 8.38 -8.44 44.41
N LEU B 668 7.57 -9.40 44.85
CA LEU B 668 6.94 -10.35 43.94
C LEU B 668 5.71 -9.66 43.38
N VAL B 669 5.43 -9.92 42.10
CA VAL B 669 4.27 -9.36 41.45
C VAL B 669 3.43 -10.51 40.90
N CYS B 670 2.38 -10.89 41.63
CA CYS B 670 1.68 -12.12 41.34
C CYS B 670 0.48 -11.82 40.44
N HIS B 671 0.40 -12.55 39.34
CA HIS B 671 -0.81 -12.54 38.53
C HIS B 671 -1.10 -13.98 38.14
N LYS B 672 -2.14 -14.54 38.76
CA LYS B 672 -2.36 -15.97 38.72
C LYS B 672 -2.83 -16.36 37.32
N GLY B 673 -2.09 -17.28 36.70
CA GLY B 673 -2.29 -17.63 35.29
C GLY B 673 -1.12 -18.47 34.79
N TYR B 674 -0.89 -18.43 33.46
CA TYR B 674 0.04 -19.39 32.87
C TYR B 674 1.41 -19.22 33.51
N ILE B 675 1.82 -17.97 33.70
CA ILE B 675 3.19 -17.66 34.12
C ILE B 675 3.44 -18.28 35.50
N SER B 676 2.40 -18.25 36.35
CA SER B 676 2.49 -18.70 37.72
C SER B 676 2.74 -20.20 37.77
N LEU B 677 2.49 -20.88 36.63
CA LEU B 677 2.55 -22.33 36.59
C LEU B 677 3.90 -22.79 36.02
N PHE B 678 4.73 -21.85 35.59
CA PHE B 678 5.81 -22.15 34.66
C PHE B 678 6.73 -23.30 35.09
N PRO B 679 7.36 -23.28 36.30
CA PRO B 679 8.22 -24.38 36.72
C PRO B 679 7.53 -25.75 36.60
N PHE B 680 6.20 -25.75 36.79
CA PHE B 680 5.42 -26.96 36.59
C PHE B 680 5.35 -27.33 35.09
N LEU B 681 4.90 -26.37 34.27
CA LEU B 681 4.66 -26.59 32.85
C LEU B 681 5.93 -27.09 32.16
N THR B 682 7.10 -26.71 32.67
CA THR B 682 8.35 -27.00 31.99
C THR B 682 9.01 -28.23 32.58
N GLY B 683 8.37 -28.81 33.62
CA GLY B 683 8.76 -30.09 34.15
C GLY B 683 9.97 -30.01 35.07
N LEU B 684 10.06 -28.93 35.86
CA LEU B 684 11.21 -28.75 36.74
C LEU B 684 10.89 -29.22 38.17
N LEU B 685 9.63 -29.55 38.45
CA LEU B 685 9.27 -29.83 39.83
C LEU B 685 9.23 -31.34 40.02
N LYS B 686 9.80 -31.80 41.15
CA LYS B 686 9.73 -33.19 41.59
C LYS B 686 8.30 -33.57 42.00
N PRO B 687 7.87 -34.84 41.80
CA PRO B 687 6.51 -35.25 42.16
C PRO B 687 6.13 -35.15 43.63
N ASP B 688 7.11 -34.95 44.50
CA ASP B 688 6.81 -34.83 45.91
C ASP B 688 6.98 -33.38 46.37
N SER B 689 6.98 -32.42 45.43
CA SER B 689 7.16 -31.02 45.80
C SER B 689 5.89 -30.47 46.41
N PRO B 690 5.90 -29.93 47.64
CA PRO B 690 4.73 -29.27 48.21
C PRO B 690 4.27 -28.11 47.34
N LYS B 691 5.20 -27.57 46.55
CA LYS B 691 4.86 -26.47 45.67
C LYS B 691 4.01 -26.99 44.51
N LEU B 692 4.34 -28.21 44.08
CA LEU B 692 3.62 -28.82 42.99
C LEU B 692 2.16 -29.04 43.38
N GLY B 693 1.91 -29.44 44.63
CA GLY B 693 0.54 -29.65 45.10
C GLY B 693 -0.27 -28.35 45.18
N LYS B 694 0.42 -27.26 45.52
CA LYS B 694 -0.18 -25.94 45.59
C LYS B 694 -0.59 -25.48 44.19
N LEU B 695 0.25 -25.79 43.18
CA LEU B 695 0.00 -25.38 41.81
C LEU B 695 -1.13 -26.23 41.20
N LEU B 696 -1.15 -27.51 41.55
CA LEU B 696 -2.19 -28.43 41.14
C LEU B 696 -3.54 -27.92 41.65
N ALA B 697 -3.55 -27.34 42.85
CA ALA B 697 -4.83 -26.92 43.42
C ALA B 697 -5.35 -25.69 42.67
N LEU B 698 -4.41 -24.81 42.31
CA LEU B 698 -4.70 -23.63 41.49
C LEU B 698 -5.23 -24.06 40.12
N ILE B 699 -4.59 -25.07 39.53
CA ILE B 699 -4.89 -25.44 38.17
C ILE B 699 -6.34 -25.92 38.12
N GLY B 700 -6.74 -26.64 39.18
CA GLY B 700 -8.04 -27.28 39.22
C GLY B 700 -9.12 -26.38 39.79
N ASP B 701 -8.77 -25.12 40.08
CA ASP B 701 -9.65 -24.16 40.75
C ASP B 701 -10.55 -23.44 39.73
N GLU B 702 -11.86 -23.80 39.73
CA GLU B 702 -12.86 -23.31 38.77
C GLU B 702 -13.05 -21.80 38.91
N SER B 703 -12.76 -21.26 40.10
CA SER B 703 -12.90 -19.83 40.35
C SER B 703 -11.70 -19.07 39.80
N GLU B 704 -10.64 -19.79 39.43
CA GLU B 704 -9.37 -19.19 39.06
C GLU B 704 -9.06 -19.52 37.61
N LEU B 705 -8.56 -20.74 37.37
CA LEU B 705 -7.89 -21.09 36.13
C LEU B 705 -8.70 -22.09 35.31
N TRP B 706 -9.54 -22.88 35.99
CA TRP B 706 -10.22 -24.03 35.40
C TRP B 706 -11.57 -23.62 34.81
N SER B 707 -11.64 -23.65 33.47
CA SER B 707 -12.88 -23.42 32.74
C SER B 707 -13.36 -24.74 32.18
N PRO B 708 -14.62 -24.83 31.71
CA PRO B 708 -15.09 -26.04 31.02
C PRO B 708 -14.29 -26.34 29.75
N TYR B 709 -13.43 -25.41 29.32
CA TYR B 709 -12.86 -25.47 27.98
C TYR B 709 -11.33 -25.61 28.02
N GLY B 710 -10.76 -25.63 29.22
CA GLY B 710 -9.32 -25.69 29.40
C GLY B 710 -8.86 -24.63 30.36
N LEU B 711 -7.55 -24.55 30.62
CA LEU B 711 -6.99 -23.59 31.56
C LEU B 711 -6.98 -22.20 30.91
N ARG B 712 -7.62 -21.25 31.62
CA ARG B 712 -7.58 -19.83 31.28
C ARG B 712 -6.13 -19.36 31.38
N SER B 713 -5.77 -18.38 30.56
CA SER B 713 -4.39 -17.89 30.56
C SER B 713 -4.15 -17.01 31.79
N LEU B 714 -5.22 -16.32 32.21
CA LEU B 714 -5.20 -15.45 33.37
C LEU B 714 -6.44 -15.74 34.21
N SER B 715 -6.27 -15.70 35.55
CA SER B 715 -7.29 -16.01 36.53
C SER B 715 -8.47 -15.04 36.42
N LYS B 716 -9.69 -15.57 36.58
CA LYS B 716 -10.92 -14.78 36.67
C LYS B 716 -10.77 -13.71 37.76
N LYS B 717 -10.01 -14.06 38.82
CA LYS B 717 -9.84 -13.19 39.97
C LYS B 717 -8.72 -12.17 39.77
N ASP B 718 -7.95 -12.31 38.68
CA ASP B 718 -6.90 -11.30 38.49
C ASP B 718 -7.55 -10.00 38.05
N GLU B 719 -6.99 -8.89 38.51
CA GLU B 719 -7.56 -7.59 38.22
C GLU B 719 -7.44 -7.30 36.74
N PHE B 720 -6.57 -8.05 36.03
CA PHE B 720 -6.31 -7.77 34.62
C PHE B 720 -7.12 -8.67 33.71
N TYR B 721 -8.01 -9.47 34.31
CA TYR B 721 -8.79 -10.43 33.55
C TYR B 721 -9.67 -9.69 32.54
N GLY B 722 -9.57 -10.05 31.26
CA GLY B 722 -10.45 -9.56 30.22
C GLY B 722 -10.08 -8.18 29.67
N THR B 723 -9.00 -7.57 30.18
CA THR B 723 -8.68 -6.16 29.91
C THR B 723 -7.87 -5.98 28.61
N ALA B 724 -8.04 -4.81 27.98
CA ALA B 724 -7.26 -4.35 26.81
C ALA B 724 -7.43 -5.31 25.62
N GLU B 725 -6.30 -5.66 24.99
CA GLU B 725 -6.32 -6.58 23.86
C GLU B 725 -6.84 -7.95 24.31
N ASN B 726 -6.67 -8.28 25.60
CA ASN B 726 -7.22 -9.50 26.17
C ASN B 726 -6.71 -10.73 25.42
N TYR B 727 -5.41 -10.72 25.09
CA TYR B 727 -4.82 -11.71 24.20
C TYR B 727 -4.37 -12.92 25.05
N TRP B 728 -3.66 -12.64 26.14
CA TRP B 728 -3.20 -13.66 27.07
C TRP B 728 -3.73 -13.33 28.46
N ARG B 729 -4.85 -12.60 28.53
CA ARG B 729 -5.44 -12.15 29.77
C ARG B 729 -6.78 -12.83 30.03
N SER B 730 -7.00 -14.02 29.46
CA SER B 730 -8.11 -14.84 29.92
C SER B 730 -8.28 -16.07 29.05
N PRO B 731 -8.07 -15.97 27.71
CA PRO B 731 -8.46 -17.05 26.79
C PRO B 731 -7.64 -18.34 26.93
N VAL B 732 -8.16 -19.41 26.31
CA VAL B 732 -7.58 -20.73 26.37
C VAL B 732 -6.62 -20.93 25.20
N TRP B 733 -5.35 -21.20 25.50
CA TRP B 733 -4.33 -21.43 24.50
C TRP B 733 -3.87 -22.89 24.57
N ILE B 734 -3.76 -23.54 23.40
CA ILE B 734 -3.60 -24.99 23.29
C ILE B 734 -2.17 -25.40 23.65
N ASN B 735 -1.22 -24.70 23.05
CA ASN B 735 0.08 -24.30 23.56
C ASN B 735 0.36 -24.78 25.00
N ILE B 736 -0.03 -23.91 25.92
CA ILE B 736 0.28 -24.01 27.32
C ILE B 736 -0.55 -25.15 27.89
N ASN B 737 -1.76 -25.34 27.35
CA ASN B 737 -2.61 -26.41 27.82
C ASN B 737 -1.95 -27.76 27.55
N TYR B 738 -1.35 -27.91 26.35
CA TYR B 738 -0.59 -29.11 26.00
C TYR B 738 0.51 -29.39 27.04
N LEU B 739 1.26 -28.36 27.43
CA LEU B 739 2.34 -28.55 28.39
C LEU B 739 1.79 -29.08 29.71
N ALA B 740 0.64 -28.51 30.13
CA ALA B 740 0.00 -28.87 31.38
C ALA B 740 -0.43 -30.34 31.34
N ILE B 741 -1.07 -30.72 30.23
CA ILE B 741 -1.59 -32.05 30.06
C ILE B 741 -0.42 -33.05 30.21
N VAL B 742 0.67 -32.75 29.52
CA VAL B 742 1.83 -33.62 29.46
C VAL B 742 2.40 -33.76 30.88
N GLN B 743 2.47 -32.64 31.62
CA GLN B 743 3.10 -32.66 32.93
C GLN B 743 2.17 -33.33 33.96
N LEU B 744 0.86 -33.13 33.81
CA LEU B 744 -0.18 -33.81 34.60
C LEU B 744 0.02 -35.32 34.45
N TYR B 745 0.25 -35.75 33.20
CA TYR B 745 0.38 -37.16 32.86
C TYR B 745 1.61 -37.74 33.56
N ASN B 746 2.69 -36.95 33.56
CA ASN B 746 3.95 -37.34 34.17
C ASN B 746 3.75 -37.63 35.66
N ILE B 747 3.03 -36.75 36.37
CA ILE B 747 2.86 -36.92 37.80
C ILE B 747 1.94 -38.11 38.08
N ALA B 748 1.04 -38.42 37.14
CA ALA B 748 0.03 -39.43 37.38
C ALA B 748 0.58 -40.83 37.12
N THR B 749 1.83 -40.93 36.66
CA THR B 749 2.38 -42.22 36.28
C THR B 749 3.61 -42.54 37.12
N GLN B 750 3.72 -41.90 38.28
CA GLN B 750 4.73 -42.26 39.26
C GLN B 750 4.18 -42.08 40.68
N ASP B 751 4.85 -42.72 41.64
CA ASP B 751 4.49 -42.70 43.04
C ASP B 751 4.60 -41.27 43.59
N GLY B 752 3.57 -40.83 44.33
CA GLY B 752 3.65 -39.60 45.09
C GLY B 752 2.30 -39.15 45.66
N PRO B 753 2.30 -38.15 46.59
CA PRO B 753 1.07 -37.65 47.19
C PRO B 753 0.05 -37.13 46.20
N TYR B 754 0.53 -36.69 45.00
CA TYR B 754 -0.36 -35.97 44.07
C TYR B 754 -0.74 -36.82 42.86
N LYS B 755 -0.37 -38.12 42.90
CA LYS B 755 -0.55 -39.00 41.75
C LYS B 755 -2.02 -38.96 41.32
N GLU B 756 -2.91 -39.12 42.29
CA GLU B 756 -4.34 -39.22 42.06
C GLU B 756 -4.91 -37.87 41.64
N THR B 757 -4.39 -36.77 42.21
CA THR B 757 -4.83 -35.45 41.79
C THR B 757 -4.49 -35.20 40.33
N ALA B 758 -3.26 -35.57 39.95
CA ALA B 758 -2.78 -35.47 38.59
C ALA B 758 -3.59 -36.34 37.63
N ARG B 759 -3.90 -37.60 38.01
CA ARG B 759 -4.72 -38.48 37.17
C ARG B 759 -6.06 -37.80 36.82
N ASP B 760 -6.71 -37.23 37.84
CA ASP B 760 -8.03 -36.64 37.68
C ASP B 760 -7.95 -35.41 36.77
N LEU B 761 -7.00 -34.51 37.05
CA LEU B 761 -6.87 -33.31 36.24
C LEU B 761 -6.46 -33.68 34.80
N TYR B 762 -5.52 -34.64 34.68
CA TYR B 762 -5.10 -35.06 33.35
C TYR B 762 -6.31 -35.48 32.53
N THR B 763 -7.13 -36.39 33.07
CA THR B 763 -8.26 -36.95 32.33
C THR B 763 -9.22 -35.85 31.96
N ARG B 764 -9.47 -34.93 32.88
CA ARG B 764 -10.52 -33.95 32.65
C ARG B 764 -10.02 -32.87 31.68
N LEU B 765 -8.75 -32.45 31.84
CA LEU B 765 -8.23 -31.39 31.00
C LEU B 765 -8.09 -31.89 29.56
N ARG B 766 -7.64 -33.15 29.41
CA ARG B 766 -7.58 -33.76 28.09
C ARG B 766 -8.94 -33.67 27.42
N LYS B 767 -9.99 -34.21 28.07
CA LYS B 767 -11.35 -34.21 27.53
C LYS B 767 -11.80 -32.79 27.21
N ASN B 768 -11.57 -31.84 28.13
CA ASN B 768 -12.02 -30.48 27.89
C ASN B 768 -11.37 -29.88 26.64
N ILE B 769 -10.03 -30.03 26.51
CA ILE B 769 -9.28 -29.37 25.45
C ILE B 769 -9.67 -30.01 24.11
N VAL B 770 -9.62 -31.34 24.04
CA VAL B 770 -9.91 -32.01 22.79
C VAL B 770 -11.30 -31.64 22.30
N GLU B 771 -12.28 -31.62 23.21
CA GLU B 771 -13.66 -31.35 22.84
C GLU B 771 -13.78 -29.92 22.32
N THR B 772 -13.17 -28.99 23.05
CA THR B 772 -13.26 -27.60 22.68
C THR B 772 -12.81 -27.42 21.24
N VAL B 773 -11.62 -27.93 20.91
CA VAL B 773 -11.04 -27.78 19.58
C VAL B 773 -11.86 -28.58 18.56
N TYR B 774 -12.29 -29.80 18.95
CA TYR B 774 -13.11 -30.61 18.06
C TYR B 774 -14.39 -29.87 17.68
N ARG B 775 -15.16 -29.46 18.70
CA ARG B 775 -16.51 -28.94 18.50
C ARG B 775 -16.45 -27.73 17.57
N ASN B 776 -15.43 -26.88 17.72
CA ASN B 776 -15.28 -25.69 16.91
C ASN B 776 -14.91 -26.06 15.47
N TRP B 777 -14.15 -27.14 15.32
CA TRP B 777 -13.72 -27.60 14.01
C TRP B 777 -14.89 -28.19 13.25
N GLU B 778 -15.79 -28.88 13.97
CA GLU B 778 -16.99 -29.45 13.36
C GLU B 778 -17.91 -28.31 12.91
N GLU B 779 -17.99 -27.25 13.73
CA GLU B 779 -18.90 -26.14 13.49
C GLU B 779 -18.36 -25.18 12.44
N THR B 780 -17.05 -24.84 12.50
CA THR B 780 -16.50 -23.77 11.66
C THR B 780 -15.57 -24.29 10.56
N GLY B 781 -15.02 -25.49 10.70
CA GLY B 781 -14.00 -25.96 9.76
C GLY B 781 -12.59 -25.49 10.13
N PHE B 782 -12.47 -24.65 11.17
CA PHE B 782 -11.21 -24.00 11.51
C PHE B 782 -10.62 -24.53 12.83
N ALA B 783 -9.30 -24.70 12.84
CA ALA B 783 -8.49 -24.55 14.03
C ALA B 783 -8.38 -23.08 14.38
N TRP B 784 -8.46 -22.75 15.67
CA TRP B 784 -8.41 -21.35 16.07
C TRP B 784 -7.15 -21.07 16.90
N GLU B 785 -6.74 -19.79 16.90
CA GLU B 785 -5.58 -19.31 17.62
C GLU B 785 -5.80 -19.47 19.12
N GLN B 786 -7.05 -19.28 19.58
CA GLN B 786 -7.40 -19.40 20.98
C GLN B 786 -8.90 -19.59 21.13
N TYR B 787 -9.33 -19.83 22.38
CA TYR B 787 -10.68 -20.29 22.66
C TYR B 787 -11.24 -19.47 23.81
N ASN B 788 -12.51 -19.08 23.64
CA ASN B 788 -13.22 -18.33 24.65
C ASN B 788 -13.37 -19.18 25.91
N PRO B 789 -12.98 -18.65 27.10
CA PRO B 789 -13.12 -19.39 28.37
C PRO B 789 -14.55 -19.48 28.92
N GLU B 790 -15.44 -18.57 28.47
CA GLU B 790 -16.84 -18.54 28.89
C GLU B 790 -17.69 -19.45 28.02
N THR B 791 -17.50 -19.38 26.68
CA THR B 791 -18.44 -20.03 25.73
C THR B 791 -17.78 -21.21 25.03
N GLY B 792 -16.47 -21.10 24.78
CA GLY B 792 -15.71 -22.20 24.19
C GLY B 792 -15.37 -21.94 22.72
N LYS B 793 -15.89 -20.82 22.17
CA LYS B 793 -15.82 -20.52 20.75
C LYS B 793 -14.37 -20.20 20.34
N GLY B 794 -13.92 -20.74 19.21
CA GLY B 794 -12.70 -20.25 18.55
C GLY B 794 -12.75 -18.74 18.35
N GLN B 795 -11.68 -18.05 18.74
CA GLN B 795 -11.60 -16.60 18.51
C GLN B 795 -10.18 -16.22 18.11
N ARG B 796 -9.98 -14.94 17.81
CA ARG B 796 -8.80 -14.49 17.06
C ARG B 796 -8.76 -15.20 15.68
N THR B 797 -7.55 -15.48 15.18
CA THR B 797 -7.40 -15.88 13.78
C THR B 797 -7.75 -17.35 13.57
N GLN B 798 -8.29 -17.64 12.39
CA GLN B 798 -8.59 -19.00 11.96
C GLN B 798 -7.37 -19.54 11.23
N HIS B 799 -7.46 -20.81 10.82
CA HIS B 799 -6.38 -21.51 10.13
C HIS B 799 -5.12 -21.59 10.98
N PHE B 800 -5.26 -21.72 12.31
CA PHE B 800 -4.08 -21.66 13.17
C PHE B 800 -3.48 -23.05 13.36
N THR B 801 -2.68 -23.51 12.38
CA THR B 801 -2.09 -24.84 12.49
C THR B 801 -0.60 -24.76 12.17
N GLY B 802 0.18 -24.12 13.07
CA GLY B 802 -0.36 -23.60 14.31
C GLY B 802 -0.35 -24.68 15.39
N TRP B 803 0.07 -24.27 16.59
CA TRP B 803 0.23 -25.25 17.65
C TRP B 803 -1.11 -25.81 18.10
N THR B 804 -2.24 -25.26 17.60
CA THR B 804 -3.53 -25.85 17.94
C THR B 804 -3.57 -27.31 17.52
N SER B 805 -2.81 -27.65 16.47
CA SER B 805 -2.78 -29.02 15.97
C SER B 805 -2.14 -29.97 16.98
N LEU B 806 -1.62 -29.44 18.09
CA LEU B 806 -1.08 -30.23 19.19
C LEU B 806 -2.18 -31.20 19.67
N VAL B 807 -3.43 -30.81 19.47
CA VAL B 807 -4.56 -31.66 19.82
C VAL B 807 -4.38 -33.09 19.31
N VAL B 808 -3.70 -33.30 18.17
CA VAL B 808 -3.56 -34.66 17.67
C VAL B 808 -2.76 -35.51 18.65
N LYS B 809 -1.78 -34.93 19.34
CA LYS B 809 -0.99 -35.72 20.26
C LYS B 809 -1.78 -35.88 21.55
N ILE B 810 -2.60 -34.87 21.89
CA ILE B 810 -3.37 -34.98 23.12
C ILE B 810 -4.27 -36.21 23.04
N MET B 811 -4.77 -36.52 21.83
CA MET B 811 -5.67 -37.64 21.60
C MET B 811 -4.93 -38.98 21.63
N SER B 812 -3.62 -38.98 21.34
CA SER B 812 -2.86 -40.21 21.12
C SER B 812 -2.27 -40.83 22.39
N GLY B 813 -2.08 -40.03 23.45
CA GLY B 813 -1.43 -40.47 24.69
C GLY B 813 0.09 -40.26 24.67
N HIS B 814 0.73 -40.26 25.86
CA HIS B 814 2.12 -39.80 25.97
C HIS B 814 3.09 -40.96 26.25
#